data_5W32
# 
_entry.id   5W32 
# 
_audit_conform.dict_name       mmcif_pdbx.dic 
_audit_conform.dict_version    5.379 
_audit_conform.dict_location   http://mmcif.pdb.org/dictionaries/ascii/mmcif_pdbx.dic 
# 
loop_
_database_2.database_id 
_database_2.database_code 
_database_2.pdbx_database_accession 
_database_2.pdbx_DOI 
PDB   5W32         pdb_00005w32 10.2210/pdb5w32/pdb 
WWPDB D_1000228347 ?            ?                   
# 
loop_
_pdbx_database_related.db_name 
_pdbx_database_related.details 
_pdbx_database_related.db_id 
_pdbx_database_related.content_type 
PDB 'CJ without thiol' 5W17 unspecified 
PDB CJ-N48C            5W2X unspecified 
# 
_pdbx_database_status.status_code                     REL 
_pdbx_database_status.status_code_sf                  REL 
_pdbx_database_status.status_code_mr                  ? 
_pdbx_database_status.entry_id                        5W32 
_pdbx_database_status.recvd_initial_deposition_date   2017-06-07 
_pdbx_database_status.SG_entry                        N 
_pdbx_database_status.deposit_site                    RCSB 
_pdbx_database_status.process_site                    RCSB 
_pdbx_database_status.status_code_cs                  ? 
_pdbx_database_status.methods_development_category    ? 
_pdbx_database_status.pdb_format_compatible           Y 
_pdbx_database_status.status_code_nmr_data            ? 
# 
loop_
_audit_author.name 
_audit_author.pdbx_ordinal 
_audit_author.identifier_ORCID 
'Huber, T.R.' 1 ? 
'Snow, C.D.'  2 ? 
# 
_citation.abstract                  ? 
_citation.abstract_id_CAS           ? 
_citation.book_id_ISBN              ? 
_citation.book_publisher            ? 
_citation.book_publisher_city       ? 
_citation.book_title                ? 
_citation.coordinate_linkage        ? 
_citation.country                   US 
_citation.database_id_Medline       ? 
_citation.details                   ? 
_citation.id                        primary 
_citation.journal_abbrev            'Bioconjug. Chem.' 
_citation.journal_id_ASTM           BCCHES 
_citation.journal_id_CSD            2063 
_citation.journal_id_ISSN           1520-4812 
_citation.journal_full              ? 
_citation.journal_issue             ? 
_citation.journal_volume            29 
_citation.language                  ? 
_citation.page_first                17 
_citation.page_last                 22 
_citation.title                     'Installing Guest Molecules at Specific Sites within Scaffold Protein Crystals.' 
_citation.year                      2018 
_citation.database_id_CSD           ? 
_citation.pdbx_database_id_DOI      10.1021/acs.bioconjchem.7b00668 
_citation.pdbx_database_id_PubMed   29232505 
_citation.unpublished_flag          ? 
# 
loop_
_citation_author.citation_id 
_citation_author.name 
_citation_author.ordinal 
_citation_author.identifier_ORCID 
primary 'Huber, T.R.'     1 ? 
primary 'McPherson, E.C.' 2 ? 
primary 'Keating, C.E.'   3 ? 
primary 'Snow, C.D.'      4 ? 
# 
_cell.angle_alpha                  90.000 
_cell.angle_alpha_esd              ? 
_cell.angle_beta                   90.000 
_cell.angle_beta_esd               ? 
_cell.angle_gamma                  120.000 
_cell.angle_gamma_esd              ? 
_cell.entry_id                     5W32 
_cell.details                      ? 
_cell.formula_units_Z              ? 
_cell.length_a                     178.621 
_cell.length_a_esd                 ? 
_cell.length_b                     178.621 
_cell.length_b_esd                 ? 
_cell.length_c                     50.807 
_cell.length_c_esd                 ? 
_cell.volume                       ? 
_cell.volume_esd                   ? 
_cell.Z_PDB                        12 
_cell.reciprocal_angle_alpha       ? 
_cell.reciprocal_angle_beta        ? 
_cell.reciprocal_angle_gamma       ? 
_cell.reciprocal_angle_alpha_esd   ? 
_cell.reciprocal_angle_beta_esd    ? 
_cell.reciprocal_angle_gamma_esd   ? 
_cell.reciprocal_length_a          ? 
_cell.reciprocal_length_b          ? 
_cell.reciprocal_length_c          ? 
_cell.reciprocal_length_a_esd      ? 
_cell.reciprocal_length_b_esd      ? 
_cell.reciprocal_length_c_esd      ? 
_cell.pdbx_unique_axis             ? 
# 
_symmetry.entry_id                         5W32 
_symmetry.cell_setting                     ? 
_symmetry.Int_Tables_number                177 
_symmetry.space_group_name_Hall            ? 
_symmetry.space_group_name_H-M             'P 6 2 2' 
_symmetry.pdbx_full_space_group_name_H-M   ? 
# 
loop_
_entity.id 
_entity.type 
_entity.src_method 
_entity.pdbx_description 
_entity.formula_weight 
_entity.pdbx_number_of_molecules 
_entity.pdbx_ec 
_entity.pdbx_mutation 
_entity.pdbx_fragment 
_entity.details 
1 polymer     man 'Putative periplasmic protein' 20188.832 1  ? N48C ? ? 
2 non-polymer syn 'UNKNOWN LIGAND'               282.547   1  ? ?    ? ? 
3 non-polymer syn 'SULFATE ION'                  96.063    2  ? ?    ? ? 
4 non-polymer syn SELENOCYSTEINE                 168.053   1  ? ?    ? ? 
5 water       nat water                          18.015    16 ? ?    ? ? 
# 
_entity_poly.entity_id                      1 
_entity_poly.type                           'polypeptide(L)' 
_entity_poly.nstd_linkage                   no 
_entity_poly.nstd_monomer                   no 
_entity_poly.pdbx_seq_one_letter_code       
;MKEYTLDKAHTDVGFKIKHLQISNVKGCFKDYSAVIDFDPASAEFKKLDVTIKIASVNTENQTRDNHLQQDDFFKAKKYP
DMTFTMKKYEKIDNEKGKMTGTLTIAGVSKDIVLDAEIGGVAKGKDGKEKIGFSLNGKIKRSDFKFATSTSTITLSDDIN
LNIEVEANEKEGGSHHHHHH
;
_entity_poly.pdbx_seq_one_letter_code_can   
;MKEYTLDKAHTDVGFKIKHLQISNVKGCFKDYSAVIDFDPASAEFKKLDVTIKIASVNTENQTRDNHLQQDDFFKAKKYP
DMTFTMKKYEKIDNEKGKMTGTLTIAGVSKDIVLDAEIGGVAKGKDGKEKIGFSLNGKIKRSDFKFATSTSTITLSDDIN
LNIEVEANEKEGGSHHHHHH
;
_entity_poly.pdbx_strand_id                 A 
_entity_poly.pdbx_target_identifier         ? 
# 
loop_
_entity_poly_seq.entity_id 
_entity_poly_seq.num 
_entity_poly_seq.mon_id 
_entity_poly_seq.hetero 
1 1   MET n 
1 2   LYS n 
1 3   GLU n 
1 4   TYR n 
1 5   THR n 
1 6   LEU n 
1 7   ASP n 
1 8   LYS n 
1 9   ALA n 
1 10  HIS n 
1 11  THR n 
1 12  ASP n 
1 13  VAL n 
1 14  GLY n 
1 15  PHE n 
1 16  LYS n 
1 17  ILE n 
1 18  LYS n 
1 19  HIS n 
1 20  LEU n 
1 21  GLN n 
1 22  ILE n 
1 23  SER n 
1 24  ASN n 
1 25  VAL n 
1 26  LYS n 
1 27  GLY n 
1 28  CYS n 
1 29  PHE n 
1 30  LYS n 
1 31  ASP n 
1 32  TYR n 
1 33  SER n 
1 34  ALA n 
1 35  VAL n 
1 36  ILE n 
1 37  ASP n 
1 38  PHE n 
1 39  ASP n 
1 40  PRO n 
1 41  ALA n 
1 42  SER n 
1 43  ALA n 
1 44  GLU n 
1 45  PHE n 
1 46  LYS n 
1 47  LYS n 
1 48  LEU n 
1 49  ASP n 
1 50  VAL n 
1 51  THR n 
1 52  ILE n 
1 53  LYS n 
1 54  ILE n 
1 55  ALA n 
1 56  SER n 
1 57  VAL n 
1 58  ASN n 
1 59  THR n 
1 60  GLU n 
1 61  ASN n 
1 62  GLN n 
1 63  THR n 
1 64  ARG n 
1 65  ASP n 
1 66  ASN n 
1 67  HIS n 
1 68  LEU n 
1 69  GLN n 
1 70  GLN n 
1 71  ASP n 
1 72  ASP n 
1 73  PHE n 
1 74  PHE n 
1 75  LYS n 
1 76  ALA n 
1 77  LYS n 
1 78  LYS n 
1 79  TYR n 
1 80  PRO n 
1 81  ASP n 
1 82  MET n 
1 83  THR n 
1 84  PHE n 
1 85  THR n 
1 86  MET n 
1 87  LYS n 
1 88  LYS n 
1 89  TYR n 
1 90  GLU n 
1 91  LYS n 
1 92  ILE n 
1 93  ASP n 
1 94  ASN n 
1 95  GLU n 
1 96  LYS n 
1 97  GLY n 
1 98  LYS n 
1 99  MET n 
1 100 THR n 
1 101 GLY n 
1 102 THR n 
1 103 LEU n 
1 104 THR n 
1 105 ILE n 
1 106 ALA n 
1 107 GLY n 
1 108 VAL n 
1 109 SER n 
1 110 LYS n 
1 111 ASP n 
1 112 ILE n 
1 113 VAL n 
1 114 LEU n 
1 115 ASP n 
1 116 ALA n 
1 117 GLU n 
1 118 ILE n 
1 119 GLY n 
1 120 GLY n 
1 121 VAL n 
1 122 ALA n 
1 123 LYS n 
1 124 GLY n 
1 125 LYS n 
1 126 ASP n 
1 127 GLY n 
1 128 LYS n 
1 129 GLU n 
1 130 LYS n 
1 131 ILE n 
1 132 GLY n 
1 133 PHE n 
1 134 SER n 
1 135 LEU n 
1 136 ASN n 
1 137 GLY n 
1 138 LYS n 
1 139 ILE n 
1 140 LYS n 
1 141 ARG n 
1 142 SER n 
1 143 ASP n 
1 144 PHE n 
1 145 LYS n 
1 146 PHE n 
1 147 ALA n 
1 148 THR n 
1 149 SER n 
1 150 THR n 
1 151 SER n 
1 152 THR n 
1 153 ILE n 
1 154 THR n 
1 155 LEU n 
1 156 SER n 
1 157 ASP n 
1 158 ASP n 
1 159 ILE n 
1 160 ASN n 
1 161 LEU n 
1 162 ASN n 
1 163 ILE n 
1 164 GLU n 
1 165 VAL n 
1 166 GLU n 
1 167 ALA n 
1 168 ASN n 
1 169 GLU n 
1 170 LYS n 
1 171 GLU n 
1 172 GLY n 
1 173 GLY n 
1 174 SER n 
1 175 HIS n 
1 176 HIS n 
1 177 HIS n 
1 178 HIS n 
1 179 HIS n 
1 180 HIS n 
# 
_entity_src_gen.entity_id                          1 
_entity_src_gen.pdbx_src_id                        1 
_entity_src_gen.pdbx_alt_source_flag               sample 
_entity_src_gen.pdbx_seq_type                      'Biological sequence' 
_entity_src_gen.pdbx_beg_seq_num                   1 
_entity_src_gen.pdbx_end_seq_num                   180 
_entity_src_gen.gene_src_common_name               ? 
_entity_src_gen.gene_src_genus                     ? 
_entity_src_gen.pdbx_gene_src_gene                 Cj0420 
_entity_src_gen.gene_src_species                   ? 
_entity_src_gen.gene_src_strain                    'ATCC 700819 / NCTC 11168' 
_entity_src_gen.gene_src_tissue                    ? 
_entity_src_gen.gene_src_tissue_fraction           ? 
_entity_src_gen.gene_src_details                   ? 
_entity_src_gen.pdbx_gene_src_fragment             ? 
_entity_src_gen.pdbx_gene_src_scientific_name      
'Campylobacter jejuni subsp. jejuni serotype O:2 (strain ATCC 700819 / NCTC 11168)' 
_entity_src_gen.pdbx_gene_src_ncbi_taxonomy_id     192222 
_entity_src_gen.pdbx_gene_src_variant              ? 
_entity_src_gen.pdbx_gene_src_cell_line            ? 
_entity_src_gen.pdbx_gene_src_atcc                 ? 
_entity_src_gen.pdbx_gene_src_organ                ? 
_entity_src_gen.pdbx_gene_src_organelle            ? 
_entity_src_gen.pdbx_gene_src_cell                 ? 
_entity_src_gen.pdbx_gene_src_cellular_location    ? 
_entity_src_gen.host_org_common_name               ? 
_entity_src_gen.pdbx_host_org_scientific_name      'Escherichia coli' 
_entity_src_gen.pdbx_host_org_ncbi_taxonomy_id     562 
_entity_src_gen.host_org_genus                     ? 
_entity_src_gen.pdbx_host_org_gene                 ? 
_entity_src_gen.pdbx_host_org_organ                ? 
_entity_src_gen.host_org_species                   ? 
_entity_src_gen.pdbx_host_org_tissue               ? 
_entity_src_gen.pdbx_host_org_tissue_fraction      ? 
_entity_src_gen.pdbx_host_org_strain               'C41(DE3)' 
_entity_src_gen.pdbx_host_org_variant              ? 
_entity_src_gen.pdbx_host_org_cell_line            ? 
_entity_src_gen.pdbx_host_org_atcc                 ? 
_entity_src_gen.pdbx_host_org_culture_collection   ? 
_entity_src_gen.pdbx_host_org_cell                 ? 
_entity_src_gen.pdbx_host_org_organelle            ? 
_entity_src_gen.pdbx_host_org_cellular_location    ? 
_entity_src_gen.pdbx_host_org_vector_type          plasmid 
_entity_src_gen.pdbx_host_org_vector               ? 
_entity_src_gen.host_org_details                   ? 
_entity_src_gen.expression_system_id               ? 
_entity_src_gen.plasmid_name                       pSB3 
_entity_src_gen.plasmid_details                    ? 
_entity_src_gen.pdbx_description                   ? 
# 
_struct_ref.id                         1 
_struct_ref.db_name                    UNP 
_struct_ref.db_code                    Q0PB90_CAMJE 
_struct_ref.pdbx_db_accession          Q0PB90 
_struct_ref.pdbx_db_isoform            ? 
_struct_ref.entity_id                  1 
_struct_ref.pdbx_seq_one_letter_code   
;KEYTLDKAHTDVGFKIKHLQISNVKGNFKDYSAVIDFDPASAEFKKLDVTIKIASVNTENQTRDNHLQQDDFFKAKKYPD
MTFTMKKYEKIDNEKGKMTGTLTIAGVSKDIVLDAEIGGVAKGKDGKEKIGFSLNGKIKRSDFKFATSTSTITLSDDINL
NIEVEANEK
;
_struct_ref.pdbx_align_begin           22 
# 
_struct_ref_seq.align_id                      1 
_struct_ref_seq.ref_id                        1 
_struct_ref_seq.pdbx_PDB_id_code              5W32 
_struct_ref_seq.pdbx_strand_id                A 
_struct_ref_seq.seq_align_beg                 2 
_struct_ref_seq.pdbx_seq_align_beg_ins_code   ? 
_struct_ref_seq.seq_align_end                 170 
_struct_ref_seq.pdbx_seq_align_end_ins_code   ? 
_struct_ref_seq.pdbx_db_accession             Q0PB90 
_struct_ref_seq.db_align_beg                  22 
_struct_ref_seq.pdbx_db_align_beg_ins_code    ? 
_struct_ref_seq.db_align_end                  190 
_struct_ref_seq.pdbx_db_align_end_ins_code    ? 
_struct_ref_seq.pdbx_auth_seq_align_beg       22 
_struct_ref_seq.pdbx_auth_seq_align_end       190 
# 
loop_
_struct_ref_seq_dif.align_id 
_struct_ref_seq_dif.pdbx_pdb_id_code 
_struct_ref_seq_dif.mon_id 
_struct_ref_seq_dif.pdbx_pdb_strand_id 
_struct_ref_seq_dif.seq_num 
_struct_ref_seq_dif.pdbx_pdb_ins_code 
_struct_ref_seq_dif.pdbx_seq_db_name 
_struct_ref_seq_dif.pdbx_seq_db_accession_code 
_struct_ref_seq_dif.db_mon_id 
_struct_ref_seq_dif.pdbx_seq_db_seq_num 
_struct_ref_seq_dif.details 
_struct_ref_seq_dif.pdbx_auth_seq_num 
_struct_ref_seq_dif.pdbx_ordinal 
1 5W32 MET A 1   ? UNP Q0PB90 ?   ?  'expression tag'      21  1  
1 5W32 CYS A 28  ? UNP Q0PB90 ASN 48 'engineered mutation' 48  2  
1 5W32 GLU A 171 ? UNP Q0PB90 ?   ?  'expression tag'      191 3  
1 5W32 GLY A 172 ? UNP Q0PB90 ?   ?  'expression tag'      192 4  
1 5W32 GLY A 173 ? UNP Q0PB90 ?   ?  'expression tag'      193 5  
1 5W32 SER A 174 ? UNP Q0PB90 ?   ?  'expression tag'      194 6  
1 5W32 HIS A 175 ? UNP Q0PB90 ?   ?  'expression tag'      195 7  
1 5W32 HIS A 176 ? UNP Q0PB90 ?   ?  'expression tag'      196 8  
1 5W32 HIS A 177 ? UNP Q0PB90 ?   ?  'expression tag'      197 9  
1 5W32 HIS A 178 ? UNP Q0PB90 ?   ?  'expression tag'      198 10 
1 5W32 HIS A 179 ? UNP Q0PB90 ?   ?  'expression tag'      199 11 
1 5W32 HIS A 180 ? UNP Q0PB90 ?   ?  'expression tag'      200 12 
# 
loop_
_chem_comp.id 
_chem_comp.type 
_chem_comp.mon_nstd_flag 
_chem_comp.name 
_chem_comp.pdbx_synonyms 
_chem_comp.formula 
_chem_comp.formula_weight 
ALA 'L-peptide linking' y ALANINE          ? 'C3 H7 N O2'     89.093  
ARG 'L-peptide linking' y ARGININE         ? 'C6 H15 N4 O2 1' 175.209 
ASN 'L-peptide linking' y ASPARAGINE       ? 'C4 H8 N2 O3'    132.118 
ASP 'L-peptide linking' y 'ASPARTIC ACID'  ? 'C4 H7 N O4'     133.103 
CYS 'L-peptide linking' y CYSTEINE         ? 'C3 H7 N O2 S'   121.158 
GLN 'L-peptide linking' y GLUTAMINE        ? 'C5 H10 N2 O3'   146.144 
GLU 'L-peptide linking' y 'GLUTAMIC ACID'  ? 'C5 H9 N O4'     147.129 
GLY 'peptide linking'   y GLYCINE          ? 'C2 H5 N O2'     75.067  
HIS 'L-peptide linking' y HISTIDINE        ? 'C6 H10 N3 O2 1' 156.162 
HOH non-polymer         . WATER            ? 'H2 O'           18.015  
ILE 'L-peptide linking' y ISOLEUCINE       ? 'C6 H13 N O2'    131.173 
LEU 'L-peptide linking' y LEUCINE          ? 'C6 H13 N O2'    131.173 
LYS 'L-peptide linking' y LYSINE           ? 'C6 H15 N2 O2 1' 147.195 
MET 'L-peptide linking' y METHIONINE       ? 'C5 H11 N O2 S'  149.211 
PHE 'L-peptide linking' y PHENYLALANINE    ? 'C9 H11 N O2'    165.189 
PRO 'L-peptide linking' y PROLINE          ? 'C5 H9 N O2'     115.130 
SEC 'L-peptide linking' y SELENOCYSTEINE   ? 'C3 H7 N O2 Se'  168.053 
SER 'L-peptide linking' y SERINE           ? 'C3 H7 N O3'     105.093 
SO4 non-polymer         . 'SULFATE ION'    ? 'O4 S -2'        96.063  
THR 'L-peptide linking' y THREONINE        ? 'C4 H9 N O3'     119.119 
TYR 'L-peptide linking' y TYROSINE         ? 'C9 H11 N O3'    181.189 
UNL non-polymer         . 'UNKNOWN LIGAND' ? ?                ?       
VAL 'L-peptide linking' y VALINE           ? 'C5 H11 N O2'    117.146 
# 
_exptl.absorpt_coefficient_mu     ? 
_exptl.absorpt_correction_T_max   ? 
_exptl.absorpt_correction_T_min   ? 
_exptl.absorpt_correction_type    ? 
_exptl.absorpt_process_details    ? 
_exptl.entry_id                   5W32 
_exptl.crystals_number            1 
_exptl.details                    ? 
_exptl.method                     'X-RAY DIFFRACTION' 
_exptl.method_details             ? 
# 
_exptl_crystal.colour                      ? 
_exptl_crystal.density_diffrn              ? 
_exptl_crystal.density_Matthews            ? 
_exptl_crystal.density_method              ? 
_exptl_crystal.density_percent_sol         ? 
_exptl_crystal.description                 ? 
_exptl_crystal.F_000                       ? 
_exptl_crystal.id                          1 
_exptl_crystal.preparation                 ? 
_exptl_crystal.size_max                    ? 
_exptl_crystal.size_mid                    ? 
_exptl_crystal.size_min                    ? 
_exptl_crystal.size_rad                    ? 
_exptl_crystal.colour_lustre               ? 
_exptl_crystal.colour_modifier             ? 
_exptl_crystal.colour_primary              ? 
_exptl_crystal.density_meas                ? 
_exptl_crystal.density_meas_esd            ? 
_exptl_crystal.density_meas_gt             ? 
_exptl_crystal.density_meas_lt             ? 
_exptl_crystal.density_meas_temp           ? 
_exptl_crystal.density_meas_temp_esd       ? 
_exptl_crystal.density_meas_temp_gt        ? 
_exptl_crystal.density_meas_temp_lt        ? 
_exptl_crystal.pdbx_crystal_image_url      ? 
_exptl_crystal.pdbx_crystal_image_format   ? 
_exptl_crystal.pdbx_mosaicity              0.090 
_exptl_crystal.pdbx_mosaicity_esd          ? 
# 
_exptl_crystal_grow.apparatus       ? 
_exptl_crystal_grow.atmosphere      ? 
_exptl_crystal_grow.crystal_id      1 
_exptl_crystal_grow.details         ? 
_exptl_crystal_grow.method          'VAPOR DIFFUSION, SITTING DROP' 
_exptl_crystal_grow.method_ref      ? 
_exptl_crystal_grow.pH              6.0 
_exptl_crystal_grow.pressure        ? 
_exptl_crystal_grow.pressure_esd    ? 
_exptl_crystal_grow.seeding         ? 
_exptl_crystal_grow.seeding_ref     ? 
_exptl_crystal_grow.temp            293 
_exptl_crystal_grow.temp_details    ? 
_exptl_crystal_grow.temp_esd        ? 
_exptl_crystal_grow.time            ? 
_exptl_crystal_grow.pdbx_details    '3.2 M Ammonium Sulfate, 0.1 M Bis-Tris' 
_exptl_crystal_grow.pdbx_pH_range   ? 
# 
_diffrn.ambient_environment    ? 
_diffrn.ambient_temp           100 
_diffrn.ambient_temp_details   ? 
_diffrn.ambient_temp_esd       ? 
_diffrn.crystal_id             1 
_diffrn.crystal_support        ? 
_diffrn.crystal_treatment      ? 
_diffrn.details                ? 
_diffrn.id                     1 
_diffrn.ambient_pressure       ? 
_diffrn.ambient_pressure_esd   ? 
_diffrn.ambient_pressure_gt    ? 
_diffrn.ambient_pressure_lt    ? 
_diffrn.ambient_temp_gt        ? 
_diffrn.ambient_temp_lt        ? 
# 
_diffrn_detector.details                      ? 
_diffrn_detector.detector                     CMOS 
_diffrn_detector.diffrn_id                    1 
_diffrn_detector.type                         'RDI CMOS_8M' 
_diffrn_detector.area_resol_mean              ? 
_diffrn_detector.dtime                        ? 
_diffrn_detector.pdbx_frames_total            ? 
_diffrn_detector.pdbx_collection_time_total   ? 
_diffrn_detector.pdbx_collection_date         2017-04-04 
# 
_diffrn_radiation.collimation                      ? 
_diffrn_radiation.diffrn_id                        1 
_diffrn_radiation.filter_edge                      ? 
_diffrn_radiation.inhomogeneity                    ? 
_diffrn_radiation.monochromator                    'Si (111) double crystal' 
_diffrn_radiation.polarisn_norm                    ? 
_diffrn_radiation.polarisn_ratio                   ? 
_diffrn_radiation.probe                            ? 
_diffrn_radiation.type                             ? 
_diffrn_radiation.xray_symbol                      ? 
_diffrn_radiation.wavelength_id                    1 
_diffrn_radiation.pdbx_monochromatic_or_laue_m_l   M 
_diffrn_radiation.pdbx_wavelength_list             ? 
_diffrn_radiation.pdbx_wavelength                  ? 
_diffrn_radiation.pdbx_diffrn_protocol             'SINGLE WAVELENGTH' 
_diffrn_radiation.pdbx_analyzer                    ? 
_diffrn_radiation.pdbx_scattering_type             x-ray 
# 
_diffrn_radiation_wavelength.id           1 
_diffrn_radiation_wavelength.wavelength   1.0 
_diffrn_radiation_wavelength.wt           1.0 
# 
_diffrn_source.current                     ? 
_diffrn_source.details                     ? 
_diffrn_source.diffrn_id                   1 
_diffrn_source.power                       ? 
_diffrn_source.size                        ? 
_diffrn_source.source                      SYNCHROTRON 
_diffrn_source.target                      ? 
_diffrn_source.type                        'ALS BEAMLINE 4.2.2' 
_diffrn_source.voltage                     ? 
_diffrn_source.take-off_angle              ? 
_diffrn_source.pdbx_wavelength_list        1.0 
_diffrn_source.pdbx_wavelength             ? 
_diffrn_source.pdbx_synchrotron_beamline   4.2.2 
_diffrn_source.pdbx_synchrotron_site       ALS 
# 
_reflns.B_iso_Wilson_estimate            ? 
_reflns.entry_id                         5W32 
_reflns.data_reduction_details           ? 
_reflns.data_reduction_method            ? 
_reflns.d_resolution_high                2.6000 
_reflns.d_resolution_low                 38.7000 
_reflns.details                          ? 
_reflns.limit_h_max                      ? 
_reflns.limit_h_min                      ? 
_reflns.limit_k_max                      ? 
_reflns.limit_k_min                      ? 
_reflns.limit_l_max                      ? 
_reflns.limit_l_min                      ? 
_reflns.number_all                       ? 
_reflns.number_obs                       14539 
_reflns.observed_criterion               ? 
_reflns.observed_criterion_F_max         ? 
_reflns.observed_criterion_F_min         ? 
_reflns.observed_criterion_I_max         ? 
_reflns.observed_criterion_I_min         ? 
_reflns.observed_criterion_sigma_F       ? 
_reflns.observed_criterion_sigma_I       ? 
_reflns.percent_possible_obs             98.800 
_reflns.R_free_details                   ? 
_reflns.Rmerge_F_all                     ? 
_reflns.Rmerge_F_obs                     ? 
_reflns.Friedel_coverage                 ? 
_reflns.number_gt                        ? 
_reflns.threshold_expression             ? 
_reflns.pdbx_redundancy                  19.800 
_reflns.pdbx_Rmerge_I_obs                ? 
_reflns.pdbx_Rmerge_I_all                ? 
_reflns.pdbx_Rsym_value                  0.096 
_reflns.pdbx_netI_over_av_sigmaI         6.400 
_reflns.pdbx_netI_over_sigmaI            25.500 
_reflns.pdbx_res_netI_over_av_sigmaI_2   ? 
_reflns.pdbx_res_netI_over_sigmaI_2      ? 
_reflns.pdbx_chi_squared                 ? 
_reflns.pdbx_scaling_rejects             ? 
_reflns.pdbx_d_res_high_opt              ? 
_reflns.pdbx_d_res_low_opt               ? 
_reflns.pdbx_d_res_opt_method            ? 
_reflns.phase_calculation_details        ? 
_reflns.pdbx_Rrim_I_all                  0.099 
_reflns.pdbx_Rpim_I_all                  0.022 
_reflns.pdbx_d_opt                       ? 
_reflns.pdbx_number_measured_all         ? 
_reflns.pdbx_diffrn_id                   1 
_reflns.pdbx_ordinal                     1 
_reflns.pdbx_CC_half                     ? 
_reflns.pdbx_R_split                     ? 
# 
loop_
_reflns_shell.d_res_high 
_reflns_shell.d_res_low 
_reflns_shell.meanI_over_sigI_all 
_reflns_shell.meanI_over_sigI_obs 
_reflns_shell.number_measured_all 
_reflns_shell.number_measured_obs 
_reflns_shell.number_possible 
_reflns_shell.number_unique_all 
_reflns_shell.number_unique_obs 
_reflns_shell.percent_possible_all 
_reflns_shell.percent_possible_obs 
_reflns_shell.Rmerge_F_all 
_reflns_shell.Rmerge_F_obs 
_reflns_shell.Rmerge_I_all 
_reflns_shell.Rmerge_I_obs 
_reflns_shell.meanI_over_sigI_gt 
_reflns_shell.meanI_over_uI_all 
_reflns_shell.meanI_over_uI_gt 
_reflns_shell.number_measured_gt 
_reflns_shell.number_unique_gt 
_reflns_shell.percent_possible_gt 
_reflns_shell.Rmerge_F_gt 
_reflns_shell.Rmerge_I_gt 
_reflns_shell.pdbx_redundancy 
_reflns_shell.pdbx_Rsym_value 
_reflns_shell.pdbx_chi_squared 
_reflns_shell.pdbx_netI_over_sigmaI_all 
_reflns_shell.pdbx_netI_over_sigmaI_obs 
_reflns_shell.pdbx_Rrim_I_all 
_reflns_shell.pdbx_Rpim_I_all 
_reflns_shell.pdbx_rejects 
_reflns_shell.pdbx_ordinal 
_reflns_shell.pdbx_diffrn_id 
_reflns_shell.pdbx_CC_half 
_reflns_shell.pdbx_R_split 
2.630 2.770  ? 0.400  ? ? ? ? ? 92.500  ? ? ? ? 1.614 ? ? ? ? ? ? ? ? 12.300 1.614 ? ? ? 1.683 0.464 ? 1  1 ? ? 
2.770 2.940  ? 0.900  ? ? ? ? ? 99.900  ? ? ? ? 0.811 ? ? ? ? ? ? ? ? 20.200 0.811 ? ? ? 0.832 0.184 ? 2  1 ? ? 
2.940 3.140  ? 1.800  ? ? ? ? ? 100.000 ? ? ? ? 0.413 ? ? ? ? ? ? ? ? 21.700 0.413 ? ? ? 0.422 0.090 ? 3  1 ? ? 
3.140 3.400  ? 2.900  ? ? ? ? ? 100.000 ? ? ? ? 0.241 ? ? ? ? ? ? ? ? 21.300 0.241 ? ? ? 0.247 0.054 ? 4  1 ? ? 
3.400 3.720  ? 5.300  ? ? ? ? ? 100.000 ? ? ? ? 0.129 ? ? ? ? ? ? ? ? 21.500 0.129 ? ? ? 0.132 0.028 ? 5  1 ? ? 
3.720 4.160  ? 8.700  ? ? ? ? ? 100.000 ? ? ? ? 0.076 ? ? ? ? ? ? ? ? 21.300 0.076 ? ? ? 0.078 0.017 ? 6  1 ? ? 
4.160 4.800  ? 12.100 ? ? ? ? ? 100.000 ? ? ? ? 0.052 ? ? ? ? ? ? ? ? 21.200 0.052 ? ? ? 0.053 0.011 ? 7  1 ? ? 
4.800 5.880  ? 12.300 ? ? ? ? ? 100.000 ? ? ? ? 0.049 ? ? ? ? ? ? ? ? 20.900 0.049 ? ? ? 0.050 0.011 ? 8  1 ? ? 
5.880 8.320  ? 12.100 ? ? ? ? ? 100.000 ? ? ? ? 0.046 ? ? ? ? ? ? ? ? 20.300 0.046 ? ? ? 0.048 0.010 ? 9  1 ? ? 
8.320 38.673 ? 14.000 ? ? ? ? ? 98.000  ? ? ? ? 0.036 ? ? ? ? ? ? ? ? 17.800 0.036 ? ? ? 0.038 0.009 ? 10 1 ? ? 
# 
_refine.aniso_B[1][1]                            2.7400 
_refine.aniso_B[1][2]                            1.3700 
_refine.aniso_B[1][3]                            0.0000 
_refine.aniso_B[2][2]                            2.7400 
_refine.aniso_B[2][3]                            -0.0000 
_refine.aniso_B[3][3]                            -8.9000 
_refine.B_iso_max                                189.820 
_refine.B_iso_mean                               74.3470 
_refine.B_iso_min                                40.980 
_refine.correlation_coeff_Fo_to_Fc               0.9520 
_refine.correlation_coeff_Fo_to_Fc_free          0.9370 
_refine.details                                  'U VALUES      : REFINED INDIVIDUALLY' 
_refine.diff_density_max                         ? 
_refine.diff_density_max_esd                     ? 
_refine.diff_density_min                         ? 
_refine.diff_density_min_esd                     ? 
_refine.diff_density_rms                         ? 
_refine.diff_density_rms_esd                     ? 
_refine.entry_id                                 5W32 
_refine.pdbx_refine_id                           'X-RAY DIFFRACTION' 
_refine.ls_abs_structure_details                 ? 
_refine.ls_abs_structure_Flack                   ? 
_refine.ls_abs_structure_Flack_esd               ? 
_refine.ls_abs_structure_Rogers                  ? 
_refine.ls_abs_structure_Rogers_esd              ? 
_refine.ls_d_res_high                            2.6000 
_refine.ls_d_res_low                             38.7000 
_refine.ls_extinction_coef                       ? 
_refine.ls_extinction_coef_esd                   ? 
_refine.ls_extinction_expression                 ? 
_refine.ls_extinction_method                     ? 
_refine.ls_goodness_of_fit_all                   ? 
_refine.ls_goodness_of_fit_all_esd               ? 
_refine.ls_goodness_of_fit_obs                   ? 
_refine.ls_goodness_of_fit_obs_esd               ? 
_refine.ls_hydrogen_treatment                    ? 
_refine.ls_matrix_type                           ? 
_refine.ls_number_constraints                    ? 
_refine.ls_number_parameters                     ? 
_refine.ls_number_reflns_all                     ? 
_refine.ls_number_reflns_obs                     14041 
_refine.ls_number_reflns_R_free                  721 
_refine.ls_number_reflns_R_work                  ? 
_refine.ls_number_restraints                     ? 
_refine.ls_percent_reflns_obs                    96.9500 
_refine.ls_percent_reflns_R_free                 4.9000 
_refine.ls_R_factor_all                          ? 
_refine.ls_R_factor_obs                          0.2151 
_refine.ls_R_factor_R_free                       0.2360 
_refine.ls_R_factor_R_free_error                 ? 
_refine.ls_R_factor_R_free_error_details         ? 
_refine.ls_R_factor_R_work                       0.2140 
_refine.ls_R_Fsqd_factor_obs                     ? 
_refine.ls_R_I_factor_obs                        ? 
_refine.ls_redundancy_reflns_all                 ? 
_refine.ls_redundancy_reflns_obs                 ? 
_refine.ls_restrained_S_all                      ? 
_refine.ls_restrained_S_obs                      ? 
_refine.ls_shift_over_esd_max                    ? 
_refine.ls_shift_over_esd_mean                   ? 
_refine.ls_structure_factor_coef                 ? 
_refine.ls_weighting_details                     ? 
_refine.ls_weighting_scheme                      ? 
_refine.ls_wR_factor_all                         ? 
_refine.ls_wR_factor_obs                         ? 
_refine.ls_wR_factor_R_free                      ? 
_refine.ls_wR_factor_R_work                      ? 
_refine.occupancy_max                            ? 
_refine.occupancy_min                            ? 
_refine.solvent_model_details                    ? 
_refine.solvent_model_param_bsol                 ? 
_refine.solvent_model_param_ksol                 ? 
_refine.ls_R_factor_gt                           ? 
_refine.ls_goodness_of_fit_gt                    ? 
_refine.ls_goodness_of_fit_ref                   ? 
_refine.ls_shift_over_su_max                     ? 
_refine.ls_shift_over_su_max_lt                  ? 
_refine.ls_shift_over_su_mean                    ? 
_refine.ls_shift_over_su_mean_lt                 ? 
_refine.pdbx_ls_sigma_I                          ? 
_refine.pdbx_ls_sigma_F                          0.000 
_refine.pdbx_ls_sigma_Fsqd                       ? 
_refine.pdbx_data_cutoff_high_absF               ? 
_refine.pdbx_data_cutoff_high_rms_absF           ? 
_refine.pdbx_data_cutoff_low_absF                ? 
_refine.pdbx_isotropic_thermal_model             ? 
_refine.pdbx_ls_cross_valid_method               THROUGHOUT 
_refine.pdbx_method_to_determine_struct          'MOLECULAR REPLACEMENT' 
_refine.pdbx_starting_model                      5W2X 
_refine.pdbx_stereochemistry_target_values       ? 
_refine.pdbx_R_Free_selection_details            RANDOM 
_refine.pdbx_stereochem_target_val_spec_case     ? 
_refine.pdbx_overall_ESU_R                       0.2280 
_refine.pdbx_overall_ESU_R_Free                  0.1970 
_refine.pdbx_solvent_vdw_probe_radii             1.2000 
_refine.pdbx_solvent_ion_probe_radii             0.8000 
_refine.pdbx_solvent_shrinkage_radii             0.8000 
_refine.pdbx_real_space_R                        ? 
_refine.pdbx_density_correlation                 ? 
_refine.pdbx_pd_number_of_powder_patterns        ? 
_refine.pdbx_pd_number_of_points                 ? 
_refine.pdbx_pd_meas_number_of_points            ? 
_refine.pdbx_pd_proc_ls_prof_R_factor            ? 
_refine.pdbx_pd_proc_ls_prof_wR_factor           ? 
_refine.pdbx_pd_Marquardt_correlation_coeff      ? 
_refine.pdbx_pd_Fsqrd_R_factor                   ? 
_refine.pdbx_pd_ls_matrix_band_width             ? 
_refine.pdbx_overall_phase_error                 ? 
_refine.pdbx_overall_SU_R_free_Cruickshank_DPI   ? 
_refine.pdbx_overall_SU_R_free_Blow_DPI          ? 
_refine.pdbx_overall_SU_R_Blow_DPI               ? 
_refine.pdbx_TLS_residual_ADP_flag               ? 
_refine.pdbx_diffrn_id                           1 
_refine.overall_SU_B                             9.5830 
_refine.overall_SU_ML                            0.1780 
_refine.overall_SU_R_Cruickshank_DPI             ? 
_refine.overall_SU_R_free                        ? 
_refine.overall_FOM_free_R_set                   ? 
_refine.overall_FOM_work_R_set                   ? 
_refine.pdbx_average_fsc_overall                 ? 
_refine.pdbx_average_fsc_work                    ? 
_refine.pdbx_average_fsc_free                    ? 
# 
_refine_hist.cycle_id                         final 
_refine_hist.pdbx_refine_id                   'X-RAY DIFFRACTION' 
_refine_hist.d_res_high                       2.6000 
_refine_hist.d_res_low                        38.7000 
_refine_hist.pdbx_number_atoms_ligand         34 
_refine_hist.number_atoms_solvent             16 
_refine_hist.number_atoms_total               1365 
_refine_hist.pdbx_number_residues_total       171 
_refine_hist.pdbx_B_iso_mean_ligand           102.45 
_refine_hist.pdbx_B_iso_mean_solvent          65.49 
_refine_hist.pdbx_number_atoms_protein        1315 
_refine_hist.pdbx_number_atoms_nucleic_acid   0 
# 
loop_
_refine_ls_restr.pdbx_refine_id 
_refine_ls_restr.criterion 
_refine_ls_restr.dev_ideal 
_refine_ls_restr.dev_ideal_target 
_refine_ls_restr.number 
_refine_ls_restr.rejects 
_refine_ls_restr.type 
_refine_ls_restr.weight 
_refine_ls_restr.pdbx_restraint_function 
'X-RAY DIFFRACTION' ? 0.015  0.019  1364 ? r_bond_refined_d       ? ? 
'X-RAY DIFFRACTION' ? 2.051  1.977  1824 ? r_angle_refined_deg    ? ? 
'X-RAY DIFFRACTION' ? 7.905  5.000  170  ? r_dihedral_angle_1_deg ? ? 
'X-RAY DIFFRACTION' ? 39.069 26.316 57   ? r_dihedral_angle_2_deg ? ? 
'X-RAY DIFFRACTION' ? 20.655 15.000 253  ? r_dihedral_angle_3_deg ? ? 
'X-RAY DIFFRACTION' ? 20.356 15.000 2    ? r_dihedral_angle_4_deg ? ? 
'X-RAY DIFFRACTION' ? 0.125  0.200  209  ? r_chiral_restr         ? ? 
'X-RAY DIFFRACTION' ? 0.008  0.020  974  ? r_gen_planes_refined   ? ? 
# 
_refine_ls_shell.pdbx_refine_id                   'X-RAY DIFFRACTION' 
_refine_ls_shell.d_res_high                       2.6000 
_refine_ls_shell.d_res_low                        2.6670 
_refine_ls_shell.number_reflns_all                679 
_refine_ls_shell.number_reflns_obs                ? 
_refine_ls_shell.number_reflns_R_free             38 
_refine_ls_shell.number_reflns_R_work             641 
_refine_ls_shell.percent_reflns_obs               61.3900 
_refine_ls_shell.percent_reflns_R_free            ? 
_refine_ls_shell.R_factor_all                     ? 
_refine_ls_shell.R_factor_obs                     ? 
_refine_ls_shell.R_factor_R_free                  0.3910 
_refine_ls_shell.R_factor_R_free_error            0.0000 
_refine_ls_shell.R_factor_R_work                  0.4060 
_refine_ls_shell.redundancy_reflns_all            ? 
_refine_ls_shell.redundancy_reflns_obs            ? 
_refine_ls_shell.wR_factor_all                    ? 
_refine_ls_shell.wR_factor_obs                    ? 
_refine_ls_shell.wR_factor_R_free                 ? 
_refine_ls_shell.wR_factor_R_work                 ? 
_refine_ls_shell.pdbx_total_number_of_bins_used   20 
_refine_ls_shell.pdbx_phase_error                 ? 
_refine_ls_shell.pdbx_fsc_work                    ? 
_refine_ls_shell.pdbx_fsc_free                    ? 
# 
_struct.entry_id                     5W32 
_struct.title                        'Crystal structure of mutant CJ YCEI protein (CJ-N48C) with selenocysteine guest structure' 
_struct.pdbx_model_details           ? 
_struct.pdbx_formula_weight          ? 
_struct.pdbx_formula_weight_method   ? 
_struct.pdbx_model_type_details      ? 
_struct.pdbx_CASP_flag               N 
# 
_struct_keywords.entry_id        5W32 
_struct_keywords.text            'nanotechnology nanoporous, UNKNOWN FUNCTION' 
_struct_keywords.pdbx_keywords   'UNKNOWN FUNCTION' 
# 
loop_
_struct_asym.id 
_struct_asym.pdbx_blank_PDB_chainid_flag 
_struct_asym.pdbx_modified 
_struct_asym.entity_id 
_struct_asym.details 
A N N 1 ? 
B N N 2 ? 
C N N 3 ? 
D N N 3 ? 
E N N 4 ? 
F N N 5 ? 
# 
loop_
_struct_conf.conf_type_id 
_struct_conf.id 
_struct_conf.pdbx_PDB_helix_id 
_struct_conf.beg_label_comp_id 
_struct_conf.beg_label_asym_id 
_struct_conf.beg_label_seq_id 
_struct_conf.pdbx_beg_PDB_ins_code 
_struct_conf.end_label_comp_id 
_struct_conf.end_label_asym_id 
_struct_conf.end_label_seq_id 
_struct_conf.pdbx_end_PDB_ins_code 
_struct_conf.beg_auth_comp_id 
_struct_conf.beg_auth_asym_id 
_struct_conf.beg_auth_seq_id 
_struct_conf.end_auth_comp_id 
_struct_conf.end_auth_asym_id 
_struct_conf.end_auth_seq_id 
_struct_conf.pdbx_PDB_helix_class 
_struct_conf.details 
_struct_conf.pdbx_PDB_helix_length 
HELX_P HELX_P1 AA1 ASP A 7   ? THR A 11  ? ASP A 27  THR A 31  5 ? 5 
HELX_P HELX_P2 AA2 ASN A 61  ? GLN A 69  ? ASN A 81  GLN A 89  1 ? 9 
HELX_P HELX_P3 AA3 SER A 142 ? LYS A 145 ? SER A 162 LYS A 165 5 ? 4 
# 
_struct_conf_type.id          HELX_P 
_struct_conf_type.criteria    ? 
_struct_conf_type.reference   ? 
# 
loop_
_struct_sheet.id 
_struct_sheet.type 
_struct_sheet.number_strands 
_struct_sheet.details 
AA1 ? 2 ? 
AA2 ? 7 ? 
# 
loop_
_struct_sheet_order.sheet_id 
_struct_sheet_order.range_id_1 
_struct_sheet_order.range_id_2 
_struct_sheet_order.offset 
_struct_sheet_order.sense 
AA1 1 2 ? anti-parallel 
AA2 1 2 ? anti-parallel 
AA2 2 3 ? anti-parallel 
AA2 3 4 ? anti-parallel 
AA2 4 5 ? anti-parallel 
AA2 5 6 ? anti-parallel 
AA2 6 7 ? anti-parallel 
# 
loop_
_struct_sheet_range.sheet_id 
_struct_sheet_range.id 
_struct_sheet_range.beg_label_comp_id 
_struct_sheet_range.beg_label_asym_id 
_struct_sheet_range.beg_label_seq_id 
_struct_sheet_range.pdbx_beg_PDB_ins_code 
_struct_sheet_range.end_label_comp_id 
_struct_sheet_range.end_label_asym_id 
_struct_sheet_range.end_label_seq_id 
_struct_sheet_range.pdbx_end_PDB_ins_code 
_struct_sheet_range.beg_auth_comp_id 
_struct_sheet_range.beg_auth_asym_id 
_struct_sheet_range.beg_auth_seq_id 
_struct_sheet_range.end_auth_comp_id 
_struct_sheet_range.end_auth_asym_id 
_struct_sheet_range.end_auth_seq_id 
AA1 1 CYS A 28  ? PHE A 29  ? CYS A 48  PHE A 49  
AA1 2 VAL A 57  ? ASN A 58  ? VAL A 77  ASN A 78  
AA2 1 TYR A 32  ? PHE A 38  ? TYR A 52  PHE A 58  
AA2 2 PHE A 45  ? LYS A 53  ? PHE A 65  LYS A 73  
AA2 3 ASP A 81  ? LYS A 91  ? ASP A 101 LYS A 111 
AA2 4 LYS A 96  ? ILE A 105 ? LYS A 116 ILE A 125 
AA2 5 VAL A 108 ? LYS A 123 ? VAL A 128 LYS A 143 
AA2 6 GLU A 129 ? LYS A 140 ? GLU A 149 LYS A 160 
AA2 7 ASP A 158 ? ASN A 168 ? ASP A 178 ASN A 188 
# 
loop_
_pdbx_struct_sheet_hbond.sheet_id 
_pdbx_struct_sheet_hbond.range_id_1 
_pdbx_struct_sheet_hbond.range_id_2 
_pdbx_struct_sheet_hbond.range_1_label_atom_id 
_pdbx_struct_sheet_hbond.range_1_label_comp_id 
_pdbx_struct_sheet_hbond.range_1_label_asym_id 
_pdbx_struct_sheet_hbond.range_1_label_seq_id 
_pdbx_struct_sheet_hbond.range_1_PDB_ins_code 
_pdbx_struct_sheet_hbond.range_1_auth_atom_id 
_pdbx_struct_sheet_hbond.range_1_auth_comp_id 
_pdbx_struct_sheet_hbond.range_1_auth_asym_id 
_pdbx_struct_sheet_hbond.range_1_auth_seq_id 
_pdbx_struct_sheet_hbond.range_2_label_atom_id 
_pdbx_struct_sheet_hbond.range_2_label_comp_id 
_pdbx_struct_sheet_hbond.range_2_label_asym_id 
_pdbx_struct_sheet_hbond.range_2_label_seq_id 
_pdbx_struct_sheet_hbond.range_2_PDB_ins_code 
_pdbx_struct_sheet_hbond.range_2_auth_atom_id 
_pdbx_struct_sheet_hbond.range_2_auth_comp_id 
_pdbx_struct_sheet_hbond.range_2_auth_asym_id 
_pdbx_struct_sheet_hbond.range_2_auth_seq_id 
AA1 1 2 N CYS A 28  ? N CYS A 48  O ASN A 58  ? O ASN A 78  
AA2 1 2 N ASP A 37  ? N ASP A 57  O LYS A 46  ? O LYS A 66  
AA2 2 3 N ILE A 52  ? N ILE A 72  O MET A 82  ? O MET A 102 
AA2 3 4 N LYS A 87  ? N LYS A 107 O THR A 100 ? O THR A 120 
AA2 4 5 N LEU A 103 ? N LEU A 123 O LYS A 110 ? O LYS A 130 
AA2 5 6 N ASP A 115 ? N ASP A 135 O ASN A 136 ? O ASN A 156 
AA2 6 7 N GLY A 137 ? N GLY A 157 O LEU A 161 ? O LEU A 181 
# 
loop_
_struct_site.id 
_struct_site.pdbx_evidence_code 
_struct_site.pdbx_auth_asym_id 
_struct_site.pdbx_auth_comp_id 
_struct_site.pdbx_auth_seq_id 
_struct_site.pdbx_auth_ins_code 
_struct_site.pdbx_num_residues 
_struct_site.details 
AC1 Software A SO4 302 ? 2 'binding site for residue SO4 A 302' 
AC2 Software A SO4 303 ? 6 'binding site for residue SO4 A 303' 
AC3 Software A SEC 304 ? 1 'binding site for residue SEC A 304' 
# 
loop_
_struct_site_gen.id 
_struct_site_gen.site_id 
_struct_site_gen.pdbx_num_res 
_struct_site_gen.label_comp_id 
_struct_site_gen.label_asym_id 
_struct_site_gen.label_seq_id 
_struct_site_gen.pdbx_auth_ins_code 
_struct_site_gen.auth_comp_id 
_struct_site_gen.auth_asym_id 
_struct_site_gen.auth_seq_id 
_struct_site_gen.label_atom_id 
_struct_site_gen.label_alt_id 
_struct_site_gen.symmetry 
_struct_site_gen.details 
1 AC1 2 LYS A 110 ? LYS A 130 . ? 1_555 ? 
2 AC1 2 ASP A 111 ? ASP A 131 . ? 1_555 ? 
3 AC2 6 SER A 149 ? SER A 169 . ? 4_545 ? 
4 AC2 6 THR A 150 ? THR A 170 . ? 1_555 ? 
5 AC2 6 SER A 151 ? SER A 171 . ? 4_545 ? 
6 AC2 6 SER A 151 ? SER A 171 . ? 1_555 ? 
7 AC2 6 THR A 154 ? THR A 174 . ? 4_545 ? 
8 AC2 6 THR A 154 ? THR A 174 . ? 1_555 ? 
9 AC3 1 CYS A 28  ? CYS A 48  . ? 1_555 ? 
# 
_atom_sites.entry_id                    5W32 
_atom_sites.fract_transf_matrix[1][1]   -0.00497155 
_atom_sites.fract_transf_matrix[1][2]   0.00412918 
_atom_sites.fract_transf_matrix[1][3]   -0.00013032 
_atom_sites.fract_transf_matrix[2][1]   0.00090980 
_atom_sites.fract_transf_matrix[2][2]   0.00609391 
_atom_sites.fract_transf_matrix[2][3]   -0.00195774 
_atom_sites.fract_transf_matrix[3][1]   -0.00396440 
_atom_sites.fract_transf_matrix[3][2]   -0.00535765 
_atom_sites.fract_transf_matrix[3][3]   -0.01851919 
_atom_sites.fract_transf_vector[1]      -0.118620 
_atom_sites.fract_transf_vector[2]      -0.500343 
_atom_sites.fract_transf_vector[3]      0.321890 
# 
loop_
_atom_type.symbol 
C  
N  
O  
S  
SE 
# 
loop_
_atom_site.group_PDB 
_atom_site.id 
_atom_site.type_symbol 
_atom_site.label_atom_id 
_atom_site.label_alt_id 
_atom_site.label_comp_id 
_atom_site.label_asym_id 
_atom_site.label_entity_id 
_atom_site.label_seq_id 
_atom_site.pdbx_PDB_ins_code 
_atom_site.Cartn_x 
_atom_site.Cartn_y 
_atom_site.Cartn_z 
_atom_site.occupancy 
_atom_site.B_iso_or_equiv 
_atom_site.pdbx_formal_charge 
_atom_site.auth_seq_id 
_atom_site.auth_comp_id 
_atom_site.auth_asym_id 
_atom_site.auth_atom_id 
_atom_site.pdbx_PDB_model_num 
ATOM   1    N  N   . MET A 1 1   ? -53.694 37.375  -22.478 1.00 95.19  ? 21  MET A N   1 
ATOM   2    C  CA  . MET A 1 1   ? -52.659 36.473  -23.068 1.00 93.38  ? 21  MET A CA  1 
ATOM   3    C  C   . MET A 1 1   ? -51.655 37.240  -23.970 1.00 79.74  ? 21  MET A C   1 
ATOM   4    O  O   . MET A 1 1   ? -51.987 38.212  -24.589 1.00 71.08  ? 21  MET A O   1 
ATOM   5    C  CB  . MET A 1 1   ? -53.349 35.268  -23.734 1.00 92.95  ? 21  MET A CB  1 
ATOM   6    C  CG  . MET A 1 1   ? -52.417 34.185  -24.236 1.00 109.27 ? 21  MET A CG  1 
ATOM   7    S  SD  . MET A 1 1   ? -51.899 34.512  -25.940 1.00 135.08 ? 21  MET A SD  1 
ATOM   8    C  CE  . MET A 1 1   ? -53.361 33.996  -26.873 1.00 115.46 ? 21  MET A CE  1 
ATOM   9    N  N   . LYS A 1 2   ? -50.405 36.812  -23.988 1.00 81.45  ? 22  LYS A N   1 
ATOM   10   C  CA  . LYS A 1 2   ? -49.360 37.451  -24.778 1.00 78.63  ? 22  LYS A CA  1 
ATOM   11   C  C   . LYS A 1 2   ? -48.391 36.373  -25.227 1.00 84.70  ? 22  LYS A C   1 
ATOM   12   O  O   . LYS A 1 2   ? -48.319 35.303  -24.624 1.00 108.62 ? 22  LYS A O   1 
ATOM   13   C  CB  . LYS A 1 2   ? -48.650 38.535  -23.976 1.00 72.29  ? 22  LYS A CB  1 
ATOM   14   C  CG  . LYS A 1 2   ? -49.079 39.910  -24.397 1.00 86.55  ? 22  LYS A CG  1 
ATOM   15   C  CD  . LYS A 1 2   ? -49.136 40.896  -23.243 1.00 98.53  ? 22  LYS A CD  1 
ATOM   16   C  CE  . LYS A 1 2   ? -48.884 42.344  -23.695 1.00 102.15 ? 22  LYS A CE  1 
ATOM   17   N  NZ  . LYS A 1 2   ? -49.686 42.823  -24.869 1.00 85.45  ? 22  LYS A NZ  1 
ATOM   18   N  N   . GLU A 1 3   ? -47.658 36.645  -26.296 1.00 82.49  ? 23  GLU A N   1 
ATOM   19   C  CA  . GLU A 1 3   ? -46.823 35.628  -26.925 1.00 77.54  ? 23  GLU A CA  1 
ATOM   20   C  C   . GLU A 1 3   ? -45.405 36.072  -26.735 1.00 76.66  ? 23  GLU A C   1 
ATOM   21   O  O   . GLU A 1 3   ? -45.097 37.271  -26.853 1.00 76.33  ? 23  GLU A O   1 
ATOM   22   C  CB  . GLU A 1 3   ? -47.135 35.458  -28.418 1.00 80.57  ? 23  GLU A CB  1 
ATOM   23   C  CG  . GLU A 1 3   ? -48.583 35.080  -28.742 1.00 90.66  ? 23  GLU A CG  1 
ATOM   24   C  CD  . GLU A 1 3   ? -48.786 34.625  -30.189 1.00 100.69 ? 23  GLU A CD  1 
ATOM   25   O  OE1 . GLU A 1 3   ? -49.913 34.774  -30.716 1.00 90.59  ? 23  GLU A OE1 1 
ATOM   26   O  OE2 . GLU A 1 3   ? -47.826 34.098  -30.801 1.00 109.76 ? 23  GLU A OE2 1 
ATOM   27   N  N   . TYR A 1 4   ? -44.551 35.111  -26.391 1.00 69.45  ? 24  TYR A N   1 
ATOM   28   C  CA  . TYR A 1 4   ? -43.154 35.421  -26.159 1.00 68.42  ? 24  TYR A CA  1 
ATOM   29   C  C   . TYR A 1 4   ? -42.276 34.529  -27.016 1.00 68.29  ? 24  TYR A C   1 
ATOM   30   O  O   . TYR A 1 4   ? -42.768 33.563  -27.638 1.00 60.92  ? 24  TYR A O   1 
ATOM   31   C  CB  . TYR A 1 4   ? -42.807 35.294  -24.677 1.00 68.75  ? 24  TYR A CB  1 
ATOM   32   C  CG  . TYR A 1 4   ? -43.619 36.183  -23.743 1.00 63.65  ? 24  TYR A CG  1 
ATOM   33   C  CD1 . TYR A 1 4   ? -45.031 35.983  -23.538 1.00 59.94  ? 24  TYR A CD1 1 
ATOM   34   C  CD2 . TYR A 1 4   ? -42.970 37.189  -23.010 1.00 62.97  ? 24  TYR A CD2 1 
ATOM   35   C  CE1 . TYR A 1 4   ? -45.766 36.794  -22.660 1.00 61.43  ? 24  TYR A CE1 1 
ATOM   36   C  CE2 . TYR A 1 4   ? -43.688 38.003  -22.119 1.00 71.87  ? 24  TYR A CE2 1 
ATOM   37   C  CZ  . TYR A 1 4   ? -45.073 37.813  -21.942 1.00 70.50  ? 24  TYR A CZ  1 
ATOM   38   O  OH  . TYR A 1 4   ? -45.716 38.659  -21.050 1.00 72.01  ? 24  TYR A OH  1 
ATOM   39   N  N   . THR A 1 5   ? -40.992 34.871  -27.048 1.00 63.21  ? 25  THR A N   1 
ATOM   40   C  CA  . THR A 1 5   ? -40.010 34.200  -27.866 1.00 75.83  ? 25  THR A CA  1 
ATOM   41   C  C   . THR A 1 5   ? -38.851 34.086  -26.936 1.00 76.20  ? 25  THR A C   1 
ATOM   42   O  O   . THR A 1 5   ? -38.446 35.099  -26.352 1.00 81.02  ? 25  THR A O   1 
ATOM   43   C  CB  . THR A 1 5   ? -39.601 35.086  -29.090 1.00 83.99  ? 25  THR A CB  1 
ATOM   44   O  OG1 . THR A 1 5   ? -40.658 35.097  -30.063 1.00 90.00  ? 25  THR A OG1 1 
ATOM   45   C  CG2 . THR A 1 5   ? -38.282 34.604  -29.777 1.00 76.84  ? 25  THR A CG2 1 
ATOM   46   N  N   . LEU A 1 6   ? -38.284 32.891  -26.809 1.00 70.90  ? 26  LEU A N   1 
ATOM   47   C  CA  . LEU A 1 6   ? -37.110 32.732  -25.928 1.00 79.59  ? 26  LEU A CA  1 
ATOM   48   C  C   . LEU A 1 6   ? -36.005 33.678  -26.328 1.00 79.84  ? 26  LEU A C   1 
ATOM   49   O  O   . LEU A 1 6   ? -35.919 34.072  -27.480 1.00 98.03  ? 26  LEU A O   1 
ATOM   50   C  CB  . LEU A 1 6   ? -36.551 31.322  -25.981 1.00 75.26  ? 26  LEU A CB  1 
ATOM   51   C  CG  . LEU A 1 6   ? -37.535 30.219  -25.703 1.00 75.85  ? 26  LEU A CG  1 
ATOM   52   C  CD1 . LEU A 1 6   ? -37.904 29.527  -27.010 1.00 86.52  ? 26  LEU A CD1 1 
ATOM   53   C  CD2 . LEU A 1 6   ? -36.761 29.333  -24.774 1.00 79.45  ? 26  LEU A CD2 1 
ATOM   54   N  N   . ASP A 1 7   ? -35.179 34.064  -25.373 1.00 82.28  ? 27  ASP A N   1 
ATOM   55   C  CA  . ASP A 1 7   ? -33.910 34.676  -25.693 1.00 83.11  ? 27  ASP A CA  1 
ATOM   56   C  C   . ASP A 1 7   ? -32.910 33.587  -25.343 1.00 80.85  ? 27  ASP A C   1 
ATOM   57   O  O   . ASP A 1 7   ? -32.524 33.434  -24.185 1.00 84.48  ? 27  ASP A O   1 
ATOM   58   C  CB  . ASP A 1 7   ? -33.703 36.009  -24.927 1.00 87.77  ? 27  ASP A CB  1 
ATOM   59   C  CG  . ASP A 1 7   ? -32.214 36.456  -24.842 1.00 97.45  ? 27  ASP A CG  1 
ATOM   60   O  OD1 . ASP A 1 7   ? -31.348 35.939  -25.603 1.00 98.21  ? 27  ASP A OD1 1 
ATOM   61   O  OD2 . ASP A 1 7   ? -31.912 37.337  -23.991 1.00 91.74  ? 27  ASP A OD2 1 
ATOM   62   N  N   . LYS A 1 8   ? -32.506 32.828  -26.362 1.00 85.68  ? 28  LYS A N   1 
ATOM   63   C  CA  . LYS A 1 8   ? -31.577 31.699  -26.218 1.00 74.59  ? 28  LYS A CA  1 
ATOM   64   C  C   . LYS A 1 8   ? -30.275 32.047  -25.457 1.00 76.31  ? 28  LYS A C   1 
ATOM   65   O  O   . LYS A 1 8   ? -29.640 31.166  -24.854 1.00 81.16  ? 28  LYS A O   1 
ATOM   66   C  CB  . LYS A 1 8   ? -31.261 31.061  -27.585 1.00 77.83  ? 28  LYS A CB  1 
ATOM   67   C  CG  . LYS A 1 8   ? -32.384 30.268  -28.287 1.00 82.21  ? 28  LYS A CG  1 
ATOM   68   C  CD  . LYS A 1 8   ? -31.836 28.929  -28.820 1.00 100.66 ? 28  LYS A CD  1 
ATOM   69   C  CE  . LYS A 1 8   ? -32.299 28.505  -30.219 1.00 102.80 ? 28  LYS A CE  1 
ATOM   70   N  NZ  . LYS A 1 8   ? -33.778 28.373  -30.346 1.00 89.78  ? 28  LYS A NZ  1 
ATOM   71   N  N   . ALA A 1 9   ? -29.897 33.322  -25.462 1.00 75.49  ? 29  ALA A N   1 
ATOM   72   C  CA  . ALA A 1 9   ? -28.641 33.747  -24.835 1.00 79.30  ? 29  ALA A CA  1 
ATOM   73   C  C   . ALA A 1 9   ? -28.711 33.764  -23.306 1.00 83.35  ? 29  ALA A C   1 
ATOM   74   O  O   . ALA A 1 9   ? -27.710 33.517  -22.647 1.00 85.91  ? 29  ALA A O   1 
ATOM   75   C  CB  . ALA A 1 9   ? -28.220 35.103  -25.368 1.00 75.39  ? 29  ALA A CB  1 
ATOM   76   N  N   . HIS A 1 10  ? -29.890 34.054  -22.752 1.00 88.40  ? 30  HIS A N   1 
ATOM   77   C  CA  . HIS A 1 10  ? -30.106 34.053  -21.292 1.00 94.10  ? 30  HIS A CA  1 
ATOM   78   C  C   . HIS A 1 10  ? -31.116 32.971  -20.856 1.00 90.99  ? 30  HIS A C   1 
ATOM   79   O  O   . HIS A 1 10  ? -31.836 33.125  -19.863 1.00 88.15  ? 30  HIS A O   1 
ATOM   80   C  CB  . HIS A 1 10  ? -30.540 35.444  -20.824 1.00 100.61 ? 30  HIS A CB  1 
ATOM   81   C  CG  . HIS A 1 10  ? -29.551 36.518  -21.141 1.00 108.99 ? 30  HIS A CG  1 
ATOM   82   N  ND1 . HIS A 1 10  ? -29.612 37.266  -22.301 1.00 105.69 ? 30  HIS A ND1 1 
ATOM   83   C  CD2 . HIS A 1 10  ? -28.473 36.964  -20.454 1.00 110.44 ? 30  HIS A CD2 1 
ATOM   84   C  CE1 . HIS A 1 10  ? -28.615 38.133  -22.312 1.00 112.69 ? 30  HIS A CE1 1 
ATOM   85   N  NE2 . HIS A 1 10  ? -27.909 37.971  -21.204 1.00 124.56 ? 30  HIS A NE2 1 
ATOM   86   N  N   . THR A 1 11  ? -31.159 31.890  -21.636 1.00 88.28  ? 31  THR A N   1 
ATOM   87   C  CA  . THR A 1 11  ? -31.962 30.689  -21.382 1.00 75.02  ? 31  THR A CA  1 
ATOM   88   C  C   . THR A 1 11  ? -31.055 29.437  -21.296 1.00 77.48  ? 31  THR A C   1 
ATOM   89   O  O   . THR A 1 11  ? -30.102 29.271  -22.069 1.00 81.19  ? 31  THR A O   1 
ATOM   90   C  CB  . THR A 1 11  ? -33.094 30.542  -22.430 1.00 68.12  ? 31  THR A CB  1 
ATOM   91   O  OG1 . THR A 1 11  ? -34.091 31.543  -22.192 1.00 69.40  ? 31  THR A OG1 1 
ATOM   92   C  CG2 . THR A 1 11  ? -33.761 29.189  -22.383 1.00 63.54  ? 31  THR A CG2 1 
ATOM   93   N  N   . ASP A 1 12  ? -31.359 28.586  -20.320 1.00 73.47  ? 32  ASP A N   1 
ATOM   94   C  CA  . ASP A 1 12  ? -30.646 27.361  -20.096 1.00 74.94  ? 32  ASP A CA  1 
ATOM   95   C  C   . ASP A 1 12  ? -31.661 26.218  -19.907 1.00 71.49  ? 32  ASP A C   1 
ATOM   96   O  O   . ASP A 1 12  ? -32.426 26.204  -18.933 1.00 71.74  ? 32  ASP A O   1 
ATOM   97   C  CB  . ASP A 1 12  ? -29.695 27.519  -18.899 1.00 76.31  ? 32  ASP A CB  1 
ATOM   98   C  CG  . ASP A 1 12  ? -28.865 26.261  -18.646 1.00 95.23  ? 32  ASP A CG  1 
ATOM   99   O  OD1 . ASP A 1 12  ? -27.847 26.077  -19.347 1.00 107.67 ? 32  ASP A OD1 1 
ATOM   100  O  OD2 . ASP A 1 12  ? -29.232 25.440  -17.762 1.00 102.13 ? 32  ASP A OD2 1 
ATOM   101  N  N   . VAL A 1 13  ? -31.667 25.274  -20.849 1.00 65.13  ? 33  VAL A N   1 
ATOM   102  C  CA  . VAL A 1 13  ? -32.549 24.121  -20.777 1.00 59.48  ? 33  VAL A CA  1 
ATOM   103  C  C   . VAL A 1 13  ? -31.744 23.018  -20.126 1.00 64.77  ? 33  VAL A C   1 
ATOM   104  O  O   . VAL A 1 13  ? -31.098 22.238  -20.810 1.00 81.27  ? 33  VAL A O   1 
ATOM   105  C  CB  . VAL A 1 13  ? -33.075 23.761  -22.180 1.00 59.09  ? 33  VAL A CB  1 
ATOM   106  C  CG1 . VAL A 1 13  ? -34.014 22.563  -22.154 1.00 49.81  ? 33  VAL A CG1 1 
ATOM   107  C  CG2 . VAL A 1 13  ? -33.771 24.971  -22.794 1.00 56.60  ? 33  VAL A CG2 1 
ATOM   108  N  N   . GLY A 1 14  ? -31.762 22.980  -18.792 1.00 70.70  ? 34  GLY A N   1 
ATOM   109  C  CA  . GLY A 1 14  ? -30.787 22.198  -18.007 1.00 67.31  ? 34  GLY A CA  1 
ATOM   110  C  C   . GLY A 1 14  ? -31.271 20.956  -17.282 1.00 69.02  ? 34  GLY A C   1 
ATOM   111  O  O   . GLY A 1 14  ? -32.472 20.781  -17.062 1.00 72.14  ? 34  GLY A O   1 
ATOM   112  N  N   . PHE A 1 15  ? -30.318 20.093  -16.909 1.00 69.38  ? 35  PHE A N   1 
ATOM   113  C  CA  . PHE A 1 15  ? -30.578 18.865  -16.134 1.00 65.45  ? 35  PHE A CA  1 
ATOM   114  C  C   . PHE A 1 15  ? -29.371 18.467  -15.283 1.00 64.78  ? 35  PHE A C   1 
ATOM   115  O  O   . PHE A 1 15  ? -28.254 18.853  -15.594 1.00 62.31  ? 35  PHE A O   1 
ATOM   116  C  CB  . PHE A 1 15  ? -30.974 17.715  -17.049 1.00 68.16  ? 35  PHE A CB  1 
ATOM   117  C  CG  . PHE A 1 15  ? -29.882 17.274  -17.976 1.00 77.88  ? 35  PHE A CG  1 
ATOM   118  C  CD1 . PHE A 1 15  ? -29.708 17.886  -19.212 1.00 81.91  ? 35  PHE A CD1 1 
ATOM   119  C  CD2 . PHE A 1 15  ? -29.026 16.233  -17.620 1.00 79.97  ? 35  PHE A CD2 1 
ATOM   120  C  CE1 . PHE A 1 15  ? -28.700 17.479  -20.073 1.00 80.78  ? 35  PHE A CE1 1 
ATOM   121  C  CE2 . PHE A 1 15  ? -28.017 15.831  -18.472 1.00 79.39  ? 35  PHE A CE2 1 
ATOM   122  C  CZ  . PHE A 1 15  ? -27.855 16.453  -19.698 1.00 79.38  ? 35  PHE A CZ  1 
ATOM   123  N  N   . LYS A 1 16  ? -29.616 17.714  -14.205 1.00 65.62  ? 36  LYS A N   1 
ATOM   124  C  CA  . LYS A 1 16  ? -28.582 17.236  -13.272 1.00 60.35  ? 36  LYS A CA  1 
ATOM   125  C  C   . LYS A 1 16  ? -28.926 15.810  -12.989 1.00 59.51  ? 36  LYS A C   1 
ATOM   126  O  O   . LYS A 1 16  ? -30.110 15.486  -12.730 1.00 55.84  ? 36  LYS A O   1 
ATOM   127  C  CB  . LYS A 1 16  ? -28.556 18.003  -11.948 1.00 65.16  ? 36  LYS A CB  1 
ATOM   128  C  CG  . LYS A 1 16  ? -27.516 19.104  -11.890 1.00 83.71  ? 36  LYS A CG  1 
ATOM   129  C  CD  . LYS A 1 16  ? -27.520 19.878  -10.563 1.00 102.42 ? 36  LYS A CD  1 
ATOM   130  C  CE  . LYS A 1 16  ? -26.541 21.063  -10.606 1.00 113.13 ? 36  LYS A CE  1 
ATOM   131  N  NZ  . LYS A 1 16  ? -26.626 21.974  -9.427  1.00 112.94 ? 36  LYS A NZ  1 
ATOM   132  N  N   . ILE A 1 17  ? -27.907 14.948  -13.074 1.00 53.21  ? 37  ILE A N   1 
ATOM   133  C  CA  . ILE A 1 17  ? -28.102 13.546  -12.710 1.00 53.06  ? 37  ILE A CA  1 
ATOM   134  C  C   . ILE A 1 17  ? -26.890 12.957  -12.006 1.00 59.45  ? 37  ILE A C   1 
ATOM   135  O  O   . ILE A 1 17  ? -25.720 13.256  -12.352 1.00 62.54  ? 37  ILE A O   1 
ATOM   136  C  CB  . ILE A 1 17  ? -28.555 12.691  -13.910 1.00 49.00  ? 37  ILE A CB  1 
ATOM   137  C  CG1 . ILE A 1 17  ? -29.004 11.306  -13.441 1.00 47.41  ? 37  ILE A CG1 1 
ATOM   138  C  CG2 . ILE A 1 17  ? -27.523 12.737  -15.053 1.00 48.81  ? 37  ILE A CG2 1 
ATOM   139  C  CD1 . ILE A 1 17  ? -29.417 10.407  -14.566 1.00 45.72  ? 37  ILE A CD1 1 
ATOM   140  N  N   . LYS A 1 18  ? -27.194 12.121  -11.020 1.00 61.28  ? 38  LYS A N   1 
ATOM   141  C  CA  . LYS A 1 18  ? -26.178 11.582  -10.148 1.00 69.54  ? 38  LYS A CA  1 
ATOM   142  C  C   . LYS A 1 18  ? -25.641 10.250  -10.691 1.00 74.82  ? 38  LYS A C   1 
ATOM   143  O  O   . LYS A 1 18  ? -26.431 9.305   -10.918 1.00 75.85  ? 38  LYS A O   1 
ATOM   144  C  CB  . LYS A 1 18  ? -26.770 11.421  -8.744  1.00 72.28  ? 38  LYS A CB  1 
ATOM   145  C  CG  . LYS A 1 18  ? -26.633 12.663  -7.877  1.00 76.22  ? 38  LYS A CG  1 
ATOM   146  C  CD  . LYS A 1 18  ? -27.572 12.568  -6.684  1.00 92.59  ? 38  LYS A CD  1 
ATOM   147  C  CE  . LYS A 1 18  ? -27.643 13.903  -5.946  1.00 106.65 ? 38  LYS A CE  1 
ATOM   148  N  NZ  . LYS A 1 18  ? -28.375 13.759  -4.651  1.00 121.61 ? 38  LYS A NZ  1 
ATOM   149  N  N   . HIS A 1 19  ? -24.320 10.172  -10.918 1.00 70.27  ? 39  HIS A N   1 
ATOM   150  C  CA  . HIS A 1 19  ? -23.667 8.847   -11.086 1.00 76.63  ? 39  HIS A CA  1 
ATOM   151  C  C   . HIS A 1 19  ? -22.471 8.541   -10.175 1.00 81.34  ? 39  HIS A C   1 
ATOM   152  O  O   . HIS A 1 19  ? -21.758 9.452   -9.707  1.00 76.79  ? 39  HIS A O   1 
ATOM   153  C  CB  . HIS A 1 19  ? -23.386 8.455   -12.567 1.00 75.20  ? 39  HIS A CB  1 
ATOM   154  C  CG  . HIS A 1 19  ? -22.141 9.051   -13.163 1.00 80.18  ? 39  HIS A CG  1 
ATOM   155  N  ND1 . HIS A 1 19  ? -21.634 10.283  -12.782 1.00 71.70  ? 39  HIS A ND1 1 
ATOM   156  C  CD2 . HIS A 1 19  ? -21.326 8.592   -14.154 1.00 87.78  ? 39  HIS A CD2 1 
ATOM   157  C  CE1 . HIS A 1 19  ? -20.545 10.543  -13.492 1.00 79.62  ? 39  HIS A CE1 1 
ATOM   158  N  NE2 . HIS A 1 19  ? -20.341 9.538   -14.337 1.00 97.79  ? 39  HIS A NE2 1 
ATOM   159  N  N   . LEU A 1 20  ? -22.312 7.235   -9.937  1.00 78.94  ? 40  LEU A N   1 
ATOM   160  C  CA  . LEU A 1 20  ? -21.162 6.626   -9.292  1.00 72.88  ? 40  LEU A CA  1 
ATOM   161  C  C   . LEU A 1 20  ? -19.988 6.484   -10.231 1.00 77.39  ? 40  LEU A C   1 
ATOM   162  O  O   . LEU A 1 20  ? -20.172 6.201   -11.407 1.00 95.01  ? 40  LEU A O   1 
ATOM   163  C  CB  . LEU A 1 20  ? -21.565 5.259   -8.786  1.00 63.07  ? 40  LEU A CB  1 
ATOM   164  C  CG  . LEU A 1 20  ? -22.526 5.413   -7.606  1.00 71.19  ? 40  LEU A CG  1 
ATOM   165  C  CD1 . LEU A 1 20  ? -22.844 4.064   -6.977  1.00 62.82  ? 40  LEU A CD1 1 
ATOM   166  C  CD2 . LEU A 1 20  ? -21.973 6.389   -6.558  1.00 69.60  ? 40  LEU A CD2 1 
ATOM   167  N  N   . GLN A 1 21  ? -18.785 6.711   -9.709  1.00 85.47  ? 41  GLN A N   1 
ATOM   168  C  CA  . GLN A 1 21  ? -17.527 6.357   -10.393 1.00 83.31  ? 41  GLN A CA  1 
ATOM   169  C  C   . GLN A 1 21  ? -16.542 5.654   -9.449  1.00 87.47  ? 41  GLN A C   1 
ATOM   170  O  O   . GLN A 1 21  ? -16.287 6.111   -8.326  1.00 89.63  ? 41  GLN A O   1 
ATOM   171  C  CB  . GLN A 1 21  ? -16.869 7.579   -10.999 1.00 79.59  ? 41  GLN A CB  1 
ATOM   172  C  CG  . GLN A 1 21  ? -17.648 8.189   -12.141 1.00 89.80  ? 41  GLN A CG  1 
ATOM   173  C  CD  . GLN A 1 21  ? -16.875 9.301   -12.816 1.00 101.64 ? 41  GLN A CD  1 
ATOM   174  O  OE1 . GLN A 1 21  ? -16.723 10.399  -12.267 1.00 99.83  ? 41  GLN A OE1 1 
ATOM   175  N  NE2 . GLN A 1 21  ? -16.377 9.023   -14.017 1.00 110.92 ? 41  GLN A NE2 1 
ATOM   176  N  N   . ILE A 1 22  ? -16.008 4.531   -9.918  1.00 91.12  ? 42  ILE A N   1 
ATOM   177  C  CA  . ILE A 1 22  ? -14.979 3.760   -9.208  1.00 80.88  ? 42  ILE A CA  1 
ATOM   178  C  C   . ILE A 1 22  ? -13.620 4.348   -9.562  1.00 78.97  ? 42  ILE A C   1 
ATOM   179  O  O   . ILE A 1 22  ? -13.405 4.758   -10.704 1.00 84.32  ? 42  ILE A O   1 
ATOM   180  C  CB  . ILE A 1 22  ? -15.100 2.258   -9.557  1.00 80.06  ? 42  ILE A CB  1 
ATOM   181  C  CG1 . ILE A 1 22  ? -14.302 1.382   -8.583  1.00 83.06  ? 42  ILE A CG1 1 
ATOM   182  C  CG2 . ILE A 1 22  ? -14.784 2.001   -11.034 1.00 81.55  ? 42  ILE A CG2 1 
ATOM   183  C  CD1 . ILE A 1 22  ? -14.941 0.022   -8.276  1.00 84.32  ? 42  ILE A CD1 1 
ATOM   184  N  N   . SER A 1 23  ? -12.738 4.475   -8.570  1.00 86.41  ? 43  SER A N   1 
ATOM   185  C  CA  . SER A 1 23  ? -11.335 4.887   -8.810  1.00 84.80  ? 43  SER A CA  1 
ATOM   186  C  C   . SER A 1 23  ? -10.350 4.238   -7.804  1.00 93.16  ? 43  SER A C   1 
ATOM   187  O  O   . SER A 1 23  ? -10.711 3.939   -6.645  1.00 89.26  ? 43  SER A O   1 
ATOM   188  C  CB  . SER A 1 23  ? -11.181 6.413   -8.853  1.00 68.90  ? 43  SER A CB  1 
ATOM   189  O  OG  . SER A 1 23  ? -11.154 6.947   -7.536  1.00 79.96  ? 43  SER A OG  1 
ATOM   190  N  N   . ASN A 1 24  ? -9.123  3.998   -8.277  1.00 98.01  ? 44  ASN A N   1 
ATOM   191  C  CA  . ASN A 1 24  ? -8.033  3.485   -7.449  1.00 91.15  ? 44  ASN A CA  1 
ATOM   192  C  C   . ASN A 1 24  ? -7.419  4.636   -6.712  1.00 80.66  ? 44  ASN A C   1 
ATOM   193  O  O   . ASN A 1 24  ? -6.952  5.570   -7.368  1.00 82.04  ? 44  ASN A O   1 
ATOM   194  C  CB  . ASN A 1 24  ? -6.930  2.888   -8.335  1.00 104.24 ? 44  ASN A CB  1 
ATOM   195  C  CG  . ASN A 1 24  ? -7.215  1.462   -8.770  1.00 124.64 ? 44  ASN A CG  1 
ATOM   196  O  OD1 . ASN A 1 24  ? -7.801  0.657   -8.028  1.00 125.56 ? 44  ASN A OD1 1 
ATOM   197  N  ND2 . ASN A 1 24  ? -6.778  1.134   -9.987  1.00 142.02 ? 44  ASN A ND2 1 
ATOM   198  N  N   . VAL A 1 25  ? -7.408  4.598   -5.377  1.00 71.65  ? 45  VAL A N   1 
ATOM   199  C  CA  . VAL A 1 25  ? -6.426  5.425   -4.634  1.00 79.28  ? 45  VAL A CA  1 
ATOM   200  C  C   . VAL A 1 25  ? -5.052  4.718   -4.598  1.00 79.01  ? 45  VAL A C   1 
ATOM   201  O  O   . VAL A 1 25  ? -4.958  3.596   -4.064  1.00 79.91  ? 45  VAL A O   1 
ATOM   202  C  CB  . VAL A 1 25  ? -6.829  5.701   -3.179  1.00 80.34  ? 45  VAL A CB  1 
ATOM   203  C  CG1 . VAL A 1 25  ? -6.000  6.855   -2.610  1.00 78.06  ? 45  VAL A CG1 1 
ATOM   204  C  CG2 . VAL A 1 25  ? -8.303  5.994   -3.074  1.00 76.23  ? 45  VAL A CG2 1 
ATOM   205  N  N   . LYS A 1 26  ? -4.028  5.356   -5.188  1.00 69.00  ? 46  LYS A N   1 
ATOM   206  C  CA  . LYS A 1 26  ? -2.610  4.920   -5.107  1.00 71.45  ? 46  LYS A CA  1 
ATOM   207  C  C   . LYS A 1 26  ? -1.922  5.698   -3.973  1.00 78.46  ? 46  LYS A C   1 
ATOM   208  O  O   . LYS A 1 26  ? -2.140  6.902   -3.814  1.00 86.10  ? 46  LYS A O   1 
ATOM   209  C  CB  . LYS A 1 26  ? -1.837  5.086   -6.442  1.00 57.24  ? 46  LYS A CB  1 
ATOM   210  N  N   . GLY A 1 27  ? -1.131  4.994   -3.165  1.00 83.83  ? 47  GLY A N   1 
ATOM   211  C  CA  . GLY A 1 27  ? -0.459  5.579   -2.013  1.00 74.87  ? 47  GLY A CA  1 
ATOM   212  C  C   . GLY A 1 27  ? 0.871   4.926   -1.751  1.00 77.64  ? 47  GLY A C   1 
ATOM   213  O  O   . GLY A 1 27  ? 1.127   3.798   -2.191  1.00 84.73  ? 47  GLY A O   1 
ATOM   214  N  N   . CYS A 1 28  ? 1.733   5.659   -1.063  1.00 79.56  ? 48  CYS A N   1 
ATOM   215  C  CA  . CYS A 1 28  ? 2.984   5.110   -0.532  1.00 81.23  ? 48  CYS A CA  1 
ATOM   216  C  C   . CYS A 1 28  ? 3.262   5.706   0.843   1.00 79.72  ? 48  CYS A C   1 
ATOM   217  O  O   . CYS A 1 28  ? 2.503   6.557   1.332   1.00 88.06  ? 48  CYS A O   1 
ATOM   218  C  CB  . CYS A 1 28  ? 4.138   5.398   -1.478  1.00 79.24  ? 48  CYS A CB  1 
ATOM   219  S  SG  . CYS A 1 28  ? 4.425   7.158   -1.650  1.00 91.60  ? 48  CYS A SG  1 
ATOM   220  N  N   . PHE A 1 29  ? 4.328   5.250   1.480   1.00 69.17  ? 49  PHE A N   1 
ATOM   221  C  CA  . PHE A 1 29  ? 4.749   5.867   2.724   1.00 70.42  ? 49  PHE A CA  1 
ATOM   222  C  C   . PHE A 1 29  ? 6.157   6.408   2.546   1.00 79.00  ? 49  PHE A C   1 
ATOM   223  O  O   . PHE A 1 29  ? 7.060   5.668   2.106   1.00 76.47  ? 49  PHE A O   1 
ATOM   224  C  CB  . PHE A 1 29  ? 4.683   4.879   3.874   1.00 64.23  ? 49  PHE A CB  1 
ATOM   225  C  CG  . PHE A 1 29  ? 3.299   4.377   4.179   1.00 61.80  ? 49  PHE A CG  1 
ATOM   226  C  CD1 . PHE A 1 29  ? 2.717   3.345   3.425   1.00 58.88  ? 49  PHE A CD1 1 
ATOM   227  C  CD2 . PHE A 1 29  ? 2.569   4.911   5.245   1.00 60.43  ? 49  PHE A CD2 1 
ATOM   228  C  CE1 . PHE A 1 29  ? 1.436   2.864   3.731   1.00 61.79  ? 49  PHE A CE1 1 
ATOM   229  C  CE2 . PHE A 1 29  ? 1.283   4.428   5.551   1.00 61.00  ? 49  PHE A CE2 1 
ATOM   230  C  CZ  . PHE A 1 29  ? 0.717   3.403   4.791   1.00 61.26  ? 49  PHE A CZ  1 
ATOM   231  N  N   . LYS A 1 30  ? 6.322   7.702   2.859   1.00 86.45  ? 50  LYS A N   1 
ATOM   232  C  CA  . LYS A 1 30  ? 7.606   8.403   2.739   1.00 87.54  ? 50  LYS A CA  1 
ATOM   233  C  C   . LYS A 1 30  ? 8.633   7.901   3.792   1.00 86.35  ? 50  LYS A C   1 
ATOM   234  O  O   . LYS A 1 30  ? 9.843   7.893   3.532   1.00 77.69  ? 50  LYS A O   1 
ATOM   235  C  CB  . LYS A 1 30  ? 7.409   9.934   2.759   1.00 85.30  ? 50  LYS A CB  1 
ATOM   236  N  N   . ASP A 1 31  ? 8.153   7.416   4.941   1.00 84.56  ? 51  ASP A N   1 
ATOM   237  C  CA  . ASP A 1 31  ? 9.060   7.032   6.031   1.00 88.11  ? 51  ASP A CA  1 
ATOM   238  C  C   . ASP A 1 31  ? 8.847   5.669   6.709   1.00 77.07  ? 51  ASP A C   1 
ATOM   239  O  O   . ASP A 1 31  ? 7.854   5.439   7.415   1.00 85.93  ? 51  ASP A O   1 
ATOM   240  C  CB  . ASP A 1 31  ? 9.099   8.141   7.085   1.00 106.95 ? 51  ASP A CB  1 
ATOM   241  C  CG  . ASP A 1 31  ? 10.276  8.011   7.997   1.00 119.23 ? 51  ASP A CG  1 
ATOM   242  O  OD1 . ASP A 1 31  ? 11.408  7.720   7.496   1.00 124.69 ? 51  ASP A OD1 1 
ATOM   243  O  OD2 . ASP A 1 31  ? 10.046  8.190   9.213   1.00 125.82 ? 51  ASP A OD2 1 
ATOM   244  N  N   . TYR A 1 32  ? 9.836   4.799   6.540   1.00 65.71  ? 52  TYR A N   1 
ATOM   245  C  CA  . TYR A 1 32  ? 9.763   3.400   6.964   1.00 65.06  ? 52  TYR A CA  1 
ATOM   246  C  C   . TYR A 1 32  ? 11.185  2.955   7.198   1.00 64.34  ? 52  TYR A C   1 
ATOM   247  O  O   . TYR A 1 32  ? 12.104  3.510   6.596   1.00 70.35  ? 52  TYR A O   1 
ATOM   248  C  CB  . TYR A 1 32  ? 9.173   2.539   5.817   1.00 68.47  ? 52  TYR A CB  1 
ATOM   249  C  CG  . TYR A 1 32  ? 9.840   2.804   4.437   1.00 62.66  ? 52  TYR A CG  1 
ATOM   250  C  CD1 . TYR A 1 32  ? 9.388   3.831   3.615   1.00 62.76  ? 52  TYR A CD1 1 
ATOM   251  C  CD2 . TYR A 1 32  ? 10.923  2.039   3.975   1.00 57.20  ? 52  TYR A CD2 1 
ATOM   252  C  CE1 . TYR A 1 32  ? 9.979   4.102   2.386   1.00 66.18  ? 52  TYR A CE1 1 
ATOM   253  C  CE2 . TYR A 1 32  ? 11.524  2.316   2.744   1.00 56.26  ? 52  TYR A CE2 1 
ATOM   254  C  CZ  . TYR A 1 32  ? 11.046  3.347   1.952   1.00 61.23  ? 52  TYR A CZ  1 
ATOM   255  O  OH  . TYR A 1 32  ? 11.602  3.668   0.715   1.00 68.64  ? 52  TYR A OH  1 
ATOM   256  N  N   . SER A 1 33  ? 11.392  1.954   8.038   1.00 68.45  ? 53  SER A N   1 
ATOM   257  C  CA  . SER A 1 33  ? 12.697  1.262   8.081   1.00 79.67  ? 53  SER A CA  1 
ATOM   258  C  C   . SER A 1 33  ? 12.555  -0.244  7.758   1.00 83.67  ? 53  SER A C   1 
ATOM   259  O  O   . SER A 1 33  ? 11.467  -0.821  7.909   1.00 87.02  ? 53  SER A O   1 
ATOM   260  C  CB  . SER A 1 33  ? 13.370  1.438   9.449   1.00 76.36  ? 53  SER A CB  1 
ATOM   261  O  OG  . SER A 1 33  ? 13.048  0.354   10.318  1.00 81.23  ? 53  SER A OG  1 
ATOM   262  N  N   . ALA A 1 34  ? 13.650  -0.875  7.338   1.00 78.85  ? 54  ALA A N   1 
ATOM   263  C  CA  . ALA A 1 34  ? 13.655  -2.313  7.124   1.00 75.98  ? 54  ALA A CA  1 
ATOM   264  C  C   . ALA A 1 34  ? 14.991  -2.911  7.412   1.00 71.82  ? 54  ALA A C   1 
ATOM   265  O  O   . ALA A 1 34  ? 16.019  -2.260  7.229   1.00 79.33  ? 54  ALA A O   1 
ATOM   266  C  CB  . ALA A 1 34  ? 13.261  -2.657  5.688   1.00 75.54  ? 54  ALA A CB  1 
ATOM   267  N  N   . VAL A 1 35  ? 14.926  -4.175  7.812   1.00 68.55  ? 55  VAL A N   1 
ATOM   268  C  CA  . VAL A 1 35  ? 16.043  -5.109  7.953   1.00 71.65  ? 55  VAL A CA  1 
ATOM   269  C  C   . VAL A 1 35  ? 15.877  -6.262  6.942   1.00 71.35  ? 55  VAL A C   1 
ATOM   270  O  O   . VAL A 1 35  ? 14.859  -6.967  6.927   1.00 76.63  ? 55  VAL A O   1 
ATOM   271  C  CB  . VAL A 1 35  ? 16.084  -5.688  9.391   1.00 74.58  ? 55  VAL A CB  1 
ATOM   272  C  CG1 . VAL A 1 35  ? 17.212  -6.699  9.581   1.00 64.18  ? 55  VAL A CG1 1 
ATOM   273  C  CG2 . VAL A 1 35  ? 16.171  -4.561  10.410  1.00 75.08  ? 55  VAL A CG2 1 
ATOM   274  N  N   . ILE A 1 36  ? 16.900  -6.444  6.118   1.00 70.41  ? 56  ILE A N   1 
ATOM   275  C  CA  . ILE A 1 36  ? 16.880  -7.361  4.979   1.00 65.28  ? 56  ILE A CA  1 
ATOM   276  C  C   . ILE A 1 36  ? 18.086  -8.337  4.903   1.00 67.10  ? 56  ILE A C   1 
ATOM   277  O  O   . ILE A 1 36  ? 19.229  -7.935  4.625   1.00 71.87  ? 56  ILE A O   1 
ATOM   278  C  CB  . ILE A 1 36  ? 16.783  -6.564  3.676   1.00 59.90  ? 56  ILE A CB  1 
ATOM   279  C  CG1 . ILE A 1 36  ? 15.694  -5.489  3.786   1.00 53.81  ? 56  ILE A CG1 1 
ATOM   280  C  CG2 . ILE A 1 36  ? 16.554  -7.532  2.521   1.00 63.44  ? 56  ILE A CG2 1 
ATOM   281  C  CD1 . ILE A 1 36  ? 15.645  -4.538  2.597   1.00 62.68  ? 56  ILE A CD1 1 
ATOM   282  N  N   . ASP A 1 37  ? 17.803  -9.615  5.137   1.00 66.10  ? 57  ASP A N   1 
ATOM   283  C  CA  . ASP A 1 37  ? 18.776  -10.688 5.042   1.00 67.72  ? 57  ASP A CA  1 
ATOM   284  C  C   . ASP A 1 37  ? 18.441  -11.602 3.889   1.00 72.67  ? 57  ASP A C   1 
ATOM   285  O  O   . ASP A 1 37  ? 17.449  -12.357 3.940   1.00 79.99  ? 57  ASP A O   1 
ATOM   286  C  CB  . ASP A 1 37  ? 18.785  -11.534 6.307   1.00 66.99  ? 57  ASP A CB  1 
ATOM   287  C  CG  . ASP A 1 37  ? 19.426  -10.822 7.498   1.00 79.18  ? 57  ASP A CG  1 
ATOM   288  O  OD1 . ASP A 1 37  ? 19.809  -9.607  7.363   1.00 66.12  ? 57  ASP A OD1 1 
ATOM   289  O  OD2 . ASP A 1 37  ? 19.536  -11.514 8.569   1.00 68.42  ? 57  ASP A OD2 1 
ATOM   290  N  N   . PHE A 1 38  ? 19.292  -11.562 2.872   1.00 65.34  ? 58  PHE A N   1 
ATOM   291  C  CA  . PHE A 1 38  ? 19.083  -12.340 1.665   1.00 67.95  ? 58  PHE A CA  1 
ATOM   292  C  C   . PHE A 1 38  ? 20.358  -13.049 1.189   1.00 71.12  ? 58  PHE A C   1 
ATOM   293  O  O   . PHE A 1 38  ? 21.433  -12.460 1.139   1.00 78.07  ? 58  PHE A O   1 
ATOM   294  C  CB  . PHE A 1 38  ? 18.526  -11.406 0.589   1.00 64.60  ? 58  PHE A CB  1 
ATOM   295  C  CG  . PHE A 1 38  ? 18.272  -12.062 -0.717  1.00 66.80  ? 58  PHE A CG  1 
ATOM   296  C  CD1 . PHE A 1 38  ? 17.147  -12.869 -0.897  1.00 62.48  ? 58  PHE A CD1 1 
ATOM   297  C  CD2 . PHE A 1 38  ? 19.156  -11.860 -1.797  1.00 70.44  ? 58  PHE A CD2 1 
ATOM   298  C  CE1 . PHE A 1 38  ? 16.914  -13.467 -2.142  1.00 72.09  ? 58  PHE A CE1 1 
ATOM   299  C  CE2 . PHE A 1 38  ? 18.922  -12.456 -3.039  1.00 67.55  ? 58  PHE A CE2 1 
ATOM   300  C  CZ  . PHE A 1 38  ? 17.797  -13.265 -3.211  1.00 63.99  ? 58  PHE A CZ  1 
ATOM   301  N  N   . ASP A 1 39  ? 20.205  -14.310 0.812   1.00 70.98  ? 59  ASP A N   1 
ATOM   302  C  CA  . ASP A 1 39  ? 21.303  -15.134 0.330   1.00 64.37  ? 59  ASP A CA  1 
ATOM   303  C  C   . ASP A 1 39  ? 21.291  -15.307 -1.175  1.00 65.90  ? 59  ASP A C   1 
ATOM   304  O  O   . ASP A 1 39  ? 20.625  -16.235 -1.685  1.00 65.39  ? 59  ASP A O   1 
ATOM   305  C  CB  . ASP A 1 39  ? 21.284  -16.517 0.993   1.00 60.88  ? 59  ASP A CB  1 
ATOM   306  C  CG  . ASP A 1 39  ? 22.462  -17.361 0.609   1.00 63.63  ? 59  ASP A CG  1 
ATOM   307  O  OD1 . ASP A 1 39  ? 23.521  -16.826 0.150   1.00 64.37  ? 59  ASP A OD1 1 
ATOM   308  O  OD2 . ASP A 1 39  ? 22.307  -18.580 0.761   1.00 69.91  ? 59  ASP A OD2 1 
ATOM   309  N  N   . PRO A 1 40  ? 22.103  -14.498 -1.882  1.00 65.03  ? 60  PRO A N   1 
ATOM   310  C  CA  . PRO A 1 40  ? 22.175  -14.620 -3.344  1.00 62.52  ? 60  PRO A CA  1 
ATOM   311  C  C   . PRO A 1 40  ? 22.625  -15.997 -3.832  1.00 58.97  ? 60  PRO A C   1 
ATOM   312  O  O   . PRO A 1 40  ? 22.306  -16.368 -4.949  1.00 60.88  ? 60  PRO A O   1 
ATOM   313  C  CB  . PRO A 1 40  ? 23.188  -13.550 -3.746  1.00 60.83  ? 60  PRO A CB  1 
ATOM   314  C  CG  . PRO A 1 40  ? 23.507  -12.781 -2.496  1.00 58.73  ? 60  PRO A CG  1 
ATOM   315  C  CD  . PRO A 1 40  ? 23.224  -13.701 -1.363  1.00 60.30  ? 60  PRO A CD  1 
ATOM   316  N  N   . ALA A 1 41  ? 23.318  -16.774 -3.004  1.00 62.46  ? 61  ALA A N   1 
ATOM   317  C  CA  . ALA A 1 41  ? 23.706  -18.139 -3.427  1.00 68.58  ? 61  ALA A CA  1 
ATOM   318  C  C   . ALA A 1 41  ? 22.501  -19.014 -3.717  1.00 69.25  ? 61  ALA A C   1 
ATOM   319  O  O   . ALA A 1 41  ? 22.512  -19.802 -4.657  1.00 64.58  ? 61  ALA A O   1 
ATOM   320  C  CB  . ALA A 1 41  ? 24.609  -18.824 -2.404  1.00 72.59  ? 61  ALA A CB  1 
ATOM   321  N  N   . SER A 1 42  ? 21.469  -18.871 -2.891  1.00 72.96  ? 62  SER A N   1 
ATOM   322  C  CA  . SER A 1 42  ? 20.304  -19.737 -2.971  1.00 65.28  ? 62  SER A CA  1 
ATOM   323  C  C   . SER A 1 42  ? 19.016  -18.980 -3.323  1.00 61.24  ? 62  SER A C   1 
ATOM   324  O  O   . SER A 1 42  ? 17.980  -19.596 -3.454  1.00 67.31  ? 62  SER A O   1 
ATOM   325  C  CB  . SER A 1 42  ? 20.138  -20.504 -1.677  1.00 51.62  ? 62  SER A CB  1 
ATOM   326  O  OG  . SER A 1 42  ? 19.976  -19.559 -0.652  1.00 58.74  ? 62  SER A OG  1 
ATOM   327  N  N   . ALA A 1 43  ? 19.089  -17.663 -3.497  1.00 62.30  ? 63  ALA A N   1 
ATOM   328  C  CA  . ALA A 1 43  ? 17.899  -16.805 -3.732  1.00 66.03  ? 63  ALA A CA  1 
ATOM   329  C  C   . ALA A 1 43  ? 16.757  -17.018 -2.714  1.00 63.88  ? 63  ALA A C   1 
ATOM   330  O  O   . ALA A 1 43  ? 15.607  -17.303 -3.087  1.00 74.28  ? 63  ALA A O   1 
ATOM   331  C  CB  . ALA A 1 43  ? 17.401  -16.959 -5.161  1.00 67.09  ? 63  ALA A CB  1 
ATOM   332  N  N   . GLU A 1 44  ? 17.121  -16.914 -1.440  1.00 58.37  ? 64  GLU A N   1 
ATOM   333  C  CA  . GLU A 1 44  ? 16.234  -17.028 -0.302  1.00 60.02  ? 64  GLU A CA  1 
ATOM   334  C  C   . GLU A 1 44  ? 16.357  -15.854 0.639   1.00 66.89  ? 64  GLU A C   1 
ATOM   335  O  O   . GLU A 1 44  ? 17.460  -15.397 0.938   1.00 65.67  ? 64  GLU A O   1 
ATOM   336  C  CB  . GLU A 1 44  ? 16.551  -18.275 0.449   1.00 55.52  ? 64  GLU A CB  1 
ATOM   337  C  CG  . GLU A 1 44  ? 16.172  -19.457 -0.405  1.00 67.35  ? 64  GLU A CG  1 
ATOM   338  C  CD  . GLU A 1 44  ? 16.396  -20.765 0.282   1.00 77.32  ? 64  GLU A CD  1 
ATOM   339  O  OE1 . GLU A 1 44  ? 17.396  -20.901 1.017   1.00 92.96  ? 64  GLU A OE1 1 
ATOM   340  O  OE2 . GLU A 1 44  ? 15.572  -21.662 0.067   1.00 81.57  ? 64  GLU A OE2 1 
ATOM   341  N  N   . PHE A 1 45  ? 15.209  -15.348 1.087   1.00 67.19  ? 65  PHE A N   1 
ATOM   342  C  CA  . PHE A 1 45  ? 15.198  -14.374 2.158   1.00 56.33  ? 65  PHE A CA  1 
ATOM   343  C  C   . PHE A 1 45  ? 15.306  -15.105 3.472   1.00 56.69  ? 65  PHE A C   1 
ATOM   344  O  O   . PHE A 1 45  ? 14.795  -16.239 3.622   1.00 51.39  ? 65  PHE A O   1 
ATOM   345  C  CB  . PHE A 1 45  ? 13.952  -13.559 2.099   1.00 50.25  ? 65  PHE A CB  1 
ATOM   346  C  CG  . PHE A 1 45  ? 13.921  -12.584 0.957   1.00 47.64  ? 65  PHE A CG  1 
ATOM   347  C  CD1 . PHE A 1 45  ? 13.435  -12.954 -0.280  1.00 49.08  ? 65  PHE A CD1 1 
ATOM   348  C  CD2 . PHE A 1 45  ? 14.317  -11.267 1.139   1.00 43.74  ? 65  PHE A CD2 1 
ATOM   349  C  CE1 . PHE A 1 45  ? 13.384  -12.020 -1.332  1.00 51.62  ? 65  PHE A CE1 1 
ATOM   350  C  CE2 . PHE A 1 45  ? 14.272  -10.329 0.101   1.00 46.60  ? 65  PHE A CE2 1 
ATOM   351  C  CZ  . PHE A 1 45  ? 13.797  -10.699 -1.143  1.00 46.77  ? 65  PHE A CZ  1 
ATOM   352  N  N   . LYS A 1 46  ? 16.022  -14.479 4.411   1.00 62.89  ? 66  LYS A N   1 
ATOM   353  C  CA  . LYS A 1 46  ? 16.297  -15.098 5.742   1.00 68.76  ? 66  LYS A CA  1 
ATOM   354  C  C   . LYS A 1 46  ? 15.599  -14.310 6.840   1.00 62.97  ? 66  LYS A C   1 
ATOM   355  O  O   . LYS A 1 46  ? 15.104  -14.887 7.812   1.00 57.91  ? 66  LYS A O   1 
ATOM   356  C  CB  . LYS A 1 46  ? 17.818  -15.221 6.034   1.00 82.43  ? 66  LYS A CB  1 
ATOM   357  C  CG  . LYS A 1 46  ? 18.685  -16.016 5.029   1.00 90.84  ? 66  LYS A CG  1 
ATOM   358  C  CD  . LYS A 1 46  ? 18.450  -17.530 5.113   1.00 96.60  ? 66  LYS A CD  1 
ATOM   359  C  CE  . LYS A 1 46  ? 19.551  -18.328 4.426   1.00 110.72 ? 66  LYS A CE  1 
ATOM   360  N  NZ  . LYS A 1 46  ? 19.200  -19.772 4.292   1.00 101.13 ? 66  LYS A NZ  1 
ATOM   361  N  N   . LYS A 1 47  ? 15.542  -12.990 6.659   1.00 59.24  ? 67  LYS A N   1 
ATOM   362  C  CA  . LYS A 1 47  ? 14.848  -12.113 7.576   1.00 59.19  ? 67  LYS A CA  1 
ATOM   363  C  C   . LYS A 1 47  ? 14.338  -10.931 6.757   1.00 62.70  ? 67  LYS A C   1 
ATOM   364  O  O   . LYS A 1 47  ? 15.060  -10.379 5.923   1.00 59.46  ? 67  LYS A O   1 
ATOM   365  C  CB  . LYS A 1 47  ? 15.847  -11.645 8.609   1.00 60.17  ? 67  LYS A CB  1 
ATOM   366  C  CG  . LYS A 1 47  ? 15.345  -11.125 9.940   1.00 73.59  ? 67  LYS A CG  1 
ATOM   367  C  CD  . LYS A 1 47  ? 16.485  -10.337 10.602  1.00 80.34  ? 67  LYS A CD  1 
ATOM   368  C  CE  . LYS A 1 47  ? 16.145  -9.814  11.994  1.00 101.28 ? 67  LYS A CE  1 
ATOM   369  N  NZ  . LYS A 1 47  ? 16.113  -10.884 13.038  1.00 111.26 ? 67  LYS A NZ  1 
ATOM   370  N  N   . LEU A 1 48  ? 13.077  -10.560 6.966   1.00 71.24  ? 68  LEU A N   1 
ATOM   371  C  CA  . LEU A 1 48  ? 12.563  -9.294  6.420   1.00 66.19  ? 68  LEU A CA  1 
ATOM   372  C  C   . LEU A 1 48  ? 11.604  -8.699  7.427   1.00 64.17  ? 68  LEU A C   1 
ATOM   373  O  O   . LEU A 1 48  ? 10.545  -9.265  7.690   1.00 63.34  ? 68  LEU A O   1 
ATOM   374  C  CB  . LEU A 1 48  ? 11.880  -9.478  5.076   1.00 58.34  ? 68  LEU A CB  1 
ATOM   375  C  CG  . LEU A 1 48  ? 11.547  -8.127  4.508   1.00 59.97  ? 68  LEU A CG  1 
ATOM   376  C  CD1 . LEU A 1 48  ? 12.792  -7.657  3.831   1.00 73.85  ? 68  LEU A CD1 1 
ATOM   377  C  CD2 . LEU A 1 48  ? 10.519  -8.332  3.453   1.00 67.61  ? 68  LEU A CD2 1 
ATOM   378  N  N   . ASP A 1 49  ? 12.015  -7.575  8.001   1.00 65.98  ? 69  ASP A N   1 
ATOM   379  C  CA  . ASP A 1 49  ? 11.279  -6.890  9.068   1.00 61.11  ? 69  ASP A CA  1 
ATOM   380  C  C   . ASP A 1 49  ? 11.168  -5.443  8.671   1.00 60.19  ? 69  ASP A C   1 
ATOM   381  O  O   . ASP A 1 49  ? 12.171  -4.774  8.422   1.00 65.02  ? 69  ASP A O   1 
ATOM   382  C  CB  . ASP A 1 49  ? 11.987  -7.020  10.415  1.00 60.23  ? 69  ASP A CB  1 
ATOM   383  C  CG  . ASP A 1 49  ? 12.028  -8.474  10.951  1.00 72.58  ? 69  ASP A CG  1 
ATOM   384  O  OD1 . ASP A 1 49  ? 11.226  -9.343  10.538  1.00 79.74  ? 69  ASP A OD1 1 
ATOM   385  O  OD2 . ASP A 1 49  ? 12.886  -8.762  11.818  1.00 78.00  ? 69  ASP A OD2 1 
ATOM   386  N  N   . VAL A 1 50  ? 9.940   -4.972  8.547   1.00 61.22  ? 70  VAL A N   1 
ATOM   387  C  CA  . VAL A 1 50  ? 9.686   -3.601  8.081   1.00 64.42  ? 70  VAL A CA  1 
ATOM   388  C  C   . VAL A 1 50  ? 8.829   -2.858  9.126   1.00 63.69  ? 70  VAL A C   1 
ATOM   389  O  O   . VAL A 1 50  ? 7.902   -3.459  9.692   1.00 60.32  ? 70  VAL A O   1 
ATOM   390  C  CB  . VAL A 1 50  ? 9.005   -3.606  6.695   1.00 61.70  ? 70  VAL A CB  1 
ATOM   391  C  CG1 . VAL A 1 50  ? 8.790   -2.210  6.193   1.00 54.94  ? 70  VAL A CG1 1 
ATOM   392  C  CG2 . VAL A 1 50  ? 9.850   -4.348  5.686   1.00 69.06  ? 70  VAL A CG2 1 
ATOM   393  N  N   . THR A 1 51  ? 9.171   -1.592  9.409   1.00 61.19  ? 71  THR A N   1 
ATOM   394  C  CA  . THR A 1 51  ? 8.316   -0.685  10.208  1.00 62.57  ? 71  THR A CA  1 
ATOM   395  C  C   . THR A 1 51  ? 8.031   0.531   9.378   1.00 62.26  ? 71  THR A C   1 
ATOM   396  O  O   . THR A 1 51  ? 8.932   1.102   8.752   1.00 56.92  ? 71  THR A O   1 
ATOM   397  C  CB  . THR A 1 51  ? 8.967   -0.230  11.514  1.00 63.22  ? 71  THR A CB  1 
ATOM   398  O  OG1 . THR A 1 51  ? 9.348   -1.379  12.251  1.00 74.77  ? 71  THR A OG1 1 
ATOM   399  C  CG2 . THR A 1 51  ? 7.992   0.522   12.371  1.00 63.91  ? 71  THR A CG2 1 
ATOM   400  N  N   . ILE A 1 52  ? 6.762   0.912   9.373   1.00 63.82  ? 72  ILE A N   1 
ATOM   401  C  CA  . ILE A 1 52  ? 6.302   1.997   8.542   1.00 67.92  ? 72  ILE A CA  1 
ATOM   402  C  C   . ILE A 1 52  ? 5.654   2.977   9.462   1.00 65.96  ? 72  ILE A C   1 
ATOM   403  O  O   . ILE A 1 52  ? 4.810   2.563   10.264  1.00 61.03  ? 72  ILE A O   1 
ATOM   404  C  CB  . ILE A 1 52  ? 5.247   1.495   7.557   1.00 68.26  ? 72  ILE A CB  1 
ATOM   405  C  CG1 . ILE A 1 52  ? 5.907   0.579   6.543   1.00 71.06  ? 72  ILE A CG1 1 
ATOM   406  C  CG2 . ILE A 1 52  ? 4.612   2.657   6.820   1.00 58.84  ? 72  ILE A CG2 1 
ATOM   407  C  CD1 . ILE A 1 52  ? 4.962   -0.497  6.088   1.00 77.37  ? 72  ILE A CD1 1 
ATOM   408  N  N   . LYS A 1 53  ? 6.035   4.256   9.327   1.00 68.73  ? 73  LYS A N   1 
ATOM   409  C  CA  . LYS A 1 53  ? 5.397   5.367   10.074  1.00 75.08  ? 73  LYS A CA  1 
ATOM   410  C  C   . LYS A 1 53  ? 4.142   5.829   9.324   1.00 75.83  ? 73  LYS A C   1 
ATOM   411  O  O   . LYS A 1 53  ? 4.219   6.474   8.248   1.00 64.40  ? 73  LYS A O   1 
ATOM   412  C  CB  . LYS A 1 53  ? 6.364   6.539   10.376  1.00 73.19  ? 73  LYS A CB  1 
ATOM   413  C  CG  . LYS A 1 53  ? 7.666   6.106   11.039  1.00 82.94  ? 73  LYS A CG  1 
ATOM   414  C  CD  . LYS A 1 53  ? 8.204   7.078   12.086  1.00 94.25  ? 73  LYS A CD  1 
ATOM   415  C  CE  . LYS A 1 53  ? 8.910   6.338   13.240  1.00 98.15  ? 73  LYS A CE  1 
ATOM   416  N  NZ  . LYS A 1 53  ? 8.005   5.434   14.037  1.00 79.80  ? 73  LYS A NZ  1 
ATOM   417  N  N   . ILE A 1 54  ? 2.994   5.458   9.902   1.00 69.07  ? 74  ILE A N   1 
ATOM   418  C  CA  . ILE A 1 54  ? 1.677   5.807   9.386   1.00 69.42  ? 74  ILE A CA  1 
ATOM   419  C  C   . ILE A 1 54  ? 1.630   7.303   9.005   1.00 77.26  ? 74  ILE A C   1 
ATOM   420  O  O   . ILE A 1 54  ? 1.185   7.666   7.913   1.00 79.51  ? 74  ILE A O   1 
ATOM   421  C  CB  . ILE A 1 54  ? 0.570   5.420   10.417  1.00 72.71  ? 74  ILE A CB  1 
ATOM   422  C  CG1 . ILE A 1 54  ? 0.335   3.911   10.454  1.00 68.72  ? 74  ILE A CG1 1 
ATOM   423  C  CG2 . ILE A 1 54  ? -0.740  6.136   10.132  1.00 74.93  ? 74  ILE A CG2 1 
ATOM   424  C  CD1 . ILE A 1 54  ? 0.458   3.244   9.086   1.00 74.29  ? 74  ILE A CD1 1 
ATOM   425  N  N   . ALA A 1 55  ? 2.125   8.154   9.909   1.00 82.91  ? 75  ALA A N   1 
ATOM   426  C  CA  . ALA A 1 55  ? 2.284   9.601   9.681   1.00 80.42  ? 75  ALA A CA  1 
ATOM   427  C  C   . ALA A 1 55  ? 2.829   9.998   8.287   1.00 82.01  ? 75  ALA A C   1 
ATOM   428  O  O   . ALA A 1 55  ? 2.578   11.106  7.824   1.00 85.38  ? 75  ALA A O   1 
ATOM   429  C  CB  . ALA A 1 55  ? 3.161   10.212  10.783  1.00 71.03  ? 75  ALA A CB  1 
ATOM   430  N  N   . SER A 1 56  ? 3.573   9.112   7.627   1.00 70.56  ? 76  SER A N   1 
ATOM   431  C  CA  . SER A 1 56  ? 4.284   9.507   6.424   1.00 69.68  ? 76  SER A CA  1 
ATOM   432  C  C   . SER A 1 56  ? 3.547   9.120   5.143   1.00 73.73  ? 76  SER A C   1 
ATOM   433  O  O   . SER A 1 56  ? 4.112   9.226   4.034   1.00 78.14  ? 76  SER A O   1 
ATOM   434  C  CB  . SER A 1 56  ? 5.733   8.989   6.433   1.00 74.51  ? 76  SER A CB  1 
ATOM   435  O  OG  . SER A 1 56  ? 5.797   7.579   6.382   1.00 71.61  ? 76  SER A OG  1 
ATOM   436  N  N   . VAL A 1 57  ? 2.285   8.712   5.306   1.00 64.80  ? 77  VAL A N   1 
ATOM   437  C  CA  . VAL A 1 57  ? 1.413   8.365   4.196   1.00 70.32  ? 77  VAL A CA  1 
ATOM   438  C  C   . VAL A 1 57  ? 1.290   9.488   3.148   1.00 76.31  ? 77  VAL A C   1 
ATOM   439  O  O   . VAL A 1 57  ? 1.394   10.668  3.460   1.00 82.51  ? 77  VAL A O   1 
ATOM   440  C  CB  . VAL A 1 57  ? 0.045   7.851   4.713   1.00 69.19  ? 77  VAL A CB  1 
ATOM   441  C  CG1 . VAL A 1 57  ? -0.826  8.979   5.223   1.00 75.15  ? 77  VAL A CG1 1 
ATOM   442  C  CG2 . VAL A 1 57  ? -0.688  7.043   3.646   1.00 73.98  ? 77  VAL A CG2 1 
ATOM   443  N  N   . ASN A 1 58  ? 1.105   9.113   1.894   1.00 82.90  ? 78  ASN A N   1 
ATOM   444  C  CA  . ASN A 1 58  ? 0.985   10.092  0.832   1.00 81.78  ? 78  ASN A CA  1 
ATOM   445  C  C   . ASN A 1 58  ? 0.111   9.515   -0.285  1.00 79.69  ? 78  ASN A C   1 
ATOM   446  O  O   . ASN A 1 58  ? 0.498   8.584   -0.995  1.00 76.88  ? 78  ASN A O   1 
ATOM   447  C  CB  . ASN A 1 58  ? 2.382   10.519  0.345   1.00 75.20  ? 78  ASN A CB  1 
ATOM   448  C  CG  . ASN A 1 58  ? 2.340   11.359  -0.919  1.00 91.80  ? 78  ASN A CG  1 
ATOM   449  O  OD1 . ASN A 1 58  ? 1.299   11.934  -1.301  1.00 102.33 ? 78  ASN A OD1 1 
ATOM   450  N  ND2 . ASN A 1 58  ? 3.485   11.439  -1.588  1.00 89.28  ? 78  ASN A ND2 1 
ATOM   451  N  N   . THR A 1 59  ? -1.076  10.075  -0.417  1.00 78.11  ? 79  THR A N   1 
ATOM   452  C  CA  . THR A 1 59  ? -1.983  9.656   -1.461  1.00 82.24  ? 79  THR A CA  1 
ATOM   453  C  C   . THR A 1 59  ? -2.228  10.837  -2.386  1.00 89.48  ? 79  THR A C   1 
ATOM   454  O  O   . THR A 1 59  ? -3.353  11.035  -2.881  1.00 93.69  ? 79  THR A O   1 
ATOM   455  C  CB  . THR A 1 59  ? -3.298  9.113   -0.886  1.00 79.99  ? 79  THR A CB  1 
ATOM   456  O  OG1 . THR A 1 59  ? -3.821  10.052  0.059   1.00 85.04  ? 79  THR A OG1 1 
ATOM   457  C  CG2 . THR A 1 59  ? -3.078  7.809   -0.184  1.00 80.87  ? 79  THR A CG2 1 
ATOM   458  N  N   . GLU A 1 60  ? -1.156  11.611  -2.604  1.00 92.91  ? 80  GLU A N   1 
ATOM   459  C  CA  . GLU A 1 60  ? -1.147  12.788  -3.485  1.00 106.06 ? 80  GLU A CA  1 
ATOM   460  C  C   . GLU A 1 60  ? -2.254  13.826  -3.206  1.00 115.09 ? 80  GLU A C   1 
ATOM   461  O  O   . GLU A 1 60  ? -2.800  14.436  -4.136  1.00 133.88 ? 80  GLU A O   1 
ATOM   462  C  CB  . GLU A 1 60  ? -1.148  12.350  -4.965  1.00 116.64 ? 80  GLU A CB  1 
ATOM   463  C  CG  . GLU A 1 60  ? 0.221   11.971  -5.505  1.00 120.70 ? 80  GLU A CG  1 
ATOM   464  C  CD  . GLU A 1 60  ? 1.319   12.853  -4.937  1.00 127.71 ? 80  GLU A CD  1 
ATOM   465  O  OE1 . GLU A 1 60  ? 1.298   14.069  -5.187  1.00 141.70 ? 80  GLU A OE1 1 
ATOM   466  O  OE2 . GLU A 1 60  ? 2.199   12.345  -4.218  1.00 136.93 ? 80  GLU A OE2 1 
ATOM   467  N  N   . ASN A 1 61  ? -2.562  14.026  -1.921  1.00 111.23 ? 81  ASN A N   1 
ATOM   468  C  CA  . ASN A 1 61  ? -3.706  14.833  -1.479  1.00 102.75 ? 81  ASN A CA  1 
ATOM   469  C  C   . ASN A 1 61  ? -3.518  15.098  0.016   1.00 107.82 ? 81  ASN A C   1 
ATOM   470  O  O   . ASN A 1 61  ? -3.668  14.170  0.830   1.00 116.03 ? 81  ASN A O   1 
ATOM   471  C  CB  . ASN A 1 61  ? -5.028  14.083  -1.799  1.00 89.70  ? 81  ASN A CB  1 
ATOM   472  C  CG  . ASN A 1 61  ? -6.224  14.542  -0.960  1.00 96.45  ? 81  ASN A CG  1 
ATOM   473  O  OD1 . ASN A 1 61  ? -6.091  15.123  0.128   1.00 105.06 ? 81  ASN A OD1 1 
ATOM   474  N  ND2 . ASN A 1 61  ? -7.421  14.233  -1.455  1.00 86.86  ? 81  ASN A ND2 1 
ATOM   475  N  N   . GLN A 1 62  ? -3.215  16.356  0.372   1.00 104.25 ? 82  GLN A N   1 
ATOM   476  C  CA  . GLN A 1 62  ? -2.902  16.709  1.772   1.00 104.93 ? 82  GLN A CA  1 
ATOM   477  C  C   . GLN A 1 62  ? -4.058  16.470  2.793   1.00 104.27 ? 82  GLN A C   1 
ATOM   478  O  O   . GLN A 1 62  ? -3.802  15.958  3.884   1.00 97.79  ? 82  GLN A O   1 
ATOM   479  C  CB  . GLN A 1 62  ? -2.233  18.097  1.915   1.00 97.02  ? 82  GLN A CB  1 
ATOM   480  N  N   . THR A 1 63  ? -5.310  16.798  2.458   1.00 105.00 ? 83  THR A N   1 
ATOM   481  C  CA  . THR A 1 63  ? -6.379  16.643  3.478   1.00 115.57 ? 83  THR A CA  1 
ATOM   482  C  C   . THR A 1 63  ? -6.857  15.193  3.657   1.00 104.47 ? 83  THR A C   1 
ATOM   483  O  O   . THR A 1 63  ? -7.375  14.844  4.728   1.00 111.31 ? 83  THR A O   1 
ATOM   484  C  CB  . THR A 1 63  ? -7.569  17.683  3.419   1.00 120.31 ? 83  THR A CB  1 
ATOM   485  O  OG1 . THR A 1 63  ? -8.122  17.755  2.095   1.00 124.52 ? 83  THR A OG1 1 
ATOM   486  C  CG2 . THR A 1 63  ? -7.153  19.122  3.951   1.00 112.82 ? 83  THR A CG2 1 
ATOM   487  N  N   . ARG A 1 64  ? -6.669  14.348  2.642   1.00 97.09  ? 84  ARG A N   1 
ATOM   488  C  CA  . ARG A 1 64  ? -7.021  12.930  2.794   1.00 99.44  ? 84  ARG A CA  1 
ATOM   489  C  C   . ARG A 1 64  ? -6.001  12.242  3.695   1.00 97.71  ? 84  ARG A C   1 
ATOM   490  O  O   . ARG A 1 64  ? -6.364  11.440  4.564   1.00 87.53  ? 84  ARG A O   1 
ATOM   491  C  CB  . ARG A 1 64  ? -7.098  12.193  1.464   1.00 98.00  ? 84  ARG A CB  1 
ATOM   492  C  CG  . ARG A 1 64  ? -7.915  10.909  1.558   1.00 100.85 ? 84  ARG A CG  1 
ATOM   493  C  CD  . ARG A 1 64  ? -7.309  9.817   0.702   1.00 95.48  ? 84  ARG A CD  1 
ATOM   494  N  NE  . ARG A 1 64  ? -7.684  9.920   -0.713  1.00 103.29 ? 84  ARG A NE  1 
ATOM   495  C  CZ  . ARG A 1 64  ? -6.889  10.377  -1.690  1.00 92.32  ? 84  ARG A CZ  1 
ATOM   496  N  NH1 . ARG A 1 64  ? -5.667  10.810  -1.439  1.00 88.84  ? 84  ARG A NH1 1 
ATOM   497  N  NH2 . ARG A 1 64  ? -7.320  10.419  -2.939  1.00 78.60  ? 84  ARG A NH2 1 
ATOM   498  N  N   . ASP A 1 65  ? -4.732  12.572  3.473   1.00 85.33  ? 85  ASP A N   1 
ATOM   499  C  CA  . ASP A 1 65  ? -3.641  12.089  4.292   1.00 84.78  ? 85  ASP A CA  1 
ATOM   500  C  C   . ASP A 1 65  ? -3.888  12.317  5.804   1.00 89.81  ? 85  ASP A C   1 
ATOM   501  O  O   . ASP A 1 65  ? -3.895  11.349  6.592   1.00 92.44  ? 85  ASP A O   1 
ATOM   502  C  CB  . ASP A 1 65  ? -2.322  12.662  3.757   1.00 86.66  ? 85  ASP A CB  1 
ATOM   503  C  CG  . ASP A 1 65  ? -2.007  12.165  2.312   1.00 100.18 ? 85  ASP A CG  1 
ATOM   504  O  OD1 . ASP A 1 65  ? -2.587  11.129  1.880   1.00 90.48  ? 85  ASP A OD1 1 
ATOM   505  O  OD2 . ASP A 1 65  ? -1.189  12.815  1.606   1.00 98.87  ? 85  ASP A OD2 1 
ATOM   506  N  N   . ASN A 1 66  ? -4.174  13.567  6.182   1.00 85.47  ? 86  ASN A N   1 
ATOM   507  C  CA  . ASN A 1 66  ? -4.573  13.894  7.555   1.00 85.29  ? 86  ASN A CA  1 
ATOM   508  C  C   . ASN A 1 66  ? -5.730  13.051  8.003   1.00 77.09  ? 86  ASN A C   1 
ATOM   509  O  O   . ASN A 1 66  ? -5.739  12.567  9.127   1.00 84.43  ? 86  ASN A O   1 
ATOM   510  C  CB  . ASN A 1 66  ? -5.004  15.353  7.720   1.00 96.16  ? 86  ASN A CB  1 
ATOM   511  C  CG  . ASN A 1 66  ? -4.000  16.339  7.167   1.00 107.75 ? 86  ASN A CG  1 
ATOM   512  O  OD1 . ASN A 1 66  ? -2.777  16.096  7.135   1.00 101.23 ? 86  ASN A OD1 1 
ATOM   513  N  ND2 . ASN A 1 66  ? -4.521  17.481  6.724   1.00 120.60 ? 86  ASN A ND2 1 
ATOM   514  N  N   . HIS A 1 67  ? -6.712  12.873  7.132   1.00 70.77  ? 87  HIS A N   1 
ATOM   515  C  CA  . HIS A 1 67  ? -7.910  12.157  7.530   1.00 79.27  ? 87  HIS A CA  1 
ATOM   516  C  C   . HIS A 1 67  ? -7.577  10.686  7.905   1.00 86.43  ? 87  HIS A C   1 
ATOM   517  O  O   . HIS A 1 67  ? -8.206  10.091  8.814   1.00 79.61  ? 87  HIS A O   1 
ATOM   518  C  CB  . HIS A 1 67  ? -9.028  12.318  6.469   1.00 83.69  ? 87  HIS A CB  1 
ATOM   519  C  CG  . HIS A 1 67  ? -10.352 11.727  6.886   1.00 101.57 ? 87  HIS A CG  1 
ATOM   520  N  ND1 . HIS A 1 67  ? -11.135 10.931  6.044   1.00 120.27 ? 87  HIS A ND1 1 
ATOM   521  C  CD2 . HIS A 1 67  ? -11.012 11.777  8.071   1.00 105.46 ? 87  HIS A CD2 1 
ATOM   522  C  CE1 . HIS A 1 67  ? -12.218 10.543  6.687   1.00 114.62 ? 87  HIS A CE1 1 
ATOM   523  N  NE2 . HIS A 1 67  ? -12.169 11.020  7.924   1.00 109.24 ? 87  HIS A NE2 1 
ATOM   524  N  N   . LEU A 1 68  ? -6.542  10.142  7.236   1.00 94.83  ? 88  LEU A N   1 
ATOM   525  C  CA  . LEU A 1 68  ? -6.092  8.743   7.389   1.00 85.73  ? 88  LEU A CA  1 
ATOM   526  C  C   . LEU A 1 68  ? -5.547  8.455   8.785   1.00 89.90  ? 88  LEU A C   1 
ATOM   527  O  O   . LEU A 1 68  ? -5.752  7.357   9.330   1.00 79.66  ? 88  LEU A O   1 
ATOM   528  C  CB  . LEU A 1 68  ? -5.051  8.386   6.324   1.00 73.84  ? 88  LEU A CB  1 
ATOM   529  C  CG  . LEU A 1 68  ? -5.622  8.167   4.911   1.00 64.32  ? 88  LEU A CG  1 
ATOM   530  C  CD1 . LEU A 1 68  ? -4.539  8.207   3.845   1.00 67.47  ? 88  LEU A CD1 1 
ATOM   531  C  CD2 . LEU A 1 68  ? -6.449  6.911   4.787   1.00 56.53  ? 88  LEU A CD2 1 
ATOM   532  N  N   . GLN A 1 69  ? -4.887  9.469   9.350   1.00 77.86  ? 89  GLN A N   1 
ATOM   533  C  CA  . GLN A 1 69  ? -4.457  9.492   10.746  1.00 69.63  ? 89  GLN A CA  1 
ATOM   534  C  C   . GLN A 1 69  ? -5.550  9.395   11.844  1.00 66.58  ? 89  GLN A C   1 
ATOM   535  O  O   . GLN A 1 69  ? -5.230  9.028   12.969  1.00 75.62  ? 89  GLN A O   1 
ATOM   536  C  CB  . GLN A 1 69  ? -3.589  10.696  10.968  1.00 61.47  ? 89  GLN A CB  1 
ATOM   537  C  CG  . GLN A 1 69  ? -2.766  11.035  9.744   1.00 68.98  ? 89  GLN A CG  1 
ATOM   538  C  CD  . GLN A 1 69  ? -1.424  10.375  9.780   1.00 86.01  ? 89  GLN A CD  1 
ATOM   539  O  OE1 . GLN A 1 69  ? -0.709  10.462  10.777  1.00 108.32 ? 89  GLN A OE1 1 
ATOM   540  N  NE2 . GLN A 1 69  ? -1.062  9.714   8.698   1.00 96.48  ? 89  GLN A NE2 1 
ATOM   541  N  N   . GLN A 1 70  ? -6.816  9.666   11.518  1.00 67.56  ? 90  GLN A N   1 
ATOM   542  C  CA  . GLN A 1 70  ? -7.915  9.797   12.519  1.00 70.37  ? 90  GLN A CA  1 
ATOM   543  C  C   . GLN A 1 70  ? -8.563  8.464   12.901  1.00 66.16  ? 90  GLN A C   1 
ATOM   544  O  O   . GLN A 1 70  ? -8.296  7.468   12.266  1.00 72.39  ? 90  GLN A O   1 
ATOM   545  C  CB  . GLN A 1 70  ? -9.009  10.798  12.020  1.00 91.09  ? 90  GLN A CB  1 
ATOM   546  C  CG  . GLN A 1 70  ? -8.567  12.192  11.520  1.00 95.73  ? 90  GLN A CG  1 
ATOM   547  C  CD  . GLN A 1 70  ? -7.434  12.828  12.343  1.00 109.40 ? 90  GLN A CD  1 
ATOM   548  O  OE1 . GLN A 1 70  ? -7.490  12.884  13.587  1.00 119.71 ? 90  GLN A OE1 1 
ATOM   549  N  NE2 . GLN A 1 70  ? -6.399  13.318  11.649  1.00 95.54  ? 90  GLN A NE2 1 
ATOM   550  N  N   . ASP A 1 71  ? -9.440  8.470   13.909  1.00 70.44  ? 91  ASP A N   1 
ATOM   551  C  CA  . ASP A 1 71  ? -10.164 7.273   14.443  1.00 83.16  ? 91  ASP A CA  1 
ATOM   552  C  C   . ASP A 1 71  ? -10.755 6.283   13.472  1.00 84.33  ? 91  ASP A C   1 
ATOM   553  O  O   . ASP A 1 71  ? -10.832 5.079   13.764  1.00 100.87 ? 91  ASP A O   1 
ATOM   554  C  CB  . ASP A 1 71  ? -11.351 7.688   15.331  1.00 94.71  ? 91  ASP A CB  1 
ATOM   555  C  CG  . ASP A 1 71  ? -10.945 8.089   16.716  1.00 112.86 ? 91  ASP A CG  1 
ATOM   556  O  OD1 . ASP A 1 71  ? -9.839  8.684   16.886  1.00 127.68 ? 91  ASP A OD1 1 
ATOM   557  O  OD2 . ASP A 1 71  ? -11.769 7.822   17.636  1.00 128.16 ? 91  ASP A OD2 1 
ATOM   558  N  N   . ASP A 1 72  ? -11.262 6.801   12.364  1.00 95.05  ? 92  ASP A N   1 
ATOM   559  C  CA  . ASP A 1 72  ? -12.027 5.982   11.428  1.00 107.98 ? 92  ASP A CA  1 
ATOM   560  C  C   . ASP A 1 72  ? -11.077 5.267   10.445  1.00 96.74  ? 92  ASP A C   1 
ATOM   561  O  O   . ASP A 1 72  ? -11.515 4.416   9.661   1.00 89.43  ? 92  ASP A O   1 
ATOM   562  C  CB  . ASP A 1 72  ? -13.173 6.793   10.756  1.00 117.60 ? 92  ASP A CB  1 
ATOM   563  C  CG  . ASP A 1 72  ? -12.820 8.296   10.491  1.00 126.02 ? 92  ASP A CG  1 
ATOM   564  O  OD1 . ASP A 1 72  ? -11.690 8.799   10.789  1.00 122.82 ? 92  ASP A OD1 1 
ATOM   565  O  OD2 . ASP A 1 72  ? -13.713 8.982   9.952   1.00 115.86 ? 92  ASP A OD2 1 
ATOM   566  N  N   . PHE A 1 73  ? -9.788  5.645   10.541  1.00 82.19  ? 93  PHE A N   1 
ATOM   567  C  CA  . PHE A 1 73  ? -8.632  5.010   9.877   1.00 73.71  ? 93  PHE A CA  1 
ATOM   568  C  C   . PHE A 1 73  ? -7.483  4.485   10.783  1.00 69.43  ? 93  PHE A C   1 
ATOM   569  O  O   . PHE A 1 73  ? -7.694  3.514   11.553  1.00 58.11  ? 93  PHE A O   1 
ATOM   570  C  CB  . PHE A 1 73  ? -8.141  5.901   8.737   1.00 73.88  ? 93  PHE A CB  1 
ATOM   571  C  CG  . PHE A 1 73  ? -9.164  6.032   7.678   1.00 100.27 ? 93  PHE A CG  1 
ATOM   572  C  CD1 . PHE A 1 73  ? -9.489  4.926   6.876   1.00 93.48  ? 93  PHE A CD1 1 
ATOM   573  C  CD2 . PHE A 1 73  ? -9.922  7.199   7.569   1.00 104.94 ? 93  PHE A CD2 1 
ATOM   574  C  CE1 . PHE A 1 73  ? -10.500 5.009   5.940   1.00 96.61  ? 93  PHE A CE1 1 
ATOM   575  C  CE2 . PHE A 1 73  ? -10.945 7.289   6.629   1.00 89.82  ? 93  PHE A CE2 1 
ATOM   576  C  CZ  . PHE A 1 73  ? -11.229 6.190   5.815   1.00 98.71  ? 93  PHE A CZ  1 
ATOM   577  N  N   . PHE A 1 74  ? -6.304  5.113   10.685  1.00 58.06  ? 94  PHE A N   1 
ATOM   578  C  CA  . PHE A 1 74  ? -5.081  4.625   11.323  1.00 67.47  ? 94  PHE A CA  1 
ATOM   579  C  C   . PHE A 1 74  ? -4.919  4.771   12.843  1.00 71.76  ? 94  PHE A C   1 
ATOM   580  O  O   . PHE A 1 74  ? -4.289  3.908   13.468  1.00 84.18  ? 94  PHE A O   1 
ATOM   581  C  CB  . PHE A 1 74  ? -3.843  5.146   10.602  1.00 69.77  ? 94  PHE A CB  1 
ATOM   582  C  CG  . PHE A 1 74  ? -3.499  4.371   9.342   1.00 82.25  ? 94  PHE A CG  1 
ATOM   583  C  CD1 . PHE A 1 74  ? -3.156  3.002   9.404   1.00 82.65  ? 94  PHE A CD1 1 
ATOM   584  C  CD2 . PHE A 1 74  ? -3.486  5.007   8.086   1.00 78.60  ? 94  PHE A CD2 1 
ATOM   585  C  CE1 . PHE A 1 74  ? -2.817  2.290   8.244   1.00 83.28  ? 94  PHE A CE1 1 
ATOM   586  C  CE2 . PHE A 1 74  ? -3.149  4.296   6.930   1.00 80.76  ? 94  PHE A CE2 1 
ATOM   587  C  CZ  . PHE A 1 74  ? -2.807  2.941   7.008   1.00 81.08  ? 94  PHE A CZ  1 
ATOM   588  N  N   . LYS A 1 75  ? -5.489  5.843   13.410  1.00 67.81  ? 95  LYS A N   1 
ATOM   589  C  CA  . LYS A 1 75  ? -5.431  6.214   14.848  1.00 63.25  ? 95  LYS A CA  1 
ATOM   590  C  C   . LYS A 1 75  ? -3.988  6.395   15.236  1.00 59.73  ? 95  LYS A C   1 
ATOM   591  O  O   . LYS A 1 75  ? -3.572  5.959   16.299  1.00 64.31  ? 95  LYS A O   1 
ATOM   592  C  CB  . LYS A 1 75  ? -6.188  5.245   15.800  1.00 73.21  ? 95  LYS A CB  1 
ATOM   593  C  CG  . LYS A 1 75  ? -7.471  4.623   15.222  1.00 81.75  ? 95  LYS A CG  1 
ATOM   594  C  CD  . LYS A 1 75  ? -8.007  3.447   16.029  1.00 93.68  ? 95  LYS A CD  1 
ATOM   595  C  CE  . LYS A 1 75  ? -8.990  2.620   15.214  1.00 99.52  ? 95  LYS A CE  1 
ATOM   596  N  NZ  . LYS A 1 75  ? -10.222 2.217   15.968  1.00 99.85  ? 95  LYS A NZ  1 
ATOM   597  N  N   . ALA A 1 76  ? -3.247  7.060   14.343  1.00 55.07  ? 96  ALA A N   1 
ATOM   598  C  CA  . ALA A 1 76  ? -1.799  7.338   14.448  1.00 61.48  ? 96  ALA A CA  1 
ATOM   599  C  C   . ALA A 1 76  ? -1.269  7.956   15.736  1.00 72.19  ? 96  ALA A C   1 
ATOM   600  O  O   . ALA A 1 76  ? -0.042  7.947   15.964  1.00 73.39  ? 96  ALA A O   1 
ATOM   601  C  CB  . ALA A 1 76  ? -1.348  8.197   13.273  1.00 63.33  ? 96  ALA A CB  1 
ATOM   602  N  N   . LYS A 1 77  ? -2.163  8.570   16.522  1.00 81.54  ? 97  LYS A N   1 
ATOM   603  C  CA  . LYS A 1 77  ? -1.777  9.112   17.816  1.00 76.54  ? 97  LYS A CA  1 
ATOM   604  C  C   . LYS A 1 77  ? -1.503  7.859   18.673  1.00 70.56  ? 97  LYS A C   1 
ATOM   605  O  O   . LYS A 1 77  ? -0.362  7.675   19.071  1.00 72.73  ? 97  LYS A O   1 
ATOM   606  C  CB  . LYS A 1 77  ? -2.823  10.102  18.392  1.00 76.16  ? 97  LYS A CB  1 
ATOM   607  N  N   . LYS A 1 78  ? -2.506  6.982   18.866  1.00 59.67  ? 98  LYS A N   1 
ATOM   608  C  CA  . LYS A 1 78  ? -2.367  5.669   19.578  1.00 58.12  ? 98  LYS A CA  1 
ATOM   609  C  C   . LYS A 1 78  ? -1.408  4.645   18.901  1.00 66.60  ? 98  LYS A C   1 
ATOM   610  O  O   . LYS A 1 78  ? -0.599  4.040   19.595  1.00 88.14  ? 98  LYS A O   1 
ATOM   611  C  CB  . LYS A 1 78  ? -3.755  5.031   19.824  1.00 49.99  ? 98  LYS A CB  1 
ATOM   612  C  CG  . LYS A 1 78  ? -3.895  4.058   20.993  1.00 50.17  ? 98  LYS A CG  1 
ATOM   613  C  CD  . LYS A 1 78  ? -5.319  3.523   21.219  1.00 47.27  ? 98  LYS A CD  1 
ATOM   614  C  CE  . LYS A 1 78  ? -5.511  3.064   22.665  1.00 58.43  ? 98  LYS A CE  1 
ATOM   615  N  NZ  . LYS A 1 78  ? -6.664  2.146   23.001  1.00 63.24  ? 98  LYS A NZ  1 
ATOM   616  N  N   . TYR A 1 79  ? -1.477  4.476   17.572  1.00 65.38  ? 99  TYR A N   1 
ATOM   617  C  CA  . TYR A 1 79  ? -0.705  3.438   16.851  1.00 55.48  ? 99  TYR A CA  1 
ATOM   618  C  C   . TYR A 1 79  ? 0.054   4.080   15.717  1.00 59.56  ? 99  TYR A C   1 
ATOM   619  O  O   . TYR A 1 79  ? -0.366  4.010   14.561  1.00 65.14  ? 99  TYR A O   1 
ATOM   620  C  CB  . TYR A 1 79  ? -1.595  2.335   16.303  1.00 46.19  ? 99  TYR A CB  1 
ATOM   621  C  CG  . TYR A 1 79  ? -2.622  1.761   17.281  1.00 54.23  ? 99  TYR A CG  1 
ATOM   622  C  CD1 . TYR A 1 79  ? -2.326  0.649   18.119  1.00 57.37  ? 99  TYR A CD1 1 
ATOM   623  C  CD2 . TYR A 1 79  ? -3.904  2.309   17.365  1.00 52.98  ? 99  TYR A CD2 1 
ATOM   624  C  CE1 . TYR A 1 79  ? -3.295  0.101   19.005  1.00 59.55  ? 99  TYR A CE1 1 
ATOM   625  C  CE2 . TYR A 1 79  ? -4.878  1.772   18.223  1.00 59.97  ? 99  TYR A CE2 1 
ATOM   626  C  CZ  . TYR A 1 79  ? -4.583  0.685   19.054  1.00 60.89  ? 99  TYR A CZ  1 
ATOM   627  O  OH  . TYR A 1 79  ? -5.585  0.245   19.913  1.00 63.78  ? 99  TYR A OH  1 
ATOM   628  N  N   . PRO A 1 80  ? 1.191   4.709   16.038  1.00 68.95  ? 100 PRO A N   1 
ATOM   629  C  CA  . PRO A 1 80  ? 1.983   5.507   15.048  1.00 65.51  ? 100 PRO A CA  1 
ATOM   630  C  C   . PRO A 1 80  ? 2.609   4.708   13.909  1.00 67.72  ? 100 PRO A C   1 
ATOM   631  O  O   . PRO A 1 80  ? 3.035   5.296   12.880  1.00 73.86  ? 100 PRO A O   1 
ATOM   632  C  CB  . PRO A 1 80  ? 3.133   6.093   15.903  1.00 55.82  ? 100 PRO A CB  1 
ATOM   633  C  CG  . PRO A 1 80  ? 3.280   5.101   17.044  1.00 52.32  ? 100 PRO A CG  1 
ATOM   634  C  CD  . PRO A 1 80  ? 1.862   4.644   17.364  1.00 56.44  ? 100 PRO A CD  1 
ATOM   635  N  N   . ASP A 1 81  ? 2.745   3.398   14.106  1.00 65.17  ? 101 ASP A N   1 
ATOM   636  C  CA  . ASP A 1 81  ? 3.449   2.627   13.086  1.00 73.48  ? 101 ASP A CA  1 
ATOM   637  C  C   . ASP A 1 81  ? 2.829   1.277   12.665  1.00 67.71  ? 101 ASP A C   1 
ATOM   638  O  O   . ASP A 1 81  ? 2.085   0.679   13.442  1.00 59.71  ? 101 ASP A O   1 
ATOM   639  C  CB  . ASP A 1 81  ? 4.982   2.607   13.332  1.00 85.68  ? 101 ASP A CB  1 
ATOM   640  C  CG  . ASP A 1 81  ? 5.376   2.410   14.783  1.00 80.65  ? 101 ASP A CG  1 
ATOM   641  O  OD1 . ASP A 1 81  ? 4.578   1.900   15.593  1.00 96.73  ? 101 ASP A OD1 1 
ATOM   642  O  OD2 . ASP A 1 81  ? 6.523   2.751   15.092  1.00 70.72  ? 101 ASP A OD2 1 
ATOM   643  N  N   . MET A 1 82  ? 3.032   0.864   11.404  1.00 67.71  ? 102 MET A N   1 
ATOM   644  C  CA  . MET A 1 82  ? 2.678   -0.510  11.025  1.00 64.69  ? 102 MET A CA  1 
ATOM   645  C  C   . MET A 1 82  ? 3.939   -1.306  10.734  1.00 66.79  ? 102 MET A C   1 
ATOM   646  O  O   . MET A 1 82  ? 4.944   -0.775  10.198  1.00 67.73  ? 102 MET A O   1 
ATOM   647  C  CB  . MET A 1 82  ? 1.595   -0.627  9.942   1.00 62.53  ? 102 MET A CB  1 
ATOM   648  C  CG  . MET A 1 82  ? 2.019   -0.315  8.516   1.00 72.23  ? 102 MET A CG  1 
ATOM   649  S  SD  . MET A 1 82  ? 0.745   -0.591  7.225   1.00 69.76  ? 102 MET A SD  1 
ATOM   650  C  CE  . MET A 1 82  ? -0.215  -1.836  8.027   1.00 62.45  ? 102 MET A CE  1 
ATOM   651  N  N   . THR A 1 83  ? 3.871   -2.566  11.167  1.00 59.77  ? 103 THR A N   1 
ATOM   652  C  CA  . THR A 1 83  ? 4.973   -3.510  11.122  1.00 59.22  ? 103 THR A CA  1 
ATOM   653  C  C   . THR A 1 83  ? 4.654   -4.774  10.304  1.00 62.72  ? 103 THR A C   1 
ATOM   654  O  O   . THR A 1 83  ? 3.548   -5.361  10.376  1.00 60.56  ? 103 THR A O   1 
ATOM   655  C  CB  . THR A 1 83  ? 5.415   -3.977  12.544  1.00 54.49  ? 103 THR A CB  1 
ATOM   656  O  OG1 . THR A 1 83  ? 4.340   -4.688  13.184  1.00 56.31  ? 103 THR A OG1 1 
ATOM   657  C  CG2 . THR A 1 83  ? 5.844   -2.813  13.402  1.00 48.02  ? 103 THR A CG2 1 
ATOM   658  N  N   . PHE A 1 84  ? 5.668   -5.179  9.548   1.00 66.61  ? 104 PHE A N   1 
ATOM   659  C  CA  . PHE A 1 84  ? 5.719   -6.476  8.930   1.00 62.67  ? 104 PHE A CA  1 
ATOM   660  C  C   . PHE A 1 84  ? 6.945   -7.282  9.359   1.00 59.92  ? 104 PHE A C   1 
ATOM   661  O  O   . PHE A 1 84  ? 8.066   -6.824  9.212   1.00 64.28  ? 104 PHE A O   1 
ATOM   662  C  CB  . PHE A 1 84  ? 5.780   -6.338  7.424   1.00 60.16  ? 104 PHE A CB  1 
ATOM   663  C  CG  . PHE A 1 84  ? 5.781   -7.648  6.757   1.00 59.37  ? 104 PHE A CG  1 
ATOM   664  C  CD1 . PHE A 1 84  ? 4.618   -8.445  6.780   1.00 61.23  ? 104 PHE A CD1 1 
ATOM   665  C  CD2 . PHE A 1 84  ? 6.943   -8.146  6.190   1.00 54.26  ? 104 PHE A CD2 1 
ATOM   666  C  CE1 . PHE A 1 84  ? 4.597   -9.698  6.184   1.00 57.78  ? 104 PHE A CE1 1 
ATOM   667  C  CE2 . PHE A 1 84  ? 6.938   -9.405  5.602   1.00 57.09  ? 104 PHE A CE2 1 
ATOM   668  C  CZ  . PHE A 1 84  ? 5.762   -10.181 5.597   1.00 58.92  ? 104 PHE A CZ  1 
ATOM   669  N  N   . THR A 1 85  ? 6.712   -8.512  9.786   1.00 54.69  ? 105 THR A N   1 
ATOM   670  C  CA  . THR A 1 85  ? 7.737   -9.450  10.184  1.00 52.25  ? 105 THR A CA  1 
ATOM   671  C  C   . THR A 1 85  ? 7.669   -10.761 9.409   1.00 52.54  ? 105 THR A C   1 
ATOM   672  O  O   . THR A 1 85  ? 6.725   -11.536 9.619   1.00 55.58  ? 105 THR A O   1 
ATOM   673  C  CB  . THR A 1 85  ? 7.522   -9.742  11.672  1.00 57.15  ? 105 THR A CB  1 
ATOM   674  O  OG1 . THR A 1 85  ? 7.968   -8.593  12.375  1.00 71.64  ? 105 THR A OG1 1 
ATOM   675  C  CG2 . THR A 1 85  ? 8.302   -10.950 12.165  1.00 59.69  ? 105 THR A CG2 1 
ATOM   676  N  N   . MET A 1 86  ? 8.663   -11.038 8.554   1.00 50.63  ? 106 MET A N   1 
ATOM   677  C  CA  . MET A 1 86  ? 8.729   -12.344 7.865   1.00 50.59  ? 106 MET A CA  1 
ATOM   678  C  C   . MET A 1 86  ? 8.819   -13.554 8.787   1.00 52.75  ? 106 MET A C   1 
ATOM   679  O  O   . MET A 1 86  ? 9.632   -13.586 9.688   1.00 57.71  ? 106 MET A O   1 
ATOM   680  C  CB  . MET A 1 86  ? 9.872   -12.409 6.889   1.00 52.08  ? 106 MET A CB  1 
ATOM   681  C  CG  . MET A 1 86  ? 9.705   -13.620 5.969   1.00 58.21  ? 106 MET A CG  1 
ATOM   682  S  SD  . MET A 1 86  ? 11.129  -13.711 4.892   1.00 63.04  ? 106 MET A SD  1 
ATOM   683  C  CE  . MET A 1 86  ? 12.129  -14.694 5.975   1.00 48.50  ? 106 MET A CE  1 
ATOM   684  N  N   . LYS A 1 87  ? 7.988   -14.554 8.544   1.00 55.85  ? 107 LYS A N   1 
ATOM   685  C  CA  . LYS A 1 87  ? 8.028   -15.775 9.334   1.00 55.14  ? 107 LYS A CA  1 
ATOM   686  C  C   . LYS A 1 87  ? 8.581   -16.979 8.574   1.00 55.40  ? 107 LYS A C   1 
ATOM   687  O  O   . LYS A 1 87  ? 9.045   -17.909 9.206   1.00 72.75  ? 107 LYS A O   1 
ATOM   688  C  CB  . LYS A 1 87  ? 6.655   -16.093 9.943   1.00 56.24  ? 107 LYS A CB  1 
ATOM   689  C  CG  . LYS A 1 87  ? 6.414   -15.322 11.230  1.00 69.20  ? 107 LYS A CG  1 
ATOM   690  C  CD  . LYS A 1 87  ? 5.004   -15.570 11.743  1.00 84.41  ? 107 LYS A CD  1 
ATOM   691  C  CE  . LYS A 1 87  ? 4.948   -16.510 12.932  1.00 91.62  ? 107 LYS A CE  1 
ATOM   692  N  NZ  . LYS A 1 87  ? 3.544   -16.966 13.049  1.00 85.56  ? 107 LYS A NZ  1 
ATOM   693  N  N   . LYS A 1 88  ? 8.582   -16.954 7.237   1.00 56.67  ? 108 LYS A N   1 
ATOM   694  C  CA  . LYS A 1 88  ? 8.797   -18.154 6.380   1.00 52.75  ? 108 LYS A CA  1 
ATOM   695  C  C   . LYS A 1 88  ? 9.005   -17.609 4.968   1.00 55.23  ? 108 LYS A C   1 
ATOM   696  O  O   . LYS A 1 88  ? 8.228   -16.768 4.510   1.00 68.33  ? 108 LYS A O   1 
ATOM   697  C  CB  . LYS A 1 88  ? 7.537   -19.006 6.453   1.00 56.18  ? 108 LYS A CB  1 
ATOM   698  C  CG  . LYS A 1 88  ? 7.535   -20.467 6.070   1.00 59.57  ? 108 LYS A CG  1 
ATOM   699  C  CD  . LYS A 1 88  ? 6.051   -20.826 5.856   1.00 71.31  ? 108 LYS A CD  1 
ATOM   700  C  CE  . LYS A 1 88  ? 5.731   -22.319 5.971   1.00 83.88  ? 108 LYS A CE  1 
ATOM   701  N  NZ  . LYS A 1 88  ? 5.415   -22.840 7.341   1.00 95.68  ? 108 LYS A NZ  1 
ATOM   702  N  N   . TYR A 1 89  ? 10.088  -17.996 4.301   1.00 55.86  ? 109 TYR A N   1 
ATOM   703  C  CA  . TYR A 1 89  ? 10.179  -17.782 2.854   1.00 52.13  ? 109 TYR A CA  1 
ATOM   704  C  C   . TYR A 1 89  ? 10.193  -19.141 2.190   1.00 55.14  ? 109 TYR A C   1 
ATOM   705  O  O   . TYR A 1 89  ? 10.966  -20.006 2.575   1.00 64.77  ? 109 TYR A O   1 
ATOM   706  C  CB  . TYR A 1 89  ? 11.383  -16.983 2.475   1.00 46.26  ? 109 TYR A CB  1 
ATOM   707  C  CG  . TYR A 1 89  ? 11.452  -16.702 1.002   1.00 54.11  ? 109 TYR A CG  1 
ATOM   708  C  CD1 . TYR A 1 89  ? 10.749  -15.626 0.421   1.00 54.13  ? 109 TYR A CD1 1 
ATOM   709  C  CD2 . TYR A 1 89  ? 12.266  -17.469 0.171   1.00 55.91  ? 109 TYR A CD2 1 
ATOM   710  C  CE1 . TYR A 1 89  ? 10.837  -15.360 -0.958  1.00 52.48  ? 109 TYR A CE1 1 
ATOM   711  C  CE2 . TYR A 1 89  ? 12.365  -17.196 -1.203  1.00 55.56  ? 109 TYR A CE2 1 
ATOM   712  C  CZ  . TYR A 1 89  ? 11.646  -16.149 -1.766  1.00 50.99  ? 109 TYR A CZ  1 
ATOM   713  O  OH  . TYR A 1 89  ? 11.755  -15.943 -3.123  1.00 49.46  ? 109 TYR A OH  1 
ATOM   714  N  N   . GLU A 1 90  ? 9.273   -19.357 1.260   1.00 54.02  ? 110 GLU A N   1 
ATOM   715  C  CA  . GLU A 1 90  ? 9.155   -20.641 0.586   1.00 51.88  ? 110 GLU A CA  1 
ATOM   716  C  C   . GLU A 1 90  ? 9.545   -20.380 -0.861  1.00 56.94  ? 110 GLU A C   1 
ATOM   717  O  O   . GLU A 1 90  ? 8.754   -19.753 -1.594  1.00 59.60  ? 110 GLU A O   1 
ATOM   718  C  CB  . GLU A 1 90  ? 7.725   -21.204 0.685   1.00 50.41  ? 110 GLU A CB  1 
ATOM   719  C  CG  . GLU A 1 90  ? 7.288   -21.691 2.078   1.00 53.36  ? 110 GLU A CG  1 
ATOM   720  C  CD  . GLU A 1 90  ? 5.777   -21.964 2.197   1.00 60.22  ? 110 GLU A CD  1 
ATOM   721  O  OE1 . GLU A 1 90  ? 5.426   -23.070 2.662   1.00 68.07  ? 110 GLU A OE1 1 
ATOM   722  O  OE2 . GLU A 1 90  ? 4.917   -21.101 1.842   1.00 65.70  ? 110 GLU A OE2 1 
ATOM   723  N  N   . LYS A 1 91  ? 10.764  -20.813 -1.257  1.00 61.05  ? 111 LYS A N   1 
ATOM   724  C  CA  . LYS A 1 91  ? 11.284  -20.608 -2.641  1.00 59.05  ? 111 LYS A CA  1 
ATOM   725  C  C   . LYS A 1 91  ? 10.418  -21.331 -3.692  1.00 59.91  ? 111 LYS A C   1 
ATOM   726  O  O   . LYS A 1 91  ? 9.966   -22.459 -3.434  1.00 55.28  ? 111 LYS A O   1 
ATOM   727  C  CB  . LYS A 1 91  ? 12.736  -21.076 -2.782  1.00 59.63  ? 111 LYS A CB  1 
ATOM   728  C  CG  . LYS A 1 91  ? 13.505  -20.311 -3.861  1.00 71.99  ? 111 LYS A CG  1 
ATOM   729  C  CD  . LYS A 1 91  ? 14.378  -21.185 -4.769  1.00 72.86  ? 111 LYS A CD  1 
ATOM   730  C  CE  . LYS A 1 91  ? 15.804  -21.472 -4.261  1.00 73.76  ? 111 LYS A CE  1 
ATOM   731  N  NZ  . LYS A 1 91  ? 16.846  -21.423 -5.354  1.00 62.33  ? 111 LYS A NZ  1 
ATOM   732  N  N   . ILE A 1 92  ? 10.142  -20.674 -4.829  1.00 54.57  ? 112 ILE A N   1 
ATOM   733  C  CA  . ILE A 1 92  ? 9.511   -21.372 -5.942  1.00 55.28  ? 112 ILE A CA  1 
ATOM   734  C  C   . ILE A 1 92  ? 10.622  -21.637 -6.942  1.00 61.98  ? 112 ILE A C   1 
ATOM   735  O  O   . ILE A 1 92  ? 10.904  -22.787 -7.239  1.00 55.49  ? 112 ILE A O   1 
ATOM   736  C  CB  . ILE A 1 92  ? 8.342   -20.605 -6.582  1.00 56.88  ? 112 ILE A CB  1 
ATOM   737  C  CG1 . ILE A 1 92  ? 7.131   -20.681 -5.663  1.00 54.00  ? 112 ILE A CG1 1 
ATOM   738  C  CG2 . ILE A 1 92  ? 7.949   -21.176 -7.966  1.00 46.68  ? 112 ILE A CG2 1 
ATOM   739  C  CD1 . ILE A 1 92  ? 6.215   -19.500 -5.866  1.00 52.41  ? 112 ILE A CD1 1 
ATOM   740  N  N   . ASP A 1 93  ? 11.234  -20.585 -7.472  1.00 58.79  ? 113 ASP A N   1 
ATOM   741  C  CA  . ASP A 1 93  ? 12.483  -20.739 -8.199  1.00 58.69  ? 113 ASP A CA  1 
ATOM   742  C  C   . ASP A 1 93  ? 13.348  -19.543 -7.813  1.00 58.23  ? 113 ASP A C   1 
ATOM   743  O  O   . ASP A 1 93  ? 13.087  -18.900 -6.784  1.00 80.39  ? 113 ASP A O   1 
ATOM   744  C  CB  . ASP A 1 93  ? 12.215  -20.923 -9.699  1.00 50.82  ? 113 ASP A CB  1 
ATOM   745  C  CG  . ASP A 1 93  ? 11.603  -19.692 -10.357 1.00 59.98  ? 113 ASP A CG  1 
ATOM   746  O  OD1 . ASP A 1 93  ? 11.789  -18.547 -9.839  1.00 55.94  ? 113 ASP A OD1 1 
ATOM   747  O  OD2 . ASP A 1 93  ? 10.964  -19.858 -11.437 1.00 62.34  ? 113 ASP A OD2 1 
ATOM   748  N  N   . ASN A 1 94  ? 14.354  -19.216 -8.607  1.00 62.85  ? 114 ASN A N   1 
ATOM   749  C  CA  . ASN A 1 94  ? 15.271  -18.110 -8.246  1.00 67.11  ? 114 ASN A CA  1 
ATOM   750  C  C   . ASN A 1 94  ? 14.680  -16.764 -8.517  1.00 63.84  ? 114 ASN A C   1 
ATOM   751  O  O   . ASN A 1 94  ? 15.278  -15.789 -8.139  1.00 70.55  ? 114 ASN A O   1 
ATOM   752  C  CB  . ASN A 1 94  ? 16.639  -18.148 -8.956  1.00 68.80  ? 114 ASN A CB  1 
ATOM   753  C  CG  . ASN A 1 94  ? 17.390  -19.455 -8.786  1.00 78.86  ? 114 ASN A CG  1 
ATOM   754  O  OD1 . ASN A 1 94  ? 17.158  -20.283 -7.870  1.00 74.15  ? 114 ASN A OD1 1 
ATOM   755  N  ND2 . ASN A 1 94  ? 18.324  -19.650 -9.699  1.00 99.43  ? 114 ASN A ND2 1 
ATOM   756  N  N   . GLU A 1 95  ? 13.537  -16.683 -9.184  1.00 64.30  ? 115 GLU A N   1 
ATOM   757  C  CA  . GLU A 1 95  ? 12.952  -15.368 -9.469  1.00 67.28  ? 115 GLU A CA  1 
ATOM   758  C  C   . GLU A 1 95  ? 11.745  -15.072 -8.598  1.00 67.54  ? 115 GLU A C   1 
ATOM   759  O  O   . GLU A 1 95  ? 11.284  -13.918 -8.571  1.00 66.96  ? 115 GLU A O   1 
ATOM   760  C  CB  . GLU A 1 95  ? 12.546  -15.247 -10.939 1.00 67.74  ? 115 GLU A CB  1 
ATOM   761  C  CG  . GLU A 1 95  ? 13.653  -15.624 -11.901 1.00 72.87  ? 115 GLU A CG  1 
ATOM   762  C  CD  . GLU A 1 95  ? 13.493  -15.011 -13.285 1.00 84.49  ? 115 GLU A CD  1 
ATOM   763  O  OE1 . GLU A 1 95  ? 12.580  -15.448 -14.026 1.00 86.34  ? 115 GLU A OE1 1 
ATOM   764  O  OE2 . GLU A 1 95  ? 14.307  -14.111 -13.649 1.00 85.53  ? 115 GLU A OE2 1 
ATOM   765  N  N   . LYS A 1 96  ? 11.249  -16.114 -7.908  1.00 60.21  ? 116 LYS A N   1 
ATOM   766  C  CA  . LYS A 1 96  ? 9.879   -16.169 -7.378  1.00 56.43  ? 116 LYS A CA  1 
ATOM   767  C  C   . LYS A 1 96  ? 9.867   -16.950 -6.078  1.00 55.98  ? 116 LYS A C   1 
ATOM   768  O  O   . LYS A 1 96  ? 10.474  -18.034 -5.967  1.00 60.47  ? 116 LYS A O   1 
ATOM   769  C  CB  . LYS A 1 96  ? 8.879   -16.836 -8.386  1.00 56.31  ? 116 LYS A CB  1 
ATOM   770  C  CG  . LYS A 1 96  ? 8.531   -16.039 -9.648  1.00 70.84  ? 116 LYS A CG  1 
ATOM   771  C  CD  . LYS A 1 96  ? 7.246   -16.462 -10.392 1.00 89.87  ? 116 LYS A CD  1 
ATOM   772  C  CE  . LYS A 1 96  ? 7.438   -17.203 -11.729 1.00 99.44  ? 116 LYS A CE  1 
ATOM   773  N  NZ  . LYS A 1 96  ? 7.510   -18.693 -11.577 1.00 84.71  ? 116 LYS A NZ  1 
ATOM   774  N  N   . GLY A 1 97  ? 9.148   -16.425 -5.097  1.00 51.37  ? 117 GLY A N   1 
ATOM   775  C  CA  . GLY A 1 97  ? 8.818   -17.228 -3.905  1.00 50.57  ? 117 GLY A CA  1 
ATOM   776  C  C   . GLY A 1 97  ? 7.600   -16.669 -3.197  1.00 50.07  ? 117 GLY A C   1 
ATOM   777  O  O   . GLY A 1 97  ? 7.136   -15.566 -3.522  1.00 49.94  ? 117 GLY A O   1 
ATOM   778  N  N   . LYS A 1 98  ? 7.121   -17.407 -2.206  1.00 44.67  ? 118 LYS A N   1 
ATOM   779  C  CA  . LYS A 1 98  ? 5.970   -17.038 -1.412  1.00 47.21  ? 118 LYS A CA  1 
ATOM   780  C  C   . LYS A 1 98  ? 6.513   -16.609 -0.059  1.00 48.51  ? 118 LYS A C   1 
ATOM   781  O  O   . LYS A 1 98  ? 7.081   -17.451 0.648   1.00 48.15  ? 118 LYS A O   1 
ATOM   782  C  CB  . LYS A 1 98  ? 5.178   -18.298 -1.151  1.00 49.54  ? 118 LYS A CB  1 
ATOM   783  C  CG  . LYS A 1 98  ? 3.763   -18.396 -1.612  1.00 55.42  ? 118 LYS A CG  1 
ATOM   784  C  CD  . LYS A 1 98  ? 3.102   -19.393 -0.627  1.00 79.58  ? 118 LYS A CD  1 
ATOM   785  C  CE  . LYS A 1 98  ? 1.598   -19.702 -0.795  1.00 78.58  ? 118 LYS A CE  1 
ATOM   786  N  NZ  . LYS A 1 98  ? 1.166   -20.367 0.471   1.00 68.95  ? 118 LYS A NZ  1 
ATOM   787  N  N   . MET A 1 99  ? 6.330   -15.331 0.325   1.00 48.27  ? 119 MET A N   1 
ATOM   788  C  CA  . MET A 1 99  ? 6.710   -14.855 1.675   1.00 45.27  ? 119 MET A CA  1 
ATOM   789  C  C   . MET A 1 99  ? 5.555   -14.838 2.664   1.00 49.02  ? 119 MET A C   1 
ATOM   790  O  O   . MET A 1 99  ? 4.504   -14.304 2.358   1.00 59.93  ? 119 MET A O   1 
ATOM   791  C  CB  . MET A 1 99  ? 7.287   -13.483 1.594   1.00 43.38  ? 119 MET A CB  1 
ATOM   792  C  CG  . MET A 1 99  ? 8.095   -13.149 2.834   1.00 49.42  ? 119 MET A CG  1 
ATOM   793  S  SD  . MET A 1 99  ? 8.929   -11.553 2.715   1.00 54.65  ? 119 MET A SD  1 
ATOM   794  C  CE  . MET A 1 99  ? 10.291  -11.897 1.594   1.00 56.14  ? 119 MET A CE  1 
ATOM   795  N  N   . THR A 1 100 ? 5.732   -15.433 3.831   1.00 46.41  ? 120 THR A N   1 
ATOM   796  C  CA  . THR A 1 100 ? 4.713   -15.389 4.886   1.00 49.80  ? 120 THR A CA  1 
ATOM   797  C  C   . THR A 1 100 ? 5.205   -14.582 6.084   1.00 54.99  ? 120 THR A C   1 
ATOM   798  O  O   . THR A 1 100 ? 6.329   -14.752 6.554   1.00 60.91  ? 120 THR A O   1 
ATOM   799  C  CB  . THR A 1 100 ? 4.268   -16.790 5.317   1.00 48.47  ? 120 THR A CB  1 
ATOM   800  O  OG1 . THR A 1 100 ? 3.779   -17.478 4.166   1.00 54.67  ? 120 THR A OG1 1 
ATOM   801  C  CG2 . THR A 1 100 ? 3.109   -16.733 6.317   1.00 44.32  ? 120 THR A CG2 1 
ATOM   802  N  N   . GLY A 1 101 ? 4.359   -13.680 6.552   1.00 54.66  ? 121 GLY A N   1 
ATOM   803  C  CA  . GLY A 1 101 ? 4.678   -12.847 7.697   1.00 55.32  ? 121 GLY A CA  1 
ATOM   804  C  C   . GLY A 1 101 ? 3.505   -12.221 8.435   1.00 58.36  ? 121 GLY A C   1 
ATOM   805  O  O   . GLY A 1 101 ? 2.341   -12.378 8.087   1.00 62.06  ? 121 GLY A O   1 
ATOM   806  N  N   . THR A 1 102 ? 3.833   -11.496 9.485   1.00 58.50  ? 122 THR A N   1 
ATOM   807  C  CA  . THR A 1 102 ? 2.841   -10.948 10.366  1.00 52.37  ? 122 THR A CA  1 
ATOM   808  C  C   . THR A 1 102 ? 2.823   -9.491  10.085  1.00 53.55  ? 122 THR A C   1 
ATOM   809  O  O   . THR A 1 102 ? 3.852   -8.793  10.235  1.00 53.27  ? 122 THR A O   1 
ATOM   810  C  CB  . THR A 1 102 ? 3.189   -11.212 11.840  1.00 52.41  ? 122 THR A CB  1 
ATOM   811  O  OG1 . THR A 1 102 ? 3.184   -12.622 12.047  1.00 53.62  ? 122 THR A OG1 1 
ATOM   812  C  CG2 . THR A 1 102 ? 2.157   -10.628 12.767  1.00 46.49  ? 122 THR A CG2 1 
ATOM   813  N  N   . LEU A 1 103 ? 1.641   -9.059  9.643   1.00 52.98  ? 123 LEU A N   1 
ATOM   814  C  CA  . LEU A 1 103 ? 1.337   -7.661  9.441   1.00 47.66  ? 123 LEU A CA  1 
ATOM   815  C  C   . LEU A 1 103 ? 0.542   -7.181  10.660  1.00 49.42  ? 123 LEU A C   1 
ATOM   816  O  O   . LEU A 1 103 ? -0.340  -7.902  11.242  1.00 40.98  ? 123 LEU A O   1 
ATOM   817  C  CB  . LEU A 1 103 ? 0.570   -7.474  8.152   1.00 46.25  ? 123 LEU A CB  1 
ATOM   818  C  CG  . LEU A 1 103 ? 0.408   -6.004  7.720   1.00 52.64  ? 123 LEU A CG  1 
ATOM   819  C  CD1 . LEU A 1 103 ? 1.733   -5.296  7.493   1.00 44.53  ? 123 LEU A CD1 1 
ATOM   820  C  CD2 . LEU A 1 103 ? -0.449  -5.882  6.455   1.00 50.14  ? 123 LEU A CD2 1 
ATOM   821  N  N   . THR A 1 104 ? 0.903   -5.981  11.088  1.00 51.17  ? 124 THR A N   1 
ATOM   822  C  CA  . THR A 1 104 ? 0.245   -5.389  12.251  1.00 57.79  ? 124 THR A CA  1 
ATOM   823  C  C   . THR A 1 104 ? -0.185  -4.014  11.872  1.00 57.49  ? 124 THR A C   1 
ATOM   824  O  O   . THR A 1 104 ? 0.662   -3.166  11.529  1.00 56.86  ? 124 THR A O   1 
ATOM   825  C  CB  . THR A 1 104 ? 1.153   -5.378  13.497  1.00 53.58  ? 124 THR A CB  1 
ATOM   826  O  OG1 . THR A 1 104 ? 1.466   -6.736  13.800  1.00 50.04  ? 124 THR A OG1 1 
ATOM   827  C  CG2 . THR A 1 104 ? 0.406   -4.832  14.701  1.00 47.51  ? 124 THR A CG2 1 
ATOM   828  N  N   . ILE A 1 105 ? -1.506  -3.817  11.882  1.00 60.82  ? 125 ILE A N   1 
ATOM   829  C  CA  . ILE A 1 105 ? -2.108  -2.497  11.578  1.00 64.59  ? 125 ILE A CA  1 
ATOM   830  C  C   . ILE A 1 105 ? -2.896  -2.094  12.802  1.00 62.80  ? 125 ILE A C   1 
ATOM   831  O  O   . ILE A 1 105 ? -3.714  -2.900  13.304  1.00 55.06  ? 125 ILE A O   1 
ATOM   832  C  CB  . ILE A 1 105 ? -3.043  -2.503  10.360  1.00 63.14  ? 125 ILE A CB  1 
ATOM   833  C  CG1 . ILE A 1 105 ? -2.388  -3.197  9.155   1.00 58.72  ? 125 ILE A CG1 1 
ATOM   834  C  CG2 . ILE A 1 105 ? -3.388  -1.068  10.022  1.00 78.12  ? 125 ILE A CG2 1 
ATOM   835  C  CD1 . ILE A 1 105 ? -3.225  -3.278  7.890   1.00 57.53  ? 125 ILE A CD1 1 
ATOM   836  N  N   . ALA A 1 106 ? -2.605  -0.885  13.309  1.00 62.14  ? 126 ALA A N   1 
ATOM   837  C  CA  . ALA A 1 106 ? -3.196  -0.395  14.592  1.00 61.92  ? 126 ALA A CA  1 
ATOM   838  C  C   . ALA A 1 106 ? -3.429  -1.497  15.641  1.00 64.44  ? 126 ALA A C   1 
ATOM   839  O  O   . ALA A 1 106 ? -4.579  -1.760  16.036  1.00 68.09  ? 126 ALA A O   1 
ATOM   840  C  CB  . ALA A 1 106 ? -4.497  0.344   14.330  1.00 62.33  ? 126 ALA A CB  1 
ATOM   841  N  N   . GLY A 1 107 ? -2.356  -2.191  16.022  1.00 54.80  ? 127 GLY A N   1 
ATOM   842  C  CA  . GLY A 1 107 ? -2.434  -3.212  17.046  1.00 48.43  ? 127 GLY A CA  1 
ATOM   843  C  C   . GLY A 1 107 ? -3.128  -4.501  16.695  1.00 54.59  ? 127 GLY A C   1 
ATOM   844  O  O   . GLY A 1 107 ? -3.270  -5.417  17.537  1.00 60.83  ? 127 GLY A O   1 
ATOM   845  N  N   . VAL A 1 108 ? -3.561  -4.628  15.454  1.00 56.85  ? 128 VAL A N   1 
ATOM   846  C  CA  . VAL A 1 108 ? -4.162  -5.909  15.096  1.00 57.50  ? 128 VAL A CA  1 
ATOM   847  C  C   . VAL A 1 108 ? -3.280  -6.642  14.074  1.00 57.82  ? 128 VAL A C   1 
ATOM   848  O  O   . VAL A 1 108 ? -2.719  -6.031  13.109  1.00 50.16  ? 128 VAL A O   1 
ATOM   849  C  CB  . VAL A 1 108 ? -5.671  -5.764  14.805  1.00 62.21  ? 128 VAL A CB  1 
ATOM   850  C  CG1 . VAL A 1 108 ? -5.896  -4.658  13.799  1.00 75.51  ? 128 VAL A CG1 1 
ATOM   851  C  CG2 . VAL A 1 108 ? -6.312  -7.082  14.393  1.00 54.87  ? 128 VAL A CG2 1 
ATOM   852  N  N   . SER A 1 109 ? -3.065  -7.924  14.385  1.00 54.80  ? 129 SER A N   1 
ATOM   853  C  CA  . SER A 1 109 ? -2.040  -8.711  13.709  1.00 56.44  ? 129 SER A CA  1 
ATOM   854  C  C   . SER A 1 109 ? -2.620  -9.844  12.961  1.00 57.82  ? 129 SER A C   1 
ATOM   855  O  O   . SER A 1 109 ? -3.410  -10.589 13.508  1.00 59.06  ? 129 SER A O   1 
ATOM   856  C  CB  . SER A 1 109 ? -1.016  -9.237  14.706  1.00 59.34  ? 129 SER A CB  1 
ATOM   857  O  OG  . SER A 1 109 ? -0.067  -8.204  14.950  1.00 67.37  ? 129 SER A OG  1 
ATOM   858  N  N   . LYS A 1 110 ? -2.244  -9.964  11.694  1.00 62.76  ? 130 LYS A N   1 
ATOM   859  C  CA  . LYS A 1 110 ? -2.625  -11.131 10.900  1.00 62.71  ? 130 LYS A CA  1 
ATOM   860  C  C   . LYS A 1 110 ? -1.408  -11.598 10.095  1.00 57.49  ? 130 LYS A C   1 
ATOM   861  O  O   . LYS A 1 110 ? -0.490  -10.820 9.790   1.00 56.40  ? 130 LYS A O   1 
ATOM   862  C  CB  . LYS A 1 110 ? -3.845  -10.781 10.043  1.00 73.44  ? 130 LYS A CB  1 
ATOM   863  C  CG  . LYS A 1 110 ? -4.159  -11.737 8.900   1.00 87.64  ? 130 LYS A CG  1 
ATOM   864  C  CD  . LYS A 1 110 ? -5.437  -12.520 9.115   1.00 86.27  ? 130 LYS A CD  1 
ATOM   865  C  CE  . LYS A 1 110 ? -5.531  -13.663 8.119   1.00 83.22  ? 130 LYS A CE  1 
ATOM   866  N  NZ  . LYS A 1 110 ? -6.706  -14.515 8.460   1.00 89.08  ? 130 LYS A NZ  1 
ATOM   867  N  N   . ASP A 1 111 ? -1.373  -12.891 9.815   1.00 61.93  ? 131 ASP A N   1 
ATOM   868  C  CA  . ASP A 1 111 ? -0.359  -13.476 8.928   1.00 58.63  ? 131 ASP A CA  1 
ATOM   869  C  C   . ASP A 1 111 ? -0.813  -13.387 7.504   1.00 58.04  ? 131 ASP A C   1 
ATOM   870  O  O   . ASP A 1 111 ? -1.920  -13.813 7.172   1.00 67.91  ? 131 ASP A O   1 
ATOM   871  C  CB  . ASP A 1 111 ? -0.084  -14.932 9.290   1.00 58.86  ? 131 ASP A CB  1 
ATOM   872  C  CG  . ASP A 1 111 ? 0.820   -15.065 10.505  1.00 67.72  ? 131 ASP A CG  1 
ATOM   873  O  OD1 . ASP A 1 111 ? 1.316   -14.027 11.021  1.00 75.28  ? 131 ASP A OD1 1 
ATOM   874  O  OD2 . ASP A 1 111 ? 1.035   -16.212 10.950  1.00 63.19  ? 131 ASP A OD2 1 
ATOM   875  N  N   . ILE A 1 112 ? 0.047   -12.822 6.668   1.00 54.45  ? 132 ILE A N   1 
ATOM   876  C  CA  . ILE A 1 112 ? -0.239  -12.607 5.246   1.00 53.77  ? 132 ILE A CA  1 
ATOM   877  C  C   . ILE A 1 112 ? 0.784   -13.282 4.303   1.00 56.06  ? 132 ILE A C   1 
ATOM   878  O  O   . ILE A 1 112 ? 1.891   -13.624 4.725   1.00 60.39  ? 132 ILE A O   1 
ATOM   879  C  CB  . ILE A 1 112 ? -0.382  -11.105 4.971   1.00 49.71  ? 132 ILE A CB  1 
ATOM   880  C  CG1 . ILE A 1 112 ? 0.938   -10.370 5.187   1.00 45.91  ? 132 ILE A CG1 1 
ATOM   881  C  CG2 . ILE A 1 112 ? -1.428  -10.561 5.925   1.00 47.75  ? 132 ILE A CG2 1 
ATOM   882  C  CD1 . ILE A 1 112 ? 1.047   -9.093  4.407   1.00 43.95  ? 132 ILE A CD1 1 
ATOM   883  N  N   . VAL A 1 113 ? 0.399   -13.527 3.053   1.00 56.64  ? 133 VAL A N   1 
ATOM   884  C  CA  . VAL A 1 113 ? 1.355   -14.034 2.064   1.00 53.02  ? 133 VAL A CA  1 
ATOM   885  C  C   . VAL A 1 113 ? 1.605   -12.968 1.025   1.00 53.02  ? 133 VAL A C   1 
ATOM   886  O  O   . VAL A 1 113 ? 0.680   -12.375 0.497   1.00 60.07  ? 133 VAL A O   1 
ATOM   887  C  CB  . VAL A 1 113 ? 0.969   -15.384 1.397   1.00 53.57  ? 133 VAL A CB  1 
ATOM   888  C  CG1 . VAL A 1 113 ? 0.671   -16.466 2.444   1.00 46.32  ? 133 VAL A CG1 1 
ATOM   889  C  CG2 . VAL A 1 113 ? -0.185  -15.214 0.420   1.00 61.42  ? 133 VAL A CG2 1 
ATOM   890  N  N   . LEU A 1 114 ? 2.873   -12.691 0.775   1.00 56.90  ? 134 LEU A N   1 
ATOM   891  C  CA  . LEU A 1 114 ? 3.266   -11.813 -0.314  1.00 54.42  ? 134 LEU A CA  1 
ATOM   892  C  C   . LEU A 1 114 ? 3.991   -12.622 -1.386  1.00 57.28  ? 134 LEU A C   1 
ATOM   893  O  O   . LEU A 1 114 ? 4.666   -13.637 -1.092  1.00 52.83  ? 134 LEU A O   1 
ATOM   894  C  CB  . LEU A 1 114 ? 4.150   -10.695 0.205   1.00 59.28  ? 134 LEU A CB  1 
ATOM   895  C  CG  . LEU A 1 114 ? 3.557   -9.842  1.335   1.00 61.04  ? 134 LEU A CG  1 
ATOM   896  C  CD1 . LEU A 1 114 ? 4.625   -8.915  1.891   1.00 60.76  ? 134 LEU A CD1 1 
ATOM   897  C  CD2 . LEU A 1 114 ? 2.394   -9.024  0.816   1.00 55.89  ? 134 LEU A CD2 1 
ATOM   898  N  N   . ASP A 1 115 ? 3.815   -12.193 -2.629  1.00 55.59  ? 135 ASP A N   1 
ATOM   899  C  CA  . ASP A 1 115 ? 4.498   -12.815 -3.736  1.00 55.75  ? 135 ASP A CA  1 
ATOM   900  C  C   . ASP A 1 115 ? 5.768   -12.058 -4.007  1.00 58.30  ? 135 ASP A C   1 
ATOM   901  O  O   . ASP A 1 115 ? 5.750   -10.883 -4.432  1.00 61.40  ? 135 ASP A O   1 
ATOM   902  C  CB  . ASP A 1 115 ? 3.605   -12.912 -4.964  1.00 54.01  ? 135 ASP A CB  1 
ATOM   903  C  CG  . ASP A 1 115 ? 2.508   -13.955 -4.791  1.00 63.21  ? 135 ASP A CG  1 
ATOM   904  O  OD1 . ASP A 1 115 ? 2.762   -15.106 -4.347  1.00 72.63  ? 135 ASP A OD1 1 
ATOM   905  O  OD2 . ASP A 1 115 ? 1.365   -13.625 -5.101  1.00 62.61  ? 135 ASP A OD2 1 
ATOM   906  N  N   . ALA A 1 116 ? 6.870   -12.740 -3.686  1.00 55.47  ? 136 ALA A N   1 
ATOM   907  C  CA  . ALA A 1 116 ? 8.211   -12.238 -3.916  1.00 56.18  ? 136 ALA A CA  1 
ATOM   908  C  C   . ALA A 1 116 ? 8.559   -12.540 -5.346  1.00 55.45  ? 136 ALA A C   1 
ATOM   909  O  O   . ALA A 1 116 ? 8.330   -13.663 -5.832  1.00 59.41  ? 136 ALA A O   1 
ATOM   910  C  CB  . ALA A 1 116 ? 9.191   -12.907 -2.971  1.00 53.88  ? 136 ALA A CB  1 
ATOM   911  N  N   . GLU A 1 117 ? 9.045   -11.505 -6.014  1.00 59.62  ? 137 GLU A N   1 
ATOM   912  C  CA  . GLU A 1 117 ? 9.569   -11.561 -7.373  1.00 61.03  ? 137 GLU A CA  1 
ATOM   913  C  C   . GLU A 1 117 ? 10.933  -10.860 -7.350  1.00 67.86  ? 137 GLU A C   1 
ATOM   914  O  O   . GLU A 1 117 ? 11.001  -9.629  -7.185  1.00 67.95  ? 137 GLU A O   1 
ATOM   915  C  CB  . GLU A 1 117 ? 8.614   -10.845 -8.302  1.00 60.97  ? 137 GLU A CB  1 
ATOM   916  C  CG  . GLU A 1 117 ? 8.849   -11.119 -9.776  1.00 89.05  ? 137 GLU A CG  1 
ATOM   917  C  CD  . GLU A 1 117 ? 7.568   -11.543 -10.482 1.00 101.02 ? 137 GLU A CD  1 
ATOM   918  O  OE1 . GLU A 1 117 ? 6.651   -10.700 -10.637 1.00 86.21  ? 137 GLU A OE1 1 
ATOM   919  O  OE2 . GLU A 1 117 ? 7.474   -12.738 -10.870 1.00 118.99 ? 137 GLU A OE2 1 
ATOM   920  N  N   . ILE A 1 118 ? 12.012  -11.643 -7.447  1.00 71.46  ? 138 ILE A N   1 
ATOM   921  C  CA  . ILE A 1 118 ? 13.380  -11.106 -7.462  1.00 72.01  ? 138 ILE A CA  1 
ATOM   922  C  C   . ILE A 1 118 ? 13.774  -10.683 -8.856  1.00 79.74  ? 138 ILE A C   1 
ATOM   923  O  O   . ILE A 1 118 ? 14.049  -11.521 -9.712  1.00 81.84  ? 138 ILE A O   1 
ATOM   924  C  CB  . ILE A 1 118 ? 14.428  -12.122 -7.018  1.00 64.69  ? 138 ILE A CB  1 
ATOM   925  C  CG1 . ILE A 1 118 ? 14.247  -12.448 -5.562  1.00 59.89  ? 138 ILE A CG1 1 
ATOM   926  C  CG2 . ILE A 1 118 ? 15.808  -11.513 -7.165  1.00 76.78  ? 138 ILE A CG2 1 
ATOM   927  C  CD1 . ILE A 1 118 ? 13.900  -13.873 -5.282  1.00 59.43  ? 138 ILE A CD1 1 
ATOM   928  N  N   . GLY A 1 119 ? 13.816  -9.380  -9.071  1.00 97.04  ? 139 GLY A N   1 
ATOM   929  C  CA  . GLY A 1 119 ? 14.211  -8.846  -10.358 1.00 109.14 ? 139 GLY A CA  1 
ATOM   930  C  C   . GLY A 1 119 ? 15.612  -8.250  -10.390 1.00 115.08 ? 139 GLY A C   1 
ATOM   931  O  O   . GLY A 1 119 ? 15.748  -7.080  -10.781 1.00 140.16 ? 139 GLY A O   1 
ATOM   932  N  N   . GLY A 1 120 ? 16.644  -9.012  -9.975  1.00 86.73  ? 140 GLY A N   1 
ATOM   933  C  CA  . GLY A 1 120 ? 18.048  -8.610  -10.274 1.00 82.24  ? 140 GLY A CA  1 
ATOM   934  C  C   . GLY A 1 120 ? 19.097  -8.589  -9.177  1.00 83.30  ? 140 GLY A C   1 
ATOM   935  O  O   . GLY A 1 120 ? 19.054  -7.752  -8.293  1.00 88.02  ? 140 GLY A O   1 
ATOM   936  N  N   . VAL A 1 121 ? 20.059  -9.498  -9.249  1.00 76.69  ? 141 VAL A N   1 
ATOM   937  C  CA  . VAL A 1 121 ? 20.973  -9.711  -8.145  1.00 83.05  ? 141 VAL A CA  1 
ATOM   938  C  C   . VAL A 1 121 ? 22.348  -9.505  -8.695  1.00 93.32  ? 141 VAL A C   1 
ATOM   939  O  O   . VAL A 1 121 ? 22.852  -10.342 -9.431  1.00 121.58 ? 141 VAL A O   1 
ATOM   940  C  CB  . VAL A 1 121 ? 20.834  -11.130 -7.525  1.00 80.40  ? 141 VAL A CB  1 
ATOM   941  C  CG1 . VAL A 1 121 ? 21.861  -11.373 -6.417  1.00 75.77  ? 141 VAL A CG1 1 
ATOM   942  C  CG2 . VAL A 1 121 ? 19.434  -11.322 -6.968  1.00 77.75  ? 141 VAL A CG2 1 
ATOM   943  N  N   . ALA A 1 122 ? 22.948  -8.383  -8.331  1.00 103.39 ? 142 ALA A N   1 
ATOM   944  C  CA  . ALA A 1 122 ? 24.178  -7.926  -8.958  1.00 94.33  ? 142 ALA A CA  1 
ATOM   945  C  C   . ALA A 1 122 ? 25.257  -7.595  -7.922  1.00 97.84  ? 142 ALA A C   1 
ATOM   946  O  O   . ALA A 1 122 ? 24.986  -7.527  -6.702  1.00 90.43  ? 142 ALA A O   1 
ATOM   947  C  CB  . ALA A 1 122 ? 23.871  -6.719  -9.854  1.00 89.98  ? 142 ALA A CB  1 
ATOM   948  N  N   . LYS A 1 123 ? 26.487  -7.447  -8.424  1.00 105.46 ? 143 LYS A N   1 
ATOM   949  C  CA  . LYS A 1 123 ? 27.544  -6.685  -7.742  1.00 109.57 ? 143 LYS A CA  1 
ATOM   950  C  C   . LYS A 1 123 ? 27.600  -5.260  -8.324  1.00 116.62 ? 143 LYS A C   1 
ATOM   951  O  O   . LYS A 1 123 ? 27.599  -5.070  -9.543  1.00 108.77 ? 143 LYS A O   1 
ATOM   952  C  CB  . LYS A 1 123 ? 28.885  -7.410  -7.822  1.00 97.99  ? 143 LYS A CB  1 
ATOM   953  C  CG  . LYS A 1 123 ? 29.193  -8.167  -6.543  1.00 108.17 ? 143 LYS A CG  1 
ATOM   954  C  CD  . LYS A 1 123 ? 29.973  -9.445  -6.792  1.00 110.14 ? 143 LYS A CD  1 
ATOM   955  C  CE  . LYS A 1 123 ? 30.215  -10.163 -5.473  1.00 114.33 ? 143 LYS A CE  1 
ATOM   956  N  NZ  . LYS A 1 123 ? 30.171  -11.640 -5.682  1.00 113.14 ? 143 LYS A NZ  1 
ATOM   957  N  N   . GLY A 1 124 ? 27.612  -4.261  -7.445  1.00 134.54 ? 144 GLY A N   1 
ATOM   958  C  CA  . GLY A 1 124 ? 27.388  -2.868  -7.853  1.00 158.06 ? 144 GLY A CA  1 
ATOM   959  C  C   . GLY A 1 124 ? 28.553  -2.211  -8.567  1.00 175.88 ? 144 GLY A C   1 
ATOM   960  O  O   . GLY A 1 124 ? 29.591  -2.857  -8.808  1.00 174.83 ? 144 GLY A O   1 
ATOM   961  N  N   . LYS A 1 125 ? 28.358  -0.930  -8.910  1.00 173.41 ? 145 LYS A N   1 
ATOM   962  C  CA  . LYS A 1 125 ? 29.405  -0.019  -9.413  1.00 150.03 ? 145 LYS A CA  1 
ATOM   963  C  C   . LYS A 1 125 ? 30.761  -0.339  -8.714  1.00 148.45 ? 145 LYS A C   1 
ATOM   964  O  O   . LYS A 1 125 ? 31.732  -0.796  -9.348  1.00 119.19 ? 145 LYS A O   1 
ATOM   965  C  CB  . LYS A 1 125 ? 28.991  1.464   -9.181  1.00 137.34 ? 145 LYS A CB  1 
ATOM   966  C  CG  . LYS A 1 125 ? 27.486  1.767   -9.080  1.00 130.16 ? 145 LYS A CG  1 
ATOM   967  C  CD  . LYS A 1 125 ? 26.879  2.202   -10.414 1.00 127.86 ? 145 LYS A CD  1 
ATOM   968  C  CE  . LYS A 1 125 ? 25.545  1.512   -10.665 1.00 118.76 ? 145 LYS A CE  1 
ATOM   969  N  NZ  . LYS A 1 125 ? 25.797  0.136   -11.200 1.00 106.59 ? 145 LYS A NZ  1 
ATOM   970  N  N   . ASP A 1 126 ? 30.756  -0.172  -7.390  1.00 144.63 ? 146 ASP A N   1 
ATOM   971  C  CA  . ASP A 1 126 ? 31.893  -0.392  -6.484  1.00 140.89 ? 146 ASP A CA  1 
ATOM   972  C  C   . ASP A 1 126 ? 32.323  -1.859  -6.182  1.00 130.89 ? 146 ASP A C   1 
ATOM   973  O  O   . ASP A 1 126 ? 33.293  -2.065  -5.454  1.00 116.71 ? 146 ASP A O   1 
ATOM   974  C  CB  . ASP A 1 126 ? 31.603  0.346   -5.155  1.00 142.94 ? 146 ASP A CB  1 
ATOM   975  C  CG  . ASP A 1 126 ? 30.255  -0.066  -4.521  1.00 151.63 ? 146 ASP A CG  1 
ATOM   976  O  OD1 . ASP A 1 126 ? 29.195  0.083   -5.180  1.00 147.84 ? 146 ASP A OD1 1 
ATOM   977  O  OD2 . ASP A 1 126 ? 30.253  -0.531  -3.356  1.00 141.96 ? 146 ASP A OD2 1 
ATOM   978  N  N   . GLY A 1 127 ? 31.619  -2.863  -6.710  1.00 126.38 ? 147 GLY A N   1 
ATOM   979  C  CA  . GLY A 1 127 ? 31.860  -4.269  -6.310  1.00 122.65 ? 147 GLY A CA  1 
ATOM   980  C  C   . GLY A 1 127 ? 31.216  -4.783  -5.006  1.00 128.38 ? 147 GLY A C   1 
ATOM   981  O  O   . GLY A 1 127 ? 31.461  -5.929  -4.599  1.00 118.59 ? 147 GLY A O   1 
ATOM   982  N  N   . LYS A 1 128 ? 30.409  -3.947  -4.339  1.00 132.80 ? 148 LYS A N   1 
ATOM   983  C  CA  . LYS A 1 128 ? 29.521  -4.411  -3.253  1.00 119.52 ? 148 LYS A CA  1 
ATOM   984  C  C   . LYS A 1 128 ? 28.125  -4.766  -3.806  1.00 123.57 ? 148 LYS A C   1 
ATOM   985  O  O   . LYS A 1 128 ? 27.672  -4.188  -4.807  1.00 108.24 ? 148 LYS A O   1 
ATOM   986  C  CB  . LYS A 1 128 ? 29.461  -3.407  -2.083  1.00 109.71 ? 148 LYS A CB  1 
ATOM   987  C  CG  . LYS A 1 128 ? 30.424  -3.774  -0.956  1.00 121.91 ? 148 LYS A CG  1 
ATOM   988  C  CD  . LYS A 1 128 ? 30.394  -2.857  0.268   1.00 124.37 ? 148 LYS A CD  1 
ATOM   989  C  CE  . LYS A 1 128 ? 31.190  -3.516  1.442   1.00 121.97 ? 148 LYS A CE  1 
ATOM   990  N  NZ  . LYS A 1 128 ? 31.534  -2.565  2.546   1.00 129.52 ? 148 LYS A NZ  1 
ATOM   991  N  N   . GLU A 1 129 ? 27.464  -5.726  -3.153  1.00 118.39 ? 149 GLU A N   1 
ATOM   992  C  CA  . GLU A 1 129 ? 26.187  -6.310  -3.620  1.00 107.63 ? 149 GLU A CA  1 
ATOM   993  C  C   . GLU A 1 129 ? 24.987  -5.349  -3.717  1.00 96.94  ? 149 GLU A C   1 
ATOM   994  O  O   . GLU A 1 129 ? 24.813  -4.426  -2.889  1.00 85.93  ? 149 GLU A O   1 
ATOM   995  C  CB  . GLU A 1 129 ? 25.781  -7.485  -2.715  1.00 113.26 ? 149 GLU A CB  1 
ATOM   996  C  CG  . GLU A 1 129 ? 26.688  -8.709  -2.736  1.00 106.57 ? 149 GLU A CG  1 
ATOM   997  C  CD  . GLU A 1 129 ? 26.222  -9.813  -3.670  1.00 108.52 ? 149 GLU A CD  1 
ATOM   998  O  OE1 . GLU A 1 129 ? 26.951  -10.821 -3.731  1.00 105.04 ? 149 GLU A OE1 1 
ATOM   999  O  OE2 . GLU A 1 129 ? 25.149  -9.701  -4.319  1.00 107.10 ? 149 GLU A OE2 1 
ATOM   1000 N  N   . LYS A 1 130 ? 24.156  -5.598  -4.722  1.00 80.14  ? 150 LYS A N   1 
ATOM   1001 C  CA  . LYS A 1 130 ? 22.819  -5.031  -4.753  1.00 82.74  ? 150 LYS A CA  1 
ATOM   1002 C  C   . LYS A 1 130 ? 21.759  -6.097  -5.066  1.00 84.36  ? 150 LYS A C   1 
ATOM   1003 O  O   . LYS A 1 130 ? 22.106  -7.202  -5.513  1.00 83.92  ? 150 LYS A O   1 
ATOM   1004 C  CB  . LYS A 1 130 ? 22.735  -3.798  -5.665  1.00 83.42  ? 150 LYS A CB  1 
ATOM   1005 C  CG  . LYS A 1 130 ? 23.348  -3.930  -7.053  1.00 93.16  ? 150 LYS A CG  1 
ATOM   1006 C  CD  . LYS A 1 130 ? 23.399  -2.576  -7.765  1.00 94.21  ? 150 LYS A CD  1 
ATOM   1007 C  CE  . LYS A 1 130 ? 23.570  -2.723  -9.280  1.00 103.73 ? 150 LYS A CE  1 
ATOM   1008 N  NZ  . LYS A 1 130 ? 22.869  -1.662  -10.082 1.00 96.78  ? 150 LYS A NZ  1 
ATOM   1009 N  N   . ILE A 1 131 ? 20.499  -5.791  -4.719  1.00 77.59  ? 151 ILE A N   1 
ATOM   1010 C  CA  . ILE A 1 131 ? 19.312  -6.578  -5.107  1.00 73.90  ? 151 ILE A CA  1 
ATOM   1011 C  C   . ILE A 1 131 ? 18.158  -5.675  -5.375  1.00 74.84  ? 151 ILE A C   1 
ATOM   1012 O  O   . ILE A 1 131 ? 18.069  -4.608  -4.776  1.00 82.46  ? 151 ILE A O   1 
ATOM   1013 C  CB  . ILE A 1 131 ? 18.762  -7.547  -4.044  1.00 69.55  ? 151 ILE A CB  1 
ATOM   1014 C  CG1 . ILE A 1 131 ? 18.648  -6.869  -2.692  1.00 68.52  ? 151 ILE A CG1 1 
ATOM   1015 C  CG2 . ILE A 1 131 ? 19.552  -8.841  -3.987  1.00 75.47  ? 151 ILE A CG2 1 
ATOM   1016 C  CD1 . ILE A 1 131 ? 18.121  -7.834  -1.656  1.00 79.19  ? 151 ILE A CD1 1 
ATOM   1017 N  N   . GLY A 1 132 ? 17.268  -6.142  -6.249  1.00 74.97  ? 152 GLY A N   1 
ATOM   1018 C  CA  . GLY A 1 132 ? 15.989  -5.502  -6.551  1.00 77.94  ? 152 GLY A CA  1 
ATOM   1019 C  C   . GLY A 1 132 ? 14.931  -6.588  -6.483  1.00 81.39  ? 152 GLY A C   1 
ATOM   1020 O  O   . GLY A 1 132 ? 15.080  -7.655  -7.084  1.00 95.14  ? 152 GLY A O   1 
ATOM   1021 N  N   . PHE A 1 133 ? 13.881  -6.350  -5.716  1.00 73.53  ? 153 PHE A N   1 
ATOM   1022 C  CA  . PHE A 1 133 ? 12.775  -7.292  -5.665  1.00 69.48  ? 153 PHE A CA  1 
ATOM   1023 C  C   . PHE A 1 133 ? 11.477  -6.580  -5.438  1.00 68.55  ? 153 PHE A C   1 
ATOM   1024 O  O   . PHE A 1 133 ? 11.471  -5.436  -4.984  1.00 72.08  ? 153 PHE A O   1 
ATOM   1025 C  CB  . PHE A 1 133 ? 12.973  -8.354  -4.582  1.00 67.90  ? 153 PHE A CB  1 
ATOM   1026 C  CG  . PHE A 1 133 ? 13.102  -7.803  -3.198  1.00 70.89  ? 153 PHE A CG  1 
ATOM   1027 C  CD1 . PHE A 1 133 ? 11.985  -7.634  -2.396  1.00 70.94  ? 153 PHE A CD1 1 
ATOM   1028 C  CD2 . PHE A 1 133 ? 14.346  -7.468  -2.683  1.00 73.93  ? 153 PHE A CD2 1 
ATOM   1029 C  CE1 . PHE A 1 133 ? 12.099  -7.130  -1.109  1.00 68.84  ? 153 PHE A CE1 1 
ATOM   1030 C  CE2 . PHE A 1 133 ? 14.463  -6.975  -1.390  1.00 75.56  ? 153 PHE A CE2 1 
ATOM   1031 C  CZ  . PHE A 1 133 ? 13.337  -6.806  -0.601  1.00 70.13  ? 153 PHE A CZ  1 
ATOM   1032 N  N   . SER A 1 134 ? 10.379  -7.263  -5.753  1.00 69.73  ? 154 SER A N   1 
ATOM   1033 C  CA  . SER A 1 134 ? 9.056   -6.766  -5.405  1.00 63.67  ? 154 SER A CA  1 
ATOM   1034 C  C   . SER A 1 134 ? 8.319   -7.735  -4.458  1.00 60.79  ? 154 SER A C   1 
ATOM   1035 O  O   . SER A 1 134 ? 8.574   -8.952  -4.445  1.00 61.01  ? 154 SER A O   1 
ATOM   1036 C  CB  . SER A 1 134 ? 8.261   -6.500  -6.667  1.00 64.52  ? 154 SER A CB  1 
ATOM   1037 O  OG  . SER A 1 134 ? 7.807   -7.737  -7.175  1.00 82.06  ? 154 SER A OG  1 
ATOM   1038 N  N   . LEU A 1 135 ? 7.444   -7.171  -3.635  1.00 57.35  ? 155 LEU A N   1 
ATOM   1039 C  CA  . LEU A 1 135 ? 6.499   -7.951  -2.838  1.00 61.45  ? 155 LEU A CA  1 
ATOM   1040 C  C   . LEU A 1 135 ? 5.094   -7.479  -3.167  1.00 61.37  ? 155 LEU A C   1 
ATOM   1041 O  O   . LEU A 1 135 ? 4.820   -6.266  -3.114  1.00 59.15  ? 155 LEU A O   1 
ATOM   1042 C  CB  . LEU A 1 135 ? 6.770   -7.788  -1.347  1.00 58.28  ? 155 LEU A CB  1 
ATOM   1043 C  CG  . LEU A 1 135 ? 8.181   -8.141  -0.901  1.00 63.48  ? 155 LEU A CG  1 
ATOM   1044 C  CD1 . LEU A 1 135 ? 8.290   -7.786  0.565   1.00 64.31  ? 155 LEU A CD1 1 
ATOM   1045 C  CD2 . LEU A 1 135 ? 8.523   -9.608  -1.114  1.00 60.09  ? 155 LEU A CD2 1 
ATOM   1046 N  N   . ASN A 1 136 ? 4.220   -8.429  -3.519  1.00 57.55  ? 156 ASN A N   1 
ATOM   1047 C  CA  . ASN A 1 136 ? 2.847   -8.112  -3.938  1.00 52.38  ? 156 ASN A CA  1 
ATOM   1048 C  C   . ASN A 1 136 ? 1.914   -9.047  -3.280  1.00 56.15  ? 156 ASN A C   1 
ATOM   1049 O  O   . ASN A 1 136 ? 2.239   -10.211 -3.113  1.00 66.53  ? 156 ASN A O   1 
ATOM   1050 C  CB  . ASN A 1 136 ? 2.682   -8.255  -5.434  1.00 52.51  ? 156 ASN A CB  1 
ATOM   1051 C  CG  . ASN A 1 136 ? 3.564   -7.297  -6.195  1.00 63.89  ? 156 ASN A CG  1 
ATOM   1052 O  OD1 . ASN A 1 136 ? 3.137   -6.212  -6.557  1.00 72.59  ? 156 ASN A OD1 1 
ATOM   1053 N  ND2 . ASN A 1 136 ? 4.821   -7.684  -6.418  1.00 78.14  ? 156 ASN A ND2 1 
ATOM   1054 N  N   . GLY A 1 137 ? 0.758   -8.537  -2.883  1.00 55.81  ? 157 GLY A N   1 
ATOM   1055 C  CA  . GLY A 1 137 ? -0.268  -9.347  -2.249  1.00 54.36  ? 157 GLY A CA  1 
ATOM   1056 C  C   . GLY A 1 137 ? -1.454  -8.471  -1.925  1.00 57.55  ? 157 GLY A C   1 
ATOM   1057 O  O   . GLY A 1 137 ? -1.343  -7.255  -1.896  1.00 62.37  ? 157 GLY A O   1 
ATOM   1058 N  N   . LYS A 1 138 ? -2.592  -9.111  -1.705  1.00 59.57  ? 158 LYS A N   1 
ATOM   1059 C  CA  . LYS A 1 138 ? -3.836  -8.456  -1.370  1.00 56.79  ? 158 LYS A CA  1 
ATOM   1060 C  C   . LYS A 1 138 ? -4.162  -8.756  0.124   1.00 55.87  ? 158 LYS A C   1 
ATOM   1061 O  O   . LYS A 1 138 ? -4.132  -9.904  0.542   1.00 54.02  ? 158 LYS A O   1 
ATOM   1062 C  CB  . LYS A 1 138 ? -4.974  -8.899  -2.356  1.00 51.80  ? 158 LYS A CB  1 
ATOM   1063 N  N   . ILE A 1 139 ? -4.463  -7.730  0.928   1.00 58.02  ? 159 ILE A N   1 
ATOM   1064 C  CA  . ILE A 1 139 ? -5.022  -7.924  2.292   1.00 57.70  ? 159 ILE A CA  1 
ATOM   1065 C  C   . ILE A 1 139 ? -6.443  -7.378  2.369   1.00 61.05  ? 159 ILE A C   1 
ATOM   1066 O  O   . ILE A 1 139 ? -6.815  -6.477  1.580   1.00 65.89  ? 159 ILE A O   1 
ATOM   1067 C  CB  . ILE A 1 139 ? -4.142  -7.275  3.380   1.00 57.92  ? 159 ILE A CB  1 
ATOM   1068 C  CG1 . ILE A 1 139 ? -3.943  -5.786  3.096   1.00 57.69  ? 159 ILE A CG1 1 
ATOM   1069 C  CG2 . ILE A 1 139 ? -2.783  -7.961  3.413   1.00 58.52  ? 159 ILE A CG2 1 
ATOM   1070 C  CD1 . ILE A 1 139 ? -3.248  -5.036  4.204   1.00 59.35  ? 159 ILE A CD1 1 
ATOM   1071 N  N   . LYS A 1 140 ? -7.226  -7.933  3.295   1.00 58.86  ? 160 LYS A N   1 
ATOM   1072 C  CA  . LYS A 1 140 ? -8.607  -7.478  3.534   1.00 58.38  ? 160 LYS A CA  1 
ATOM   1073 C  C   . LYS A 1 140 ? -8.734  -6.573  4.772   1.00 57.39  ? 160 LYS A C   1 
ATOM   1074 O  O   . LYS A 1 140 ? -8.503  -7.039  5.887   1.00 65.44  ? 160 LYS A O   1 
ATOM   1075 C  CB  . LYS A 1 140 ? -9.528  -8.683  3.745   1.00 56.66  ? 160 LYS A CB  1 
ATOM   1076 C  CG  . LYS A 1 140 ? -9.510  -9.696  2.625   1.00 64.50  ? 160 LYS A CG  1 
ATOM   1077 C  CD  . LYS A 1 140 ? -10.871 -10.311 2.385   1.00 69.31  ? 160 LYS A CD  1 
ATOM   1078 C  CE  . LYS A 1 140 ? -11.062 -11.632 3.100   1.00 74.06  ? 160 LYS A CE  1 
ATOM   1079 N  NZ  . LYS A 1 140 ? -11.212 -12.714 2.082   1.00 87.87  ? 160 LYS A NZ  1 
ATOM   1080 N  N   . ARG A 1 141 ? -9.121  -5.305  4.599   1.00 59.85  ? 161 ARG A N   1 
ATOM   1081 C  CA  . ARG A 1 141 ? -9.528  -4.401  5.743   1.00 54.99  ? 161 ARG A CA  1 
ATOM   1082 C  C   . ARG A 1 141 ? -10.270 -5.177  6.862   1.00 54.48  ? 161 ARG A C   1 
ATOM   1083 O  O   . ARG A 1 141 ? -9.936  -5.080  8.040   1.00 55.03  ? 161 ARG A O   1 
ATOM   1084 C  CB  . ARG A 1 141 ? -10.399 -3.244  5.245   1.00 49.57  ? 161 ARG A CB  1 
ATOM   1085 C  CG  . ARG A 1 141 ? -9.708  -2.138  4.429   1.00 54.41  ? 161 ARG A CG  1 
ATOM   1086 C  CD  . ARG A 1 141 ? -10.713 -1.103  3.891   1.00 54.82  ? 161 ARG A CD  1 
ATOM   1087 N  NE  . ARG A 1 141 ? -11.940 -1.208  4.681   1.00 74.63  ? 161 ARG A NE  1 
ATOM   1088 C  CZ  . ARG A 1 141 ? -13.178 -0.879  4.323   1.00 80.30  ? 161 ARG A CZ  1 
ATOM   1089 N  NH1 . ARG A 1 141 ? -13.453 -0.356  3.143   1.00 88.45  ? 161 ARG A NH1 1 
ATOM   1090 N  NH2 . ARG A 1 141 ? -14.159 -1.085  5.187   1.00 86.60  ? 161 ARG A NH2 1 
ATOM   1091 N  N   . SER A 1 142 ? -11.219 -6.020  6.479   1.00 51.92  ? 162 SER A N   1 
ATOM   1092 C  CA  . SER A 1 142 ? -11.981 -6.740  7.464   1.00 52.68  ? 162 SER A CA  1 
ATOM   1093 C  C   . SER A 1 142 ? -11.131 -7.643  8.370   1.00 56.28  ? 162 SER A C   1 
ATOM   1094 O  O   . SER A 1 142 ? -11.471 -7.839  9.523   1.00 62.09  ? 162 SER A O   1 
ATOM   1095 C  CB  . SER A 1 142 ? -13.123 -7.504  6.793   1.00 49.89  ? 162 SER A CB  1 
ATOM   1096 O  OG  . SER A 1 142 ? -12.698 -8.718  6.193   1.00 56.57  ? 162 SER A OG  1 
ATOM   1097 N  N   . ASP A 1 143 ? -10.041 -8.200  7.844   1.00 65.12  ? 163 ASP A N   1 
ATOM   1098 C  CA  . ASP A 1 143 ? -9.178  -9.133  8.587   1.00 64.30  ? 163 ASP A CA  1 
ATOM   1099 C  C   . ASP A 1 143 ? -8.456  -8.422  9.737   1.00 63.88  ? 163 ASP A C   1 
ATOM   1100 O  O   . ASP A 1 143 ? -8.090  -9.045  10.724  1.00 62.93  ? 163 ASP A O   1 
ATOM   1101 C  CB  . ASP A 1 143 ? -8.115  -9.714  7.656   1.00 74.12  ? 163 ASP A CB  1 
ATOM   1102 C  CG  . ASP A 1 143 ? -8.622  -10.863 6.782   1.00 72.62  ? 163 ASP A CG  1 
ATOM   1103 O  OD1 . ASP A 1 143 ? -9.531  -11.600 7.185   1.00 62.12  ? 163 ASP A OD1 1 
ATOM   1104 O  OD2 . ASP A 1 143 ? -8.049  -11.040 5.693   1.00 77.25  ? 163 ASP A OD2 1 
ATOM   1105 N  N   . PHE A 1 144 ? -8.284  -7.119  9.576   1.00 56.81  ? 164 PHE A N   1 
ATOM   1106 C  CA  . PHE A 1 144 ? -7.555  -6.254  10.463  1.00 57.62  ? 164 PHE A CA  1 
ATOM   1107 C  C   . PHE A 1 144 ? -8.477  -5.285  11.188  1.00 66.39  ? 164 PHE A C   1 
ATOM   1108 O  O   . PHE A 1 144 ? -7.990  -4.368  11.865  1.00 58.98  ? 164 PHE A O   1 
ATOM   1109 C  CB  . PHE A 1 144 ? -6.602  -5.396  9.611   1.00 60.11  ? 164 PHE A CB  1 
ATOM   1110 C  CG  . PHE A 1 144 ? -5.417  -6.145  9.101   1.00 66.94  ? 164 PHE A CG  1 
ATOM   1111 C  CD1 . PHE A 1 144 ? -5.490  -6.842  7.894   1.00 67.74  ? 164 PHE A CD1 1 
ATOM   1112 C  CD2 . PHE A 1 144 ? -4.232  -6.206  9.858   1.00 66.54  ? 164 PHE A CD2 1 
ATOM   1113 C  CE1 . PHE A 1 144 ? -4.397  -7.561  7.436   1.00 70.74  ? 164 PHE A CE1 1 
ATOM   1114 C  CE2 . PHE A 1 144 ? -3.137  -6.922  9.404   1.00 63.03  ? 164 PHE A CE2 1 
ATOM   1115 C  CZ  . PHE A 1 144 ? -3.224  -7.598  8.193   1.00 74.70  ? 164 PHE A CZ  1 
ATOM   1116 N  N   . LYS A 1 145 ? -9.792  -5.440  10.983  1.00 65.44  ? 165 LYS A N   1 
ATOM   1117 C  CA  . LYS A 1 145 ? -10.807 -4.472  11.429  1.00 60.54  ? 165 LYS A CA  1 
ATOM   1118 C  C   . LYS A 1 145 ? -10.437 -3.019  11.208  1.00 58.49  ? 165 LYS A C   1 
ATOM   1119 O  O   . LYS A 1 145 ? -10.660 -2.158  12.074  1.00 69.70  ? 165 LYS A O   1 
ATOM   1120 C  CB  . LYS A 1 145 ? -11.202 -4.754  12.858  1.00 62.25  ? 165 LYS A CB  1 
ATOM   1121 C  CG  . LYS A 1 145 ? -11.714 -6.161  12.884  1.00 65.91  ? 165 LYS A CG  1 
ATOM   1122 C  CD  . LYS A 1 145 ? -11.925 -6.739  14.252  1.00 75.36  ? 165 LYS A CD  1 
ATOM   1123 C  CE  . LYS A 1 145 ? -12.748 -7.988  14.033  1.00 84.45  ? 165 LYS A CE  1 
ATOM   1124 N  NZ  . LYS A 1 145 ? -13.134 -8.592  15.324  1.00 104.07 ? 165 LYS A NZ  1 
ATOM   1125 N  N   . PHE A 1 146 ? -9.866  -2.775  10.035  1.00 55.88  ? 166 PHE A N   1 
ATOM   1126 C  CA  . PHE A 1 146 ? -9.471  -1.459  9.600   1.00 63.22  ? 166 PHE A CA  1 
ATOM   1127 C  C   . PHE A 1 146 ? -10.642 -0.691  8.976   1.00 69.80  ? 166 PHE A C   1 
ATOM   1128 O  O   . PHE A 1 146 ? -11.339 -1.229  8.077   1.00 75.81  ? 166 PHE A O   1 
ATOM   1129 C  CB  . PHE A 1 146 ? -8.374  -1.595  8.573   1.00 57.71  ? 166 PHE A CB  1 
ATOM   1130 C  CG  . PHE A 1 146 ? -7.745  -0.324  8.260   1.00 53.51  ? 166 PHE A CG  1 
ATOM   1131 C  CD1 . PHE A 1 146 ? -6.971  0.262   9.221   1.00 53.17  ? 166 PHE A CD1 1 
ATOM   1132 C  CD2 . PHE A 1 146 ? -7.967  0.344   7.044   1.00 51.23  ? 166 PHE A CD2 1 
ATOM   1133 C  CE1 . PHE A 1 146 ? -6.347  1.493   8.999   1.00 59.74  ? 166 PHE A CE1 1 
ATOM   1134 C  CE2 . PHE A 1 146 ? -7.328  1.567   6.796   1.00 54.11  ? 166 PHE A CE2 1 
ATOM   1135 C  CZ  . PHE A 1 146 ? -6.517  2.148   7.784   1.00 56.43  ? 166 PHE A CZ  1 
ATOM   1136 N  N   . ALA A 1 147 ? -10.830 0.550   9.454   1.00 61.42  ? 167 ALA A N   1 
ATOM   1137 C  CA  . ALA A 1 147 ? -11.901 1.471   9.016   1.00 67.53  ? 167 ALA A CA  1 
ATOM   1138 C  C   . ALA A 1 147 ? -13.294 0.854   9.095   1.00 70.34  ? 167 ALA A C   1 
ATOM   1139 O  O   . ALA A 1 147 ? -14.120 1.109   8.218   1.00 83.87  ? 167 ALA A O   1 
ATOM   1140 C  CB  . ALA A 1 147 ? -11.624 2.058   7.612   1.00 57.76  ? 167 ALA A CB  1 
ATOM   1141 N  N   . THR A 1 148 ? -13.550 0.059   10.147  1.00 68.64  ? 168 THR A N   1 
ATOM   1142 C  CA  . THR A 1 148 ? -14.829 -0.700  10.287  1.00 77.00  ? 168 THR A CA  1 
ATOM   1143 C  C   . THR A 1 148 ? -16.103 0.137   10.064  1.00 74.75  ? 168 THR A C   1 
ATOM   1144 O  O   . THR A 1 148 ? -17.086 -0.410  9.595   1.00 71.66  ? 168 THR A O   1 
ATOM   1145 C  CB  . THR A 1 148 ? -14.962 -1.548  11.594  1.00 72.58  ? 168 THR A CB  1 
ATOM   1146 O  OG1 . THR A 1 148 ? -14.352 -0.852  12.693  1.00 109.76 ? 168 THR A OG1 1 
ATOM   1147 C  CG2 . THR A 1 148 ? -14.315 -2.949  11.442  1.00 76.11  ? 168 THR A CG2 1 
ATOM   1148 N  N   . SER A 1 149 ? -16.049 1.437   10.406  1.00 79.98  ? 169 SER A N   1 
ATOM   1149 C  CA  . SER A 1 149 ? -17.099 2.445   10.167  1.00 80.47  ? 169 SER A CA  1 
ATOM   1150 C  C   . SER A 1 149 ? -17.438 2.591   8.652   1.00 84.00  ? 169 SER A C   1 
ATOM   1151 O  O   . SER A 1 149 ? -18.624 2.572   8.266   1.00 80.92  ? 169 SER A O   1 
ATOM   1152 C  CB  . SER A 1 149 ? -16.656 3.809   10.752  1.00 75.07  ? 169 SER A CB  1 
ATOM   1153 O  OG  . SER A 1 149 ? -15.456 4.262   10.098  1.00 89.72  ? 169 SER A OG  1 
ATOM   1154 N  N   . THR A 1 150 ? -16.400 2.747   7.814   1.00 80.08  ? 170 THR A N   1 
ATOM   1155 C  CA  . THR A 1 150 ? -16.535 2.786   6.338   1.00 70.05  ? 170 THR A CA  1 
ATOM   1156 C  C   . THR A 1 150 ? -16.995 1.459   5.719   1.00 74.17  ? 170 THR A C   1 
ATOM   1157 O  O   . THR A 1 150 ? -16.374 0.419   5.945   1.00 78.93  ? 170 THR A O   1 
ATOM   1158 C  CB  . THR A 1 150 ? -15.216 3.139   5.697   1.00 62.67  ? 170 THR A CB  1 
ATOM   1159 O  OG1 . THR A 1 150 ? -14.598 4.211   6.428   1.00 63.70  ? 170 THR A OG1 1 
ATOM   1160 C  CG2 . THR A 1 150 ? -15.418 3.501   4.264   1.00 64.87  ? 170 THR A CG2 1 
ATOM   1161 N  N   . SER A 1 151 ? -18.101 1.510   4.968   1.00 83.50  ? 171 SER A N   1 
ATOM   1162 C  CA  . SER A 1 151 ? -18.710 0.349   4.285   1.00 84.51  ? 171 SER A CA  1 
ATOM   1163 C  C   . SER A 1 151 ? -17.758 -0.265  3.275   1.00 82.86  ? 171 SER A C   1 
ATOM   1164 O  O   . SER A 1 151 ? -16.952 0.451   2.625   1.00 72.98  ? 171 SER A O   1 
ATOM   1165 C  CB  . SER A 1 151 ? -19.962 0.789   3.517   1.00 87.04  ? 171 SER A CB  1 
ATOM   1166 O  OG  . SER A 1 151 ? -20.794 -0.305  3.202   1.00 86.99  ? 171 SER A OG  1 
ATOM   1167 N  N   . THR A 1 152 ? -17.868 -1.583  3.107   1.00 73.63  ? 172 THR A N   1 
ATOM   1168 C  CA  . THR A 1 152 ? -17.095 -2.216  2.036   1.00 73.47  ? 172 THR A CA  1 
ATOM   1169 C  C   . THR A 1 152 ? -17.608 -1.829  0.632   1.00 79.42  ? 172 THR A C   1 
ATOM   1170 O  O   . THR A 1 152 ? -16.935 -2.113  -0.355  1.00 89.80  ? 172 THR A O   1 
ATOM   1171 C  CB  . THR A 1 152 ? -17.017 -3.740  2.159   1.00 68.71  ? 172 THR A CB  1 
ATOM   1172 O  OG1 . THR A 1 152 ? -18.325 -4.270  2.341   1.00 70.93  ? 172 THR A OG1 1 
ATOM   1173 C  CG2 . THR A 1 152 ? -16.131 -4.145  3.297   1.00 70.12  ? 172 THR A CG2 1 
ATOM   1174 N  N   . ILE A 1 153 ? -18.768 -1.164  0.557   1.00 76.29  ? 173 ILE A N   1 
ATOM   1175 C  CA  . ILE A 1 153 ? -19.272 -0.582  -0.688  1.00 67.37  ? 173 ILE A CA  1 
ATOM   1176 C  C   . ILE A 1 153 ? -18.524 0.687   -1.110  1.00 65.76  ? 173 ILE A C   1 
ATOM   1177 O  O   . ILE A 1 153 ? -18.005 0.749   -2.216  1.00 85.34  ? 173 ILE A O   1 
ATOM   1178 C  CB  . ILE A 1 153 ? -20.776 -0.321  -0.626  1.00 73.70  ? 173 ILE A CB  1 
ATOM   1179 C  CG1 . ILE A 1 153 ? -21.517 -1.569  -0.116  1.00 78.29  ? 173 ILE A CG1 1 
ATOM   1180 C  CG2 . ILE A 1 153 ? -21.270 0.066   -2.008  1.00 78.62  ? 173 ILE A CG2 1 
ATOM   1181 C  CD1 . ILE A 1 153 ? -22.976 -1.354  0.248   1.00 71.61  ? 173 ILE A CD1 1 
ATOM   1182 N  N   . THR A 1 154 ? -18.461 1.688   -0.244  1.00 66.97  ? 174 THR A N   1 
ATOM   1183 C  CA  . THR A 1 154 ? -17.768 2.953   -0.539  1.00 70.44  ? 174 THR A CA  1 
ATOM   1184 C  C   . THR A 1 154 ? -16.299 2.723   -0.868  1.00 68.61  ? 174 THR A C   1 
ATOM   1185 O  O   . THR A 1 154 ? -15.770 3.309   -1.813  1.00 65.09  ? 174 THR A O   1 
ATOM   1186 C  CB  . THR A 1 154 ? -17.812 3.905   0.690   1.00 72.99  ? 174 THR A CB  1 
ATOM   1187 O  OG1 . THR A 1 154 ? -19.147 3.950   1.193   1.00 90.53  ? 174 THR A OG1 1 
ATOM   1188 C  CG2 . THR A 1 154 ? -17.253 5.349   0.381   1.00 68.01  ? 174 THR A CG2 1 
ATOM   1189 N  N   . LEU A 1 155 ? -15.652 1.907   -0.018  1.00 74.01  ? 175 LEU A N   1 
ATOM   1190 C  CA  . LEU A 1 155 ? -14.198 1.641   -0.020  1.00 62.96  ? 175 LEU A CA  1 
ATOM   1191 C  C   . LEU A 1 155 ? -14.043 0.153   0.033   1.00 67.73  ? 175 LEU A C   1 
ATOM   1192 O  O   . LEU A 1 155 ? -14.705 -0.524  0.841   1.00 68.55  ? 175 LEU A O   1 
ATOM   1193 C  CB  . LEU A 1 155 ? -13.526 2.239   1.186   1.00 57.37  ? 175 LEU A CB  1 
ATOM   1194 C  CG  . LEU A 1 155 ? -12.021 2.193   1.311   1.00 61.17  ? 175 LEU A CG  1 
ATOM   1195 C  CD1 . LEU A 1 155 ? -11.367 3.251   0.435   1.00 59.55  ? 175 LEU A CD1 1 
ATOM   1196 C  CD2 . LEU A 1 155 ? -11.654 2.443   2.770   1.00 59.28  ? 175 LEU A CD2 1 
ATOM   1197 N  N   . SER A 1 156 ? -13.200 -0.340  -0.873  1.00 67.05  ? 176 SER A N   1 
ATOM   1198 C  CA  . SER A 1 156 ? -13.016 -1.758  -1.124  1.00 65.47  ? 176 SER A CA  1 
ATOM   1199 C  C   . SER A 1 156 ? -12.478 -2.452  0.139   1.00 67.07  ? 176 SER A C   1 
ATOM   1200 O  O   . SER A 1 156 ? -11.573 -1.907  0.814   1.00 62.13  ? 176 SER A O   1 
ATOM   1201 C  CB  . SER A 1 156 ? -12.010 -1.895  -2.263  1.00 63.84  ? 176 SER A CB  1 
ATOM   1202 O  OG  . SER A 1 156 ? -11.686 -3.248  -2.440  1.00 79.81  ? 176 SER A OG  1 
ATOM   1203 N  N   . ASP A 1 157 ? -12.992 -3.642  0.459   1.00 61.24  ? 177 ASP A N   1 
ATOM   1204 C  CA  . ASP A 1 157 ? -12.355 -4.446  1.523   1.00 59.36  ? 177 ASP A CA  1 
ATOM   1205 C  C   . ASP A 1 157 ? -10.907 -4.808  1.164   1.00 66.34  ? 177 ASP A C   1 
ATOM   1206 O  O   . ASP A 1 157 ? -10.081 -4.973  2.061   1.00 75.23  ? 177 ASP A O   1 
ATOM   1207 C  CB  . ASP A 1 157 ? -13.145 -5.708  1.833   1.00 55.04  ? 177 ASP A CB  1 
ATOM   1208 C  CG  . ASP A 1 157 ? -12.867 -6.264  3.234   1.00 62.36  ? 177 ASP A CG  1 
ATOM   1209 O  OD1 . ASP A 1 157 ? -12.501 -5.528  4.189   1.00 63.26  ? 177 ASP A OD1 1 
ATOM   1210 O  OD2 . ASP A 1 157 ? -13.053 -7.480  3.394   1.00 61.77  ? 177 ASP A OD2 1 
ATOM   1211 N  N   . ASP A 1 158 ? -10.599 -4.889  -0.141  1.00 64.50  ? 178 ASP A N   1 
ATOM   1212 C  CA  . ASP A 1 158 ? -9.285  -5.330  -0.625  1.00 60.44  ? 178 ASP A CA  1 
ATOM   1213 C  C   . ASP A 1 158 ? -8.305  -4.190  -0.811  1.00 61.47  ? 178 ASP A C   1 
ATOM   1214 O  O   . ASP A 1 158 ? -8.583  -3.235  -1.567  1.00 66.36  ? 178 ASP A O   1 
ATOM   1215 C  CB  . ASP A 1 158 ? -9.409  -6.114  -1.940  1.00 58.48  ? 178 ASP A CB  1 
ATOM   1216 C  CG  . ASP A 1 158 ? -10.304 -7.326  -1.818  1.00 68.56  ? 178 ASP A CG  1 
ATOM   1217 O  OD1 . ASP A 1 158 ? -9.956  -8.339  -1.159  1.00 81.99  ? 178 ASP A OD1 1 
ATOM   1218 O  OD2 . ASP A 1 158 ? -11.401 -7.261  -2.379  1.00 83.66  ? 178 ASP A OD2 1 
ATOM   1219 N  N   . ILE A 1 159 ? -7.151  -4.313  -0.144  1.00 58.46  ? 179 ILE A N   1 
ATOM   1220 C  CA  . ILE A 1 159 ? -5.999  -3.431  -0.389  1.00 59.95  ? 179 ILE A CA  1 
ATOM   1221 C  C   . ILE A 1 159 ? -4.912  -4.235  -1.091  1.00 58.58  ? 179 ILE A C   1 
ATOM   1222 O  O   . ILE A 1 159 ? -4.629  -5.343  -0.676  1.00 57.23  ? 179 ILE A O   1 
ATOM   1223 C  CB  . ILE A 1 159 ? -5.386  -2.895  0.922   1.00 57.92  ? 179 ILE A CB  1 
ATOM   1224 C  CG1 . ILE A 1 159 ? -6.466  -2.314  1.823   1.00 58.62  ? 179 ILE A CG1 1 
ATOM   1225 C  CG2 . ILE A 1 159 ? -4.340  -1.842  0.595   1.00 55.69  ? 179 ILE A CG2 1 
ATOM   1226 C  CD1 . ILE A 1 159 ? -5.991  -2.002  3.216   1.00 71.78  ? 179 ILE A CD1 1 
ATOM   1227 N  N   . ASN A 1 160 ? -4.311  -3.669  -2.132  1.00 60.28  ? 180 ASN A N   1 
ATOM   1228 C  CA  . ASN A 1 160 ? -3.238  -4.320  -2.893  1.00 64.13  ? 180 ASN A CA  1 
ATOM   1229 C  C   . ASN A 1 160 ? -1.928  -3.700  -2.529  1.00 68.28  ? 180 ASN A C   1 
ATOM   1230 O  O   . ASN A 1 160 ? -1.726  -2.488  -2.686  1.00 70.61  ? 180 ASN A O   1 
ATOM   1231 C  CB  . ASN A 1 160 ? -3.426  -4.174  -4.419  1.00 72.61  ? 180 ASN A CB  1 
ATOM   1232 C  CG  . ASN A 1 160 ? -4.448  -5.153  -4.999  1.00 78.10  ? 180 ASN A CG  1 
ATOM   1233 O  OD1 . ASN A 1 160 ? -4.598  -6.306  -4.562  1.00 97.26  ? 180 ASN A OD1 1 
ATOM   1234 N  ND2 . ASN A 1 160 ? -5.153  -4.693  -6.002  1.00 96.85  ? 180 ASN A ND2 1 
ATOM   1235 N  N   . LEU A 1 161 ? -1.030  -4.547  -2.053  1.00 66.43  ? 181 LEU A N   1 
ATOM   1236 C  CA  . LEU A 1 161 ? 0.286   -4.113  -1.625  1.00 61.14  ? 181 LEU A CA  1 
ATOM   1237 C  C   . LEU A 1 161 ? 1.238   -4.288  -2.789  1.00 63.95  ? 181 LEU A C   1 
ATOM   1238 O  O   . LEU A 1 161 ? 1.324   -5.371  -3.399  1.00 66.53  ? 181 LEU A O   1 
ATOM   1239 C  CB  . LEU A 1 161 ? 0.727   -4.916  -0.400  1.00 61.14  ? 181 LEU A CB  1 
ATOM   1240 C  CG  . LEU A 1 161 ? -0.292  -5.125  0.725   1.00 62.74  ? 181 LEU A CG  1 
ATOM   1241 C  CD1 . LEU A 1 161 ? 0.312   -5.801  1.942   1.00 61.57  ? 181 LEU A CD1 1 
ATOM   1242 C  CD2 . LEU A 1 161 ? -0.864  -3.774  1.117   1.00 64.54  ? 181 LEU A CD2 1 
ATOM   1243 N  N   . ASN A 1 162 ? 1.884   -3.194  -3.155  1.00 63.58  ? 182 ASN A N   1 
ATOM   1244 C  CA  . ASN A 1 162 ? 3.004   -3.270  -4.044  1.00 66.63  ? 182 ASN A CA  1 
ATOM   1245 C  C   . ASN A 1 162 ? 4.271   -2.644  -3.377  1.00 72.75  ? 182 ASN A C   1 
ATOM   1246 O  O   . ASN A 1 162 ? 4.399   -1.406  -3.320  1.00 82.05  ? 182 ASN A O   1 
ATOM   1247 C  CB  . ASN A 1 162 ? 2.658   -2.672  -5.409  1.00 73.76  ? 182 ASN A CB  1 
ATOM   1248 C  CG  . ASN A 1 162 ? 3.896   -2.500  -6.283  1.00 95.95  ? 182 ASN A CG  1 
ATOM   1249 O  OD1 . ASN A 1 162 ? 4.471   -1.415  -6.335  1.00 123.68 ? 182 ASN A OD1 1 
ATOM   1250 N  ND2 . ASN A 1 162 ? 4.363   -3.586  -6.901  1.00 100.65 ? 182 ASN A ND2 1 
ATOM   1251 N  N   . ILE A 1 163 ? 5.172   -3.492  -2.847  1.00 61.62  ? 183 ILE A N   1 
ATOM   1252 C  CA  . ILE A 1 163 ? 6.455   -3.028  -2.291  1.00 62.57  ? 183 ILE A CA  1 
ATOM   1253 C  C   . ILE A 1 163 ? 7.530   -3.207  -3.349  1.00 65.84  ? 183 ILE A C   1 
ATOM   1254 O  O   . ILE A 1 163 ? 7.864   -4.332  -3.703  1.00 71.58  ? 183 ILE A O   1 
ATOM   1255 C  CB  . ILE A 1 163 ? 6.920   -3.811  -1.032  1.00 59.26  ? 183 ILE A CB  1 
ATOM   1256 C  CG1 . ILE A 1 163 ? 5.774   -4.187  -0.085  1.00 59.25  ? 183 ILE A CG1 1 
ATOM   1257 C  CG2 . ILE A 1 163 ? 8.001   -3.054  -0.288  1.00 53.42  ? 183 ILE A CG2 1 
ATOM   1258 C  CD1 . ILE A 1 163 ? 4.803   -3.094  0.258   1.00 58.98  ? 183 ILE A CD1 1 
ATOM   1259 N  N   . GLU A 1 164 ? 8.068   -2.113  -3.864  1.00 66.37  ? 184 GLU A N   1 
ATOM   1260 C  CA  . GLU A 1 164 ? 9.185   -2.207  -4.794  1.00 71.82  ? 184 GLU A CA  1 
ATOM   1261 C  C   . GLU A 1 164 ? 10.484  -1.793  -4.079  1.00 73.43  ? 184 GLU A C   1 
ATOM   1262 O  O   . GLU A 1 164 ? 10.586  -0.681  -3.599  1.00 78.90  ? 184 GLU A O   1 
ATOM   1263 C  CB  . GLU A 1 164 ? 8.910   -1.359  -6.032  1.00 80.00  ? 184 GLU A CB  1 
ATOM   1264 C  CG  . GLU A 1 164 ? 9.745   -1.728  -7.253  1.00 95.56  ? 184 GLU A CG  1 
ATOM   1265 C  CD  . GLU A 1 164 ? 9.212   -2.941  -7.995  1.00 106.71 ? 184 GLU A CD  1 
ATOM   1266 O  OE1 . GLU A 1 164 ? 7.997   -2.970  -8.328  1.00 108.39 ? 184 GLU A OE1 1 
ATOM   1267 O  OE2 . GLU A 1 164 ? 10.026  -3.860  -8.242  1.00 112.60 ? 184 GLU A OE2 1 
ATOM   1268 N  N   . VAL A 1 165 ? 11.459  -2.693  -3.986  1.00 67.30  ? 185 VAL A N   1 
ATOM   1269 C  CA  . VAL A 1 165 ? 12.688  -2.441  -3.216  1.00 67.88  ? 185 VAL A CA  1 
ATOM   1270 C  C   . VAL A 1 165 ? 13.893  -2.526  -4.144  1.00 68.88  ? 185 VAL A C   1 
ATOM   1271 O  O   . VAL A 1 165 ? 13.983  -3.469  -4.942  1.00 73.72  ? 185 VAL A O   1 
ATOM   1272 C  CB  . VAL A 1 165 ? 12.859  -3.477  -2.074  1.00 67.27  ? 185 VAL A CB  1 
ATOM   1273 C  CG1 . VAL A 1 165 ? 14.182  -3.317  -1.351  1.00 65.35  ? 185 VAL A CG1 1 
ATOM   1274 C  CG2 . VAL A 1 165 ? 11.734  -3.358  -1.082  1.00 66.98  ? 185 VAL A CG2 1 
ATOM   1275 N  N   . GLU A 1 166 ? 14.755  -1.503  -4.093  1.00 70.64  ? 186 GLU A N   1 
ATOM   1276 C  CA  . GLU A 1 166 ? 16.172  -1.596  -4.509  1.00 74.53  ? 186 GLU A CA  1 
ATOM   1277 C  C   . GLU A 1 166 ? 16.956  -1.438  -3.205  1.00 74.26  ? 186 GLU A C   1 
ATOM   1278 O  O   . GLU A 1 166 ? 16.499  -0.754  -2.275  1.00 85.49  ? 186 GLU A O   1 
ATOM   1279 C  CB  . GLU A 1 166 ? 16.566  -0.575  -5.590  1.00 64.20  ? 186 GLU A CB  1 
ATOM   1280 N  N   . ALA A 1 167 ? 18.079  -2.138  -3.095  1.00 68.14  ? 187 ALA A N   1 
ATOM   1281 C  CA  . ALA A 1 167 ? 18.815  -2.217  -1.831  1.00 69.14  ? 187 ALA A CA  1 
ATOM   1282 C  C   . ALA A 1 167 ? 20.283  -2.666  -2.009  1.00 77.60  ? 187 ALA A C   1 
ATOM   1283 O  O   . ALA A 1 167 ? 20.607  -3.441  -2.917  1.00 91.09  ? 187 ALA A O   1 
ATOM   1284 C  CB  . ALA A 1 167 ? 18.086  -3.098  -0.826  1.00 62.48  ? 187 ALA A CB  1 
ATOM   1285 N  N   . ASN A 1 168 ? 21.143  -2.175  -1.115  1.00 79.72  ? 188 ASN A N   1 
ATOM   1286 C  CA  . ASN A 1 168 ? 22.595  -2.300  -1.215  1.00 68.58  ? 188 ASN A CA  1 
ATOM   1287 C  C   . ASN A 1 168 ? 23.127  -2.985  0.021   1.00 68.04  ? 188 ASN A C   1 
ATOM   1288 O  O   . ASN A 1 168 ? 22.504  -2.950  1.087   1.00 69.72  ? 188 ASN A O   1 
ATOM   1289 C  CB  . ASN A 1 168 ? 23.204  -0.916  -1.399  1.00 66.45  ? 188 ASN A CB  1 
ATOM   1290 C  CG  . ASN A 1 168 ? 22.715  -0.224  -2.680  1.00 75.61  ? 188 ASN A CG  1 
ATOM   1291 O  OD1 . ASN A 1 168 ? 23.106  -0.597  -3.792  1.00 81.57  ? 188 ASN A OD1 1 
ATOM   1292 N  ND2 . ASN A 1 168 ? 21.851  0.782   -2.532  1.00 80.56  ? 188 ASN A ND2 1 
ATOM   1293 N  N   . GLU A 1 169 ? 24.260  -3.649  -0.124  1.00 75.61  ? 189 GLU A N   1 
ATOM   1294 C  CA  . GLU A 1 169 ? 24.845  -4.383  0.995   1.00 87.72  ? 189 GLU A CA  1 
ATOM   1295 C  C   . GLU A 1 169 ? 25.219  -3.450  2.175   1.00 99.88  ? 189 GLU A C   1 
ATOM   1296 O  O   . GLU A 1 169 ? 25.259  -2.231  2.013   1.00 104.64 ? 189 GLU A O   1 
ATOM   1297 C  CB  . GLU A 1 169 ? 26.042  -5.185  0.497   1.00 81.82  ? 189 GLU A CB  1 
ATOM   1298 C  CG  . GLU A 1 169 ? 26.351  -6.401  1.353   1.00 90.69  ? 189 GLU A CG  1 
ATOM   1299 C  CD  . GLU A 1 169 ? 27.594  -7.173  0.911   1.00 97.50  ? 189 GLU A CD  1 
ATOM   1300 O  OE1 . GLU A 1 169 ? 27.915  -8.181  1.607   1.00 92.51  ? 189 GLU A OE1 1 
ATOM   1301 O  OE2 . GLU A 1 169 ? 28.232  -6.795  -0.118  1.00 84.89  ? 189 GLU A OE2 1 
ATOM   1302 N  N   . LYS A 1 170 ? 25.494  -4.022  3.347   1.00 111.57 ? 190 LYS A N   1 
ATOM   1303 C  CA  . LYS A 1 170 ? 25.743  -3.255  4.568   1.00 118.00 ? 190 LYS A CA  1 
ATOM   1304 C  C   . LYS A 1 170 ? 27.247  -2.965  4.869   1.00 139.37 ? 190 LYS A C   1 
ATOM   1305 O  O   . LYS A 1 170 ? 28.132  -3.386  4.101   1.00 137.36 ? 190 LYS A O   1 
ATOM   1306 C  CB  . LYS A 1 170 ? 25.043  -3.949  5.748   1.00 119.54 ? 190 LYS A CB  1 
ATOM   1307 C  CG  . LYS A 1 170 ? 24.073  -3.046  6.492   1.00 112.14 ? 190 LYS A CG  1 
ATOM   1308 C  CD  . LYS A 1 170 ? 23.827  -3.524  7.911   1.00 104.50 ? 190 LYS A CD  1 
ATOM   1309 C  CE  . LYS A 1 170 ? 23.489  -2.284  8.784   1.00 122.49 ? 190 LYS A CE  1 
ATOM   1310 N  NZ  . LYS A 1 170 ? 23.197  -2.648  10.202  1.00 131.86 ? 190 LYS A NZ  1 
ATOM   1311 N  N   . GLU A 1 171 ? 27.497  -2.254  5.991   1.00 151.42 ? 191 GLU A N   1 
ATOM   1312 C  CA  . GLU A 1 171 ? 28.825  -1.760  6.466   1.00 129.78 ? 191 GLU A CA  1 
ATOM   1313 C  C   . GLU A 1 171 ? 29.574  -0.969  5.389   1.00 128.73 ? 191 GLU A C   1 
ATOM   1314 O  O   . GLU A 1 171 ? 28.959  -0.214  4.621   1.00 112.76 ? 191 GLU A O   1 
ATOM   1315 C  CB  . GLU A 1 171 ? 29.704  -2.875  7.085   1.00 105.08 ? 191 GLU A CB  1 
HETATM 1316 C  C1  . UNL B 2 .   ? 3.715   -3.923  4.171   1.00 66.11  ? 301 UNL A C1  1 
HETATM 1317 C  C2  . UNL B 2 .   ? 3.022   -2.660  3.597   1.00 76.90  ? 301 UNL A C2  1 
HETATM 1318 C  C3  . UNL B 2 .   ? 1.582   -2.369  4.078   1.00 77.24  ? 301 UNL A C3  1 
HETATM 1319 C  C4  . UNL B 2 .   ? 0.751   -1.275  3.356   1.00 73.21  ? 301 UNL A C4  1 
HETATM 1320 C  C5  . UNL B 2 .   ? -0.726  -1.319  3.861   1.00 70.69  ? 301 UNL A C5  1 
HETATM 1321 C  C6  . UNL B 2 .   ? -1.451  0.031   3.973   1.00 71.92  ? 301 UNL A C6  1 
HETATM 1322 C  C7  . UNL B 2 .   ? -2.992  0.058   4.072   1.00 70.06  ? 301 UNL A C7  1 
HETATM 1323 C  C8  . UNL B 2 .   ? -3.473  1.378   3.409   1.00 74.00  ? 301 UNL A C8  1 
HETATM 1324 C  C9  . UNL B 2 .   ? -4.992  1.686   3.364   1.00 76.19  ? 301 UNL A C9  1 
HETATM 1325 C  C10 . UNL B 2 .   ? -5.365  3.127   2.897   1.00 77.26  ? 301 UNL A C10 1 
HETATM 1326 C  C11 . UNL B 2 .   ? -6.875  3.530   2.806   1.00 76.65  ? 301 UNL A C11 1 
HETATM 1327 C  C12 . UNL B 2 .   ? -7.218  4.794   1.949   1.00 75.78  ? 301 UNL A C12 1 
HETATM 1328 C  C13 . UNL B 2 .   ? -8.702  5.264   1.967   1.00 81.93  ? 301 UNL A C13 1 
HETATM 1329 C  C14 . UNL B 2 .   ? -9.030  6.657   1.350   1.00 90.72  ? 301 UNL A C14 1 
HETATM 1330 C  C15 . UNL B 2 .   ? -10.456 7.221   1.644   1.00 102.51 ? 301 UNL A C15 1 
HETATM 1331 C  C16 . UNL B 2 .   ? -10.795 8.640   1.096   1.00 114.61 ? 301 UNL A C16 1 
HETATM 1332 C  C17 . UNL B 2 .   ? -11.353 9.701   2.083   1.00 100.30 ? 301 UNL A C17 1 
HETATM 1333 S  S   . SO4 C 3 .   ? -3.654  -15.112 11.876  0.90 102.80 ? 302 SO4 A S   1 
HETATM 1334 O  O1  . SO4 C 3 .   ? -4.022  -15.935 13.064  0.90 94.06  ? 302 SO4 A O1  1 
HETATM 1335 O  O2  . SO4 C 3 .   ? -2.392  -14.348 12.074  0.90 109.96 ? 302 SO4 A O2  1 
HETATM 1336 O  O3  . SO4 C 3 .   ? -4.736  -14.121 11.668  0.90 140.78 ? 302 SO4 A O3  1 
HETATM 1337 O  O4  . SO4 C 3 .   ? -3.524  -15.940 10.656  0.90 109.47 ? 302 SO4 A O4  1 
HETATM 1338 S  S   . SO4 D 3 .   ? -19.354 5.422   4.185   0.45 59.96  ? 303 SO4 A S   1 
HETATM 1339 O  O1  . SO4 D 3 .   ? -19.700 5.781   5.587   0.45 58.81  ? 303 SO4 A O1  1 
HETATM 1340 O  O2  . SO4 D 3 .   ? -18.465 6.482   3.559   0.45 48.36  ? 303 SO4 A O2  1 
HETATM 1341 O  O3  . SO4 D 3 .   ? -18.698 4.095   4.199   0.45 55.69  ? 303 SO4 A O3  1 
HETATM 1342 O  O4  . SO4 D 3 .   ? -20.625 5.191   3.443   0.45 55.14  ? 303 SO4 A O4  1 
HETATM 1343 N  N   . SEC E 4 .   ? 8.064   9.652   -4.729  0.90 151.70 ? 304 SEC A N   1 
HETATM 1344 C  CA  . SEC E 4 .   ? 8.396   9.947   -3.294  0.90 173.70 ? 304 SEC A CA  1 
HETATM 1345 C  CB  . SEC E 4 .   ? 8.268   8.668   -2.448  0.90 172.26 ? 304 SEC A CB  1 
HETATM 1346 SE SE  . SEC E 4 .   ? 6.513   8.477   -1.580  0.90 189.82 ? 304 SEC A SE  1 
HETATM 1347 C  C   . SEC E 4 .   ? 9.781   10.565  -3.178  0.90 170.32 ? 304 SEC A C   1 
HETATM 1348 O  O   . SEC E 4 .   ? 10.077  11.335  -2.260  0.90 168.28 ? 304 SEC A O   1 
HETATM 1349 O  OXT . SEC E 4 .   ? 10.677  10.336  -3.995  0.90 156.60 ? 304 SEC A OXT 1 
HETATM 1350 O  O   . HOH F 5 .   ? 3.947   -7.088  12.404  1.00 63.74  ? 401 HOH A O   1 
HETATM 1351 O  O   . HOH F 5 .   ? -12.629 1.082   15.774  1.00 70.45  ? 402 HOH A O   1 
HETATM 1352 O  O   . HOH F 5 .   ? -6.834  -2.026  12.435  1.00 76.44  ? 403 HOH A O   1 
HETATM 1353 O  O   . HOH F 5 .   ? -9.381  1.445   11.993  1.00 73.52  ? 404 HOH A O   1 
HETATM 1354 O  O   . HOH F 5 .   ? 1.958   -17.587 -3.626  1.00 58.90  ? 405 HOH A O   1 
HETATM 1355 O  O   . HOH F 5 .   ? 13.778  -2.130  11.174  1.00 66.77  ? 406 HOH A O   1 
HETATM 1356 O  O   . HOH F 5 .   ? 5.930   -18.735 2.879   1.00 53.63  ? 407 HOH A O   1 
HETATM 1357 O  O   . HOH F 5 .   ? -3.665  18.508  -1.469  1.00 69.26  ? 408 HOH A O   1 
HETATM 1358 O  O   . HOH F 5 .   ? -11.653 0.473   12.906  1.00 62.84  ? 409 HOH A O   1 
HETATM 1359 O  O   . HOH F 5 .   ? -9.447  11.698  15.485  1.00 69.65  ? 410 HOH A O   1 
HETATM 1360 O  O   . HOH F 5 .   ? -19.349 -3.541  5.219   1.00 55.59  ? 411 HOH A O   1 
HETATM 1361 O  O   . HOH F 5 .   ? -8.059  12.097  -5.828  1.00 59.50  ? 412 HOH A O   1 
HETATM 1362 O  O   . HOH F 5 .   ? 16.577  1.151   7.486   1.00 67.19  ? 413 HOH A O   1 
HETATM 1363 O  O   . HOH F 5 .   ? -15.693 -1.273  -4.306  1.00 59.60  ? 414 HOH A O   1 
HETATM 1364 O  O   . HOH F 5 .   ? -12.119 0.438   18.729  1.00 68.61  ? 415 HOH A O   1 
HETATM 1365 O  O   . HOH F 5 .   ? -6.895  -2.613  -11.466 1.00 72.17  ? 416 HOH A O   1 
# 
loop_
_pdbx_poly_seq_scheme.asym_id 
_pdbx_poly_seq_scheme.entity_id 
_pdbx_poly_seq_scheme.seq_id 
_pdbx_poly_seq_scheme.mon_id 
_pdbx_poly_seq_scheme.ndb_seq_num 
_pdbx_poly_seq_scheme.pdb_seq_num 
_pdbx_poly_seq_scheme.auth_seq_num 
_pdbx_poly_seq_scheme.pdb_mon_id 
_pdbx_poly_seq_scheme.auth_mon_id 
_pdbx_poly_seq_scheme.pdb_strand_id 
_pdbx_poly_seq_scheme.pdb_ins_code 
_pdbx_poly_seq_scheme.hetero 
A 1 1   MET 1   21  21  MET MET A . n 
A 1 2   LYS 2   22  22  LYS LYS A . n 
A 1 3   GLU 3   23  23  GLU GLU A . n 
A 1 4   TYR 4   24  24  TYR TYR A . n 
A 1 5   THR 5   25  25  THR THR A . n 
A 1 6   LEU 6   26  26  LEU LEU A . n 
A 1 7   ASP 7   27  27  ASP ASP A . n 
A 1 8   LYS 8   28  28  LYS LYS A . n 
A 1 9   ALA 9   29  29  ALA ALA A . n 
A 1 10  HIS 10  30  30  HIS HIS A . n 
A 1 11  THR 11  31  31  THR THR A . n 
A 1 12  ASP 12  32  32  ASP ASP A . n 
A 1 13  VAL 13  33  33  VAL VAL A . n 
A 1 14  GLY 14  34  34  GLY GLY A . n 
A 1 15  PHE 15  35  35  PHE PHE A . n 
A 1 16  LYS 16  36  36  LYS LYS A . n 
A 1 17  ILE 17  37  37  ILE ILE A . n 
A 1 18  LYS 18  38  38  LYS LYS A . n 
A 1 19  HIS 19  39  39  HIS HIS A . n 
A 1 20  LEU 20  40  40  LEU LEU A . n 
A 1 21  GLN 21  41  41  GLN GLN A . n 
A 1 22  ILE 22  42  42  ILE ILE A . n 
A 1 23  SER 23  43  43  SER SER A . n 
A 1 24  ASN 24  44  44  ASN ASN A . n 
A 1 25  VAL 25  45  45  VAL VAL A . n 
A 1 26  LYS 26  46  46  LYS LYS A . n 
A 1 27  GLY 27  47  47  GLY GLY A . n 
A 1 28  CYS 28  48  48  CYS CYS A . n 
A 1 29  PHE 29  49  49  PHE PHE A . n 
A 1 30  LYS 30  50  50  LYS LYS A . n 
A 1 31  ASP 31  51  51  ASP ASP A . n 
A 1 32  TYR 32  52  52  TYR TYR A . n 
A 1 33  SER 33  53  53  SER SER A . n 
A 1 34  ALA 34  54  54  ALA ALA A . n 
A 1 35  VAL 35  55  55  VAL VAL A . n 
A 1 36  ILE 36  56  56  ILE ILE A . n 
A 1 37  ASP 37  57  57  ASP ASP A . n 
A 1 38  PHE 38  58  58  PHE PHE A . n 
A 1 39  ASP 39  59  59  ASP ASP A . n 
A 1 40  PRO 40  60  60  PRO PRO A . n 
A 1 41  ALA 41  61  61  ALA ALA A . n 
A 1 42  SER 42  62  62  SER SER A . n 
A 1 43  ALA 43  63  63  ALA ALA A . n 
A 1 44  GLU 44  64  64  GLU GLU A . n 
A 1 45  PHE 45  65  65  PHE PHE A . n 
A 1 46  LYS 46  66  66  LYS LYS A . n 
A 1 47  LYS 47  67  67  LYS LYS A . n 
A 1 48  LEU 48  68  68  LEU LEU A . n 
A 1 49  ASP 49  69  69  ASP ASP A . n 
A 1 50  VAL 50  70  70  VAL VAL A . n 
A 1 51  THR 51  71  71  THR THR A . n 
A 1 52  ILE 52  72  72  ILE ILE A . n 
A 1 53  LYS 53  73  73  LYS LYS A . n 
A 1 54  ILE 54  74  74  ILE ILE A . n 
A 1 55  ALA 55  75  75  ALA ALA A . n 
A 1 56  SER 56  76  76  SER SER A . n 
A 1 57  VAL 57  77  77  VAL VAL A . n 
A 1 58  ASN 58  78  78  ASN ASN A . n 
A 1 59  THR 59  79  79  THR THR A . n 
A 1 60  GLU 60  80  80  GLU GLU A . n 
A 1 61  ASN 61  81  81  ASN ASN A . n 
A 1 62  GLN 62  82  82  GLN GLN A . n 
A 1 63  THR 63  83  83  THR THR A . n 
A 1 64  ARG 64  84  84  ARG ARG A . n 
A 1 65  ASP 65  85  85  ASP ASP A . n 
A 1 66  ASN 66  86  86  ASN ASN A . n 
A 1 67  HIS 67  87  87  HIS HIS A . n 
A 1 68  LEU 68  88  88  LEU LEU A . n 
A 1 69  GLN 69  89  89  GLN GLN A . n 
A 1 70  GLN 70  90  90  GLN GLN A . n 
A 1 71  ASP 71  91  91  ASP ASP A . n 
A 1 72  ASP 72  92  92  ASP ASP A . n 
A 1 73  PHE 73  93  93  PHE PHE A . n 
A 1 74  PHE 74  94  94  PHE PHE A . n 
A 1 75  LYS 75  95  95  LYS LYS A . n 
A 1 76  ALA 76  96  96  ALA ALA A . n 
A 1 77  LYS 77  97  97  LYS LYS A . n 
A 1 78  LYS 78  98  98  LYS LYS A . n 
A 1 79  TYR 79  99  99  TYR TYR A . n 
A 1 80  PRO 80  100 100 PRO PRO A . n 
A 1 81  ASP 81  101 101 ASP ASP A . n 
A 1 82  MET 82  102 102 MET MET A . n 
A 1 83  THR 83  103 103 THR THR A . n 
A 1 84  PHE 84  104 104 PHE PHE A . n 
A 1 85  THR 85  105 105 THR THR A . n 
A 1 86  MET 86  106 106 MET MET A . n 
A 1 87  LYS 87  107 107 LYS LYS A . n 
A 1 88  LYS 88  108 108 LYS LYS A . n 
A 1 89  TYR 89  109 109 TYR TYR A . n 
A 1 90  GLU 90  110 110 GLU GLU A . n 
A 1 91  LYS 91  111 111 LYS LYS A . n 
A 1 92  ILE 92  112 112 ILE ILE A . n 
A 1 93  ASP 93  113 113 ASP ASP A . n 
A 1 94  ASN 94  114 114 ASN ASN A . n 
A 1 95  GLU 95  115 115 GLU GLU A . n 
A 1 96  LYS 96  116 116 LYS LYS A . n 
A 1 97  GLY 97  117 117 GLY GLY A . n 
A 1 98  LYS 98  118 118 LYS LYS A . n 
A 1 99  MET 99  119 119 MET MET A . n 
A 1 100 THR 100 120 120 THR THR A . n 
A 1 101 GLY 101 121 121 GLY GLY A . n 
A 1 102 THR 102 122 122 THR THR A . n 
A 1 103 LEU 103 123 123 LEU LEU A . n 
A 1 104 THR 104 124 124 THR THR A . n 
A 1 105 ILE 105 125 125 ILE ILE A . n 
A 1 106 ALA 106 126 126 ALA ALA A . n 
A 1 107 GLY 107 127 127 GLY GLY A . n 
A 1 108 VAL 108 128 128 VAL VAL A . n 
A 1 109 SER 109 129 129 SER SER A . n 
A 1 110 LYS 110 130 130 LYS LYS A . n 
A 1 111 ASP 111 131 131 ASP ASP A . n 
A 1 112 ILE 112 132 132 ILE ILE A . n 
A 1 113 VAL 113 133 133 VAL VAL A . n 
A 1 114 LEU 114 134 134 LEU LEU A . n 
A 1 115 ASP 115 135 135 ASP ASP A . n 
A 1 116 ALA 116 136 136 ALA ALA A . n 
A 1 117 GLU 117 137 137 GLU GLU A . n 
A 1 118 ILE 118 138 138 ILE ILE A . n 
A 1 119 GLY 119 139 139 GLY GLY A . n 
A 1 120 GLY 120 140 140 GLY GLY A . n 
A 1 121 VAL 121 141 141 VAL VAL A . n 
A 1 122 ALA 122 142 142 ALA ALA A . n 
A 1 123 LYS 123 143 143 LYS LYS A . n 
A 1 124 GLY 124 144 144 GLY GLY A . n 
A 1 125 LYS 125 145 145 LYS LYS A . n 
A 1 126 ASP 126 146 146 ASP ASP A . n 
A 1 127 GLY 127 147 147 GLY GLY A . n 
A 1 128 LYS 128 148 148 LYS LYS A . n 
A 1 129 GLU 129 149 149 GLU GLU A . n 
A 1 130 LYS 130 150 150 LYS LYS A . n 
A 1 131 ILE 131 151 151 ILE ILE A . n 
A 1 132 GLY 132 152 152 GLY GLY A . n 
A 1 133 PHE 133 153 153 PHE PHE A . n 
A 1 134 SER 134 154 154 SER SER A . n 
A 1 135 LEU 135 155 155 LEU LEU A . n 
A 1 136 ASN 136 156 156 ASN ASN A . n 
A 1 137 GLY 137 157 157 GLY GLY A . n 
A 1 138 LYS 138 158 158 LYS LYS A . n 
A 1 139 ILE 139 159 159 ILE ILE A . n 
A 1 140 LYS 140 160 160 LYS LYS A . n 
A 1 141 ARG 141 161 161 ARG ARG A . n 
A 1 142 SER 142 162 162 SER SER A . n 
A 1 143 ASP 143 163 163 ASP ASP A . n 
A 1 144 PHE 144 164 164 PHE PHE A . n 
A 1 145 LYS 145 165 165 LYS LYS A . n 
A 1 146 PHE 146 166 166 PHE PHE A . n 
A 1 147 ALA 147 167 167 ALA ALA A . n 
A 1 148 THR 148 168 168 THR THR A . n 
A 1 149 SER 149 169 169 SER SER A . n 
A 1 150 THR 150 170 170 THR THR A . n 
A 1 151 SER 151 171 171 SER SER A . n 
A 1 152 THR 152 172 172 THR THR A . n 
A 1 153 ILE 153 173 173 ILE ILE A . n 
A 1 154 THR 154 174 174 THR THR A . n 
A 1 155 LEU 155 175 175 LEU LEU A . n 
A 1 156 SER 156 176 176 SER SER A . n 
A 1 157 ASP 157 177 177 ASP ASP A . n 
A 1 158 ASP 158 178 178 ASP ASP A . n 
A 1 159 ILE 159 179 179 ILE ILE A . n 
A 1 160 ASN 160 180 180 ASN ASN A . n 
A 1 161 LEU 161 181 181 LEU LEU A . n 
A 1 162 ASN 162 182 182 ASN ASN A . n 
A 1 163 ILE 163 183 183 ILE ILE A . n 
A 1 164 GLU 164 184 184 GLU GLU A . n 
A 1 165 VAL 165 185 185 VAL VAL A . n 
A 1 166 GLU 166 186 186 GLU GLU A . n 
A 1 167 ALA 167 187 187 ALA ALA A . n 
A 1 168 ASN 168 188 188 ASN ASN A . n 
A 1 169 GLU 169 189 189 GLU GLU A . n 
A 1 170 LYS 170 190 190 LYS LYS A . n 
A 1 171 GLU 171 191 191 GLU GLU A . n 
A 1 172 GLY 172 192 ?   ?   ?   A . n 
A 1 173 GLY 173 193 ?   ?   ?   A . n 
A 1 174 SER 174 194 ?   ?   ?   A . n 
A 1 175 HIS 175 195 ?   ?   ?   A . n 
A 1 176 HIS 176 196 ?   ?   ?   A . n 
A 1 177 HIS 177 197 ?   ?   ?   A . n 
A 1 178 HIS 178 198 ?   ?   ?   A . n 
A 1 179 HIS 179 199 ?   ?   ?   A . n 
A 1 180 HIS 180 200 ?   ?   ?   A . n 
# 
loop_
_pdbx_nonpoly_scheme.asym_id 
_pdbx_nonpoly_scheme.entity_id 
_pdbx_nonpoly_scheme.mon_id 
_pdbx_nonpoly_scheme.ndb_seq_num 
_pdbx_nonpoly_scheme.pdb_seq_num 
_pdbx_nonpoly_scheme.auth_seq_num 
_pdbx_nonpoly_scheme.pdb_mon_id 
_pdbx_nonpoly_scheme.auth_mon_id 
_pdbx_nonpoly_scheme.pdb_strand_id 
_pdbx_nonpoly_scheme.pdb_ins_code 
B 2 UNL 1  301 1  UNL LFA A . 
C 3 SO4 1  302 1  SO4 SO4 A . 
D 3 SO4 1  303 2  SO4 SO4 A . 
E 4 SEC 1  304 1  SEC SEC A . 
F 5 HOH 1  401 17 HOH HOH A . 
F 5 HOH 2  402 14 HOH HOH A . 
F 5 HOH 3  403 26 HOH HOH A . 
F 5 HOH 4  404 27 HOH HOH A . 
F 5 HOH 5  405 7  HOH HOH A . 
F 5 HOH 6  406 10 HOH HOH A . 
F 5 HOH 7  407 1  HOH HOH A . 
F 5 HOH 8  408 4  HOH HOH A . 
F 5 HOH 9  409 12 HOH HOH A . 
F 5 HOH 10 410 22 HOH HOH A . 
F 5 HOH 11 411 5  HOH HOH A . 
F 5 HOH 12 412 2  HOH HOH A . 
F 5 HOH 13 413 8  HOH HOH A . 
F 5 HOH 14 414 3  HOH HOH A . 
F 5 HOH 15 415 23 HOH HOH A . 
F 5 HOH 16 416 20 HOH HOH A . 
# 
_pdbx_struct_assembly.id                   1 
_pdbx_struct_assembly.details              author_and_software_defined_assembly 
_pdbx_struct_assembly.method_details       PISA 
_pdbx_struct_assembly.oligomeric_details   tetrameric 
_pdbx_struct_assembly.oligomeric_count     4 
# 
_pdbx_struct_assembly_gen.assembly_id       1 
_pdbx_struct_assembly_gen.oper_expression   1,2,3,4 
_pdbx_struct_assembly_gen.asym_id_list      A,B,C,D,E,F 
# 
loop_
_pdbx_struct_assembly_prop.biol_id 
_pdbx_struct_assembly_prop.type 
_pdbx_struct_assembly_prop.value 
_pdbx_struct_assembly_prop.details 
1 'ABSA (A^2)' 21780 ? 
1 MORE         -201  ? 
1 'SSA (A^2)'  32810 ? 
# 
loop_
_pdbx_struct_oper_list.id 
_pdbx_struct_oper_list.type 
_pdbx_struct_oper_list.name 
_pdbx_struct_oper_list.symmetry_operation 
_pdbx_struct_oper_list.matrix[1][1] 
_pdbx_struct_oper_list.matrix[1][2] 
_pdbx_struct_oper_list.matrix[1][3] 
_pdbx_struct_oper_list.vector[1] 
_pdbx_struct_oper_list.matrix[2][1] 
_pdbx_struct_oper_list.matrix[2][2] 
_pdbx_struct_oper_list.matrix[2][3] 
_pdbx_struct_oper_list.vector[2] 
_pdbx_struct_oper_list.matrix[3][1] 
_pdbx_struct_oper_list.matrix[3][2] 
_pdbx_struct_oper_list.matrix[3][3] 
_pdbx_struct_oper_list.vector[3] 
1 'identity operation'         1_555  x,y,z        1.0000000000  0.0000000000  0.0000000000  0.0000000000   0.0000000000  1.0000000000  0.0000000000  0.0000000000   0.0000000000  0.0000000000  1.0000000000  0.0000000000   
2 'crystal symmetry operation' 4_545  -x,-y-1,z    -0.9188577210 0.1096588295  0.3790454191  -41.0137198758 0.1096588295  -0.8518027959 0.5122567110  8.2754229706   0.3790454191  0.5122567110  0.7706605169  6.3857083709   
3 'crystal symmetry operation' 9_556  -x,-x+y,-z+1 -0.2642089268 0.8729523890  -0.4100582514 -31.8730622226 0.8729523890  0.0356824121  -0.4864986043 18.5184481153  -0.4100582514 -0.4864986043 -0.7714734853 -17.7686733805 
4 'crystal symmetry operation' 12_546 x,x-y-1,-z+1 0.1830666477  -0.9826112185 0.0310128323  -16.4313334650 -0.9826112185 -0.1838796161 -0.0257581067 -20.0959277901 0.0310128323  -0.0257581067 -0.9991870316 -9.9030455444 
# 
loop_
_pdbx_audit_revision_history.ordinal 
_pdbx_audit_revision_history.data_content_type 
_pdbx_audit_revision_history.major_revision 
_pdbx_audit_revision_history.minor_revision 
_pdbx_audit_revision_history.revision_date 
1 'Structure model' 1 0 2018-01-03 
2 'Structure model' 1 1 2018-01-24 
3 'Structure model' 1 2 2023-10-04 
# 
_pdbx_audit_revision_details.ordinal             1 
_pdbx_audit_revision_details.revision_ordinal    1 
_pdbx_audit_revision_details.data_content_type   'Structure model' 
_pdbx_audit_revision_details.provider            repository 
_pdbx_audit_revision_details.type                'Initial release' 
_pdbx_audit_revision_details.description         ? 
_pdbx_audit_revision_details.details             ? 
# 
loop_
_pdbx_audit_revision_group.ordinal 
_pdbx_audit_revision_group.revision_ordinal 
_pdbx_audit_revision_group.data_content_type 
_pdbx_audit_revision_group.group 
1 2 'Structure model' 'Database references'    
2 3 'Structure model' 'Data collection'        
3 3 'Structure model' 'Database references'    
4 3 'Structure model' 'Refinement description' 
# 
loop_
_pdbx_audit_revision_category.ordinal 
_pdbx_audit_revision_category.revision_ordinal 
_pdbx_audit_revision_category.data_content_type 
_pdbx_audit_revision_category.category 
1 2 'Structure model' citation                      
2 3 'Structure model' chem_comp_atom                
3 3 'Structure model' chem_comp_bond                
4 3 'Structure model' database_2                    
5 3 'Structure model' pdbx_initial_refinement_model 
# 
loop_
_pdbx_audit_revision_item.ordinal 
_pdbx_audit_revision_item.revision_ordinal 
_pdbx_audit_revision_item.data_content_type 
_pdbx_audit_revision_item.item 
1 2 'Structure model' '_citation.journal_volume'            
2 2 'Structure model' '_citation.page_first'                
3 2 'Structure model' '_citation.page_last'                 
4 2 'Structure model' '_citation.year'                      
5 3 'Structure model' '_database_2.pdbx_DOI'                
6 3 'Structure model' '_database_2.pdbx_database_accession' 
# 
loop_
_software.citation_id 
_software.classification 
_software.compiler_name 
_software.compiler_version 
_software.contact_author 
_software.contact_author_email 
_software.date 
_software.description 
_software.dependencies 
_software.hardware 
_software.language 
_software.location 
_software.mods 
_software.name 
_software.os 
_software.os_version 
_software.type 
_software.version 
_software.pdbx_ordinal 
? 'data scaling'    ? ? ? ? ? ? ? ? ? ? ? SCALA       ? ? ? 3.3.22   1 
? refinement        ? ? ? ? ? ? ? ? ? ? ? REFMAC      ? ? ? 5.8.0158 2 
? 'data extraction' ? ? ? ? ? ? ? ? ? ? ? PDB_EXTRACT ? ? ? 3.22     3 
? 'data reduction'  ? ? ? ? ? ? ? ? ? ? ? XDS         ? ? ? 20161101 4 
? phasing           ? ? ? ? ? ? ? ? ? ? ? REFMAC      ? ? ? 5.8.0158 5 
# 
loop_
_pdbx_validate_torsion.id 
_pdbx_validate_torsion.PDB_model_num 
_pdbx_validate_torsion.auth_comp_id 
_pdbx_validate_torsion.auth_asym_id 
_pdbx_validate_torsion.auth_seq_id 
_pdbx_validate_torsion.PDB_ins_code 
_pdbx_validate_torsion.label_alt_id 
_pdbx_validate_torsion.phi 
_pdbx_validate_torsion.psi 
1 1 ASN A 81  ? ? -166.43 109.62  
2 1 PHE A 93  ? ? -122.15 -113.24 
3 1 ILE A 112 ? ? -102.93 -62.14  
4 1 ALA A 126 ? ? 34.05   58.58   
# 
loop_
_pdbx_unobs_or_zero_occ_atoms.id 
_pdbx_unobs_or_zero_occ_atoms.PDB_model_num 
_pdbx_unobs_or_zero_occ_atoms.polymer_flag 
_pdbx_unobs_or_zero_occ_atoms.occupancy_flag 
_pdbx_unobs_or_zero_occ_atoms.auth_asym_id 
_pdbx_unobs_or_zero_occ_atoms.auth_comp_id 
_pdbx_unobs_or_zero_occ_atoms.auth_seq_id 
_pdbx_unobs_or_zero_occ_atoms.PDB_ins_code 
_pdbx_unobs_or_zero_occ_atoms.auth_atom_id 
_pdbx_unobs_or_zero_occ_atoms.label_alt_id 
_pdbx_unobs_or_zero_occ_atoms.label_asym_id 
_pdbx_unobs_or_zero_occ_atoms.label_comp_id 
_pdbx_unobs_or_zero_occ_atoms.label_seq_id 
_pdbx_unobs_or_zero_occ_atoms.label_atom_id 
1  1 Y 1 A LYS 46  ? CG  ? A LYS 26  CG  
2  1 Y 1 A LYS 46  ? CD  ? A LYS 26  CD  
3  1 Y 1 A LYS 46  ? CE  ? A LYS 26  CE  
4  1 Y 1 A LYS 46  ? NZ  ? A LYS 26  NZ  
5  1 Y 1 A LYS 50  ? CG  ? A LYS 30  CG  
6  1 Y 1 A LYS 50  ? CD  ? A LYS 30  CD  
7  1 Y 1 A LYS 50  ? CE  ? A LYS 30  CE  
8  1 Y 1 A LYS 50  ? NZ  ? A LYS 30  NZ  
9  1 Y 1 A GLN 82  ? CG  ? A GLN 62  CG  
10 1 Y 1 A GLN 82  ? CD  ? A GLN 62  CD  
11 1 Y 1 A GLN 82  ? OE1 ? A GLN 62  OE1 
12 1 Y 1 A GLN 82  ? NE2 ? A GLN 62  NE2 
13 1 Y 1 A LYS 97  ? CG  ? A LYS 77  CG  
14 1 Y 1 A LYS 97  ? CD  ? A LYS 77  CD  
15 1 Y 1 A LYS 97  ? CE  ? A LYS 77  CE  
16 1 Y 1 A LYS 97  ? NZ  ? A LYS 77  NZ  
17 1 Y 1 A LYS 158 ? CG  ? A LYS 138 CG  
18 1 Y 1 A LYS 158 ? CD  ? A LYS 138 CD  
19 1 Y 1 A LYS 158 ? CE  ? A LYS 138 CE  
20 1 Y 1 A LYS 158 ? NZ  ? A LYS 138 NZ  
21 1 Y 1 A GLU 186 ? CG  ? A GLU 166 CG  
22 1 Y 1 A GLU 186 ? CD  ? A GLU 166 CD  
23 1 Y 1 A GLU 186 ? OE1 ? A GLU 166 OE1 
24 1 Y 1 A GLU 186 ? OE2 ? A GLU 166 OE2 
25 1 Y 1 A GLU 191 ? CG  ? A GLU 171 CG  
26 1 Y 1 A GLU 191 ? CD  ? A GLU 171 CD  
27 1 Y 1 A GLU 191 ? OE1 ? A GLU 171 OE1 
28 1 Y 1 A GLU 191 ? OE2 ? A GLU 171 OE2 
# 
loop_
_pdbx_unobs_or_zero_occ_residues.id 
_pdbx_unobs_or_zero_occ_residues.PDB_model_num 
_pdbx_unobs_or_zero_occ_residues.polymer_flag 
_pdbx_unobs_or_zero_occ_residues.occupancy_flag 
_pdbx_unobs_or_zero_occ_residues.auth_asym_id 
_pdbx_unobs_or_zero_occ_residues.auth_comp_id 
_pdbx_unobs_or_zero_occ_residues.auth_seq_id 
_pdbx_unobs_or_zero_occ_residues.PDB_ins_code 
_pdbx_unobs_or_zero_occ_residues.label_asym_id 
_pdbx_unobs_or_zero_occ_residues.label_comp_id 
_pdbx_unobs_or_zero_occ_residues.label_seq_id 
1 1 Y 1 A GLY 192 ? A GLY 172 
2 1 Y 1 A GLY 193 ? A GLY 173 
3 1 Y 1 A SER 194 ? A SER 174 
4 1 Y 1 A HIS 195 ? A HIS 175 
5 1 Y 1 A HIS 196 ? A HIS 176 
6 1 Y 1 A HIS 197 ? A HIS 177 
7 1 Y 1 A HIS 198 ? A HIS 178 
8 1 Y 1 A HIS 199 ? A HIS 179 
9 1 Y 1 A HIS 200 ? A HIS 180 
# 
loop_
_chem_comp_atom.comp_id 
_chem_comp_atom.atom_id 
_chem_comp_atom.type_symbol 
_chem_comp_atom.pdbx_aromatic_flag 
_chem_comp_atom.pdbx_stereo_config 
_chem_comp_atom.pdbx_ordinal 
ALA N    N  N N 1   
ALA CA   C  N S 2   
ALA C    C  N N 3   
ALA O    O  N N 4   
ALA CB   C  N N 5   
ALA OXT  O  N N 6   
ALA H    H  N N 7   
ALA H2   H  N N 8   
ALA HA   H  N N 9   
ALA HB1  H  N N 10  
ALA HB2  H  N N 11  
ALA HB3  H  N N 12  
ALA HXT  H  N N 13  
ARG N    N  N N 14  
ARG CA   C  N S 15  
ARG C    C  N N 16  
ARG O    O  N N 17  
ARG CB   C  N N 18  
ARG CG   C  N N 19  
ARG CD   C  N N 20  
ARG NE   N  N N 21  
ARG CZ   C  N N 22  
ARG NH1  N  N N 23  
ARG NH2  N  N N 24  
ARG OXT  O  N N 25  
ARG H    H  N N 26  
ARG H2   H  N N 27  
ARG HA   H  N N 28  
ARG HB2  H  N N 29  
ARG HB3  H  N N 30  
ARG HG2  H  N N 31  
ARG HG3  H  N N 32  
ARG HD2  H  N N 33  
ARG HD3  H  N N 34  
ARG HE   H  N N 35  
ARG HH11 H  N N 36  
ARG HH12 H  N N 37  
ARG HH21 H  N N 38  
ARG HH22 H  N N 39  
ARG HXT  H  N N 40  
ASN N    N  N N 41  
ASN CA   C  N S 42  
ASN C    C  N N 43  
ASN O    O  N N 44  
ASN CB   C  N N 45  
ASN CG   C  N N 46  
ASN OD1  O  N N 47  
ASN ND2  N  N N 48  
ASN OXT  O  N N 49  
ASN H    H  N N 50  
ASN H2   H  N N 51  
ASN HA   H  N N 52  
ASN HB2  H  N N 53  
ASN HB3  H  N N 54  
ASN HD21 H  N N 55  
ASN HD22 H  N N 56  
ASN HXT  H  N N 57  
ASP N    N  N N 58  
ASP CA   C  N S 59  
ASP C    C  N N 60  
ASP O    O  N N 61  
ASP CB   C  N N 62  
ASP CG   C  N N 63  
ASP OD1  O  N N 64  
ASP OD2  O  N N 65  
ASP OXT  O  N N 66  
ASP H    H  N N 67  
ASP H2   H  N N 68  
ASP HA   H  N N 69  
ASP HB2  H  N N 70  
ASP HB3  H  N N 71  
ASP HD2  H  N N 72  
ASP HXT  H  N N 73  
CYS N    N  N N 74  
CYS CA   C  N R 75  
CYS C    C  N N 76  
CYS O    O  N N 77  
CYS CB   C  N N 78  
CYS SG   S  N N 79  
CYS OXT  O  N N 80  
CYS H    H  N N 81  
CYS H2   H  N N 82  
CYS HA   H  N N 83  
CYS HB2  H  N N 84  
CYS HB3  H  N N 85  
CYS HG   H  N N 86  
CYS HXT  H  N N 87  
GLN N    N  N N 88  
GLN CA   C  N S 89  
GLN C    C  N N 90  
GLN O    O  N N 91  
GLN CB   C  N N 92  
GLN CG   C  N N 93  
GLN CD   C  N N 94  
GLN OE1  O  N N 95  
GLN NE2  N  N N 96  
GLN OXT  O  N N 97  
GLN H    H  N N 98  
GLN H2   H  N N 99  
GLN HA   H  N N 100 
GLN HB2  H  N N 101 
GLN HB3  H  N N 102 
GLN HG2  H  N N 103 
GLN HG3  H  N N 104 
GLN HE21 H  N N 105 
GLN HE22 H  N N 106 
GLN HXT  H  N N 107 
GLU N    N  N N 108 
GLU CA   C  N S 109 
GLU C    C  N N 110 
GLU O    O  N N 111 
GLU CB   C  N N 112 
GLU CG   C  N N 113 
GLU CD   C  N N 114 
GLU OE1  O  N N 115 
GLU OE2  O  N N 116 
GLU OXT  O  N N 117 
GLU H    H  N N 118 
GLU H2   H  N N 119 
GLU HA   H  N N 120 
GLU HB2  H  N N 121 
GLU HB3  H  N N 122 
GLU HG2  H  N N 123 
GLU HG3  H  N N 124 
GLU HE2  H  N N 125 
GLU HXT  H  N N 126 
GLY N    N  N N 127 
GLY CA   C  N N 128 
GLY C    C  N N 129 
GLY O    O  N N 130 
GLY OXT  O  N N 131 
GLY H    H  N N 132 
GLY H2   H  N N 133 
GLY HA2  H  N N 134 
GLY HA3  H  N N 135 
GLY HXT  H  N N 136 
HIS N    N  N N 137 
HIS CA   C  N S 138 
HIS C    C  N N 139 
HIS O    O  N N 140 
HIS CB   C  N N 141 
HIS CG   C  Y N 142 
HIS ND1  N  Y N 143 
HIS CD2  C  Y N 144 
HIS CE1  C  Y N 145 
HIS NE2  N  Y N 146 
HIS OXT  O  N N 147 
HIS H    H  N N 148 
HIS H2   H  N N 149 
HIS HA   H  N N 150 
HIS HB2  H  N N 151 
HIS HB3  H  N N 152 
HIS HD1  H  N N 153 
HIS HD2  H  N N 154 
HIS HE1  H  N N 155 
HIS HE2  H  N N 156 
HIS HXT  H  N N 157 
HOH O    O  N N 158 
HOH H1   H  N N 159 
HOH H2   H  N N 160 
ILE N    N  N N 161 
ILE CA   C  N S 162 
ILE C    C  N N 163 
ILE O    O  N N 164 
ILE CB   C  N S 165 
ILE CG1  C  N N 166 
ILE CG2  C  N N 167 
ILE CD1  C  N N 168 
ILE OXT  O  N N 169 
ILE H    H  N N 170 
ILE H2   H  N N 171 
ILE HA   H  N N 172 
ILE HB   H  N N 173 
ILE HG12 H  N N 174 
ILE HG13 H  N N 175 
ILE HG21 H  N N 176 
ILE HG22 H  N N 177 
ILE HG23 H  N N 178 
ILE HD11 H  N N 179 
ILE HD12 H  N N 180 
ILE HD13 H  N N 181 
ILE HXT  H  N N 182 
LEU N    N  N N 183 
LEU CA   C  N S 184 
LEU C    C  N N 185 
LEU O    O  N N 186 
LEU CB   C  N N 187 
LEU CG   C  N N 188 
LEU CD1  C  N N 189 
LEU CD2  C  N N 190 
LEU OXT  O  N N 191 
LEU H    H  N N 192 
LEU H2   H  N N 193 
LEU HA   H  N N 194 
LEU HB2  H  N N 195 
LEU HB3  H  N N 196 
LEU HG   H  N N 197 
LEU HD11 H  N N 198 
LEU HD12 H  N N 199 
LEU HD13 H  N N 200 
LEU HD21 H  N N 201 
LEU HD22 H  N N 202 
LEU HD23 H  N N 203 
LEU HXT  H  N N 204 
LYS N    N  N N 205 
LYS CA   C  N S 206 
LYS C    C  N N 207 
LYS O    O  N N 208 
LYS CB   C  N N 209 
LYS CG   C  N N 210 
LYS CD   C  N N 211 
LYS CE   C  N N 212 
LYS NZ   N  N N 213 
LYS OXT  O  N N 214 
LYS H    H  N N 215 
LYS H2   H  N N 216 
LYS HA   H  N N 217 
LYS HB2  H  N N 218 
LYS HB3  H  N N 219 
LYS HG2  H  N N 220 
LYS HG3  H  N N 221 
LYS HD2  H  N N 222 
LYS HD3  H  N N 223 
LYS HE2  H  N N 224 
LYS HE3  H  N N 225 
LYS HZ1  H  N N 226 
LYS HZ2  H  N N 227 
LYS HZ3  H  N N 228 
LYS HXT  H  N N 229 
MET N    N  N N 230 
MET CA   C  N S 231 
MET C    C  N N 232 
MET O    O  N N 233 
MET CB   C  N N 234 
MET CG   C  N N 235 
MET SD   S  N N 236 
MET CE   C  N N 237 
MET OXT  O  N N 238 
MET H    H  N N 239 
MET H2   H  N N 240 
MET HA   H  N N 241 
MET HB2  H  N N 242 
MET HB3  H  N N 243 
MET HG2  H  N N 244 
MET HG3  H  N N 245 
MET HE1  H  N N 246 
MET HE2  H  N N 247 
MET HE3  H  N N 248 
MET HXT  H  N N 249 
PHE N    N  N N 250 
PHE CA   C  N S 251 
PHE C    C  N N 252 
PHE O    O  N N 253 
PHE CB   C  N N 254 
PHE CG   C  Y N 255 
PHE CD1  C  Y N 256 
PHE CD2  C  Y N 257 
PHE CE1  C  Y N 258 
PHE CE2  C  Y N 259 
PHE CZ   C  Y N 260 
PHE OXT  O  N N 261 
PHE H    H  N N 262 
PHE H2   H  N N 263 
PHE HA   H  N N 264 
PHE HB2  H  N N 265 
PHE HB3  H  N N 266 
PHE HD1  H  N N 267 
PHE HD2  H  N N 268 
PHE HE1  H  N N 269 
PHE HE2  H  N N 270 
PHE HZ   H  N N 271 
PHE HXT  H  N N 272 
PRO N    N  N N 273 
PRO CA   C  N S 274 
PRO C    C  N N 275 
PRO O    O  N N 276 
PRO CB   C  N N 277 
PRO CG   C  N N 278 
PRO CD   C  N N 279 
PRO OXT  O  N N 280 
PRO H    H  N N 281 
PRO HA   H  N N 282 
PRO HB2  H  N N 283 
PRO HB3  H  N N 284 
PRO HG2  H  N N 285 
PRO HG3  H  N N 286 
PRO HD2  H  N N 287 
PRO HD3  H  N N 288 
PRO HXT  H  N N 289 
SEC N    N  N N 290 
SEC CA   C  N R 291 
SEC CB   C  N N 292 
SEC SE   SE N N 293 
SEC C    C  N N 294 
SEC O    O  N N 295 
SEC OXT  O  N N 296 
SEC H    H  N N 297 
SEC H2   H  N N 298 
SEC HA   H  N N 299 
SEC HB2  H  N N 300 
SEC HB3  H  N N 301 
SEC HE   H  N N 302 
SEC HXT  H  N N 303 
SER N    N  N N 304 
SER CA   C  N S 305 
SER C    C  N N 306 
SER O    O  N N 307 
SER CB   C  N N 308 
SER OG   O  N N 309 
SER OXT  O  N N 310 
SER H    H  N N 311 
SER H2   H  N N 312 
SER HA   H  N N 313 
SER HB2  H  N N 314 
SER HB3  H  N N 315 
SER HG   H  N N 316 
SER HXT  H  N N 317 
SO4 S    S  N N 318 
SO4 O1   O  N N 319 
SO4 O2   O  N N 320 
SO4 O3   O  N N 321 
SO4 O4   O  N N 322 
THR N    N  N N 323 
THR CA   C  N S 324 
THR C    C  N N 325 
THR O    O  N N 326 
THR CB   C  N R 327 
THR OG1  O  N N 328 
THR CG2  C  N N 329 
THR OXT  O  N N 330 
THR H    H  N N 331 
THR H2   H  N N 332 
THR HA   H  N N 333 
THR HB   H  N N 334 
THR HG1  H  N N 335 
THR HG21 H  N N 336 
THR HG22 H  N N 337 
THR HG23 H  N N 338 
THR HXT  H  N N 339 
TYR N    N  N N 340 
TYR CA   C  N S 341 
TYR C    C  N N 342 
TYR O    O  N N 343 
TYR CB   C  N N 344 
TYR CG   C  Y N 345 
TYR CD1  C  Y N 346 
TYR CD2  C  Y N 347 
TYR CE1  C  Y N 348 
TYR CE2  C  Y N 349 
TYR CZ   C  Y N 350 
TYR OH   O  N N 351 
TYR OXT  O  N N 352 
TYR H    H  N N 353 
TYR H2   H  N N 354 
TYR HA   H  N N 355 
TYR HB2  H  N N 356 
TYR HB3  H  N N 357 
TYR HD1  H  N N 358 
TYR HD2  H  N N 359 
TYR HE1  H  N N 360 
TYR HE2  H  N N 361 
TYR HH   H  N N 362 
TYR HXT  H  N N 363 
VAL N    N  N N 364 
VAL CA   C  N S 365 
VAL C    C  N N 366 
VAL O    O  N N 367 
VAL CB   C  N N 368 
VAL CG1  C  N N 369 
VAL CG2  C  N N 370 
VAL OXT  O  N N 371 
VAL H    H  N N 372 
VAL H2   H  N N 373 
VAL HA   H  N N 374 
VAL HB   H  N N 375 
VAL HG11 H  N N 376 
VAL HG12 H  N N 377 
VAL HG13 H  N N 378 
VAL HG21 H  N N 379 
VAL HG22 H  N N 380 
VAL HG23 H  N N 381 
VAL HXT  H  N N 382 
# 
loop_
_chem_comp_bond.comp_id 
_chem_comp_bond.atom_id_1 
_chem_comp_bond.atom_id_2 
_chem_comp_bond.value_order 
_chem_comp_bond.pdbx_aromatic_flag 
_chem_comp_bond.pdbx_stereo_config 
_chem_comp_bond.pdbx_ordinal 
ALA N   CA   sing N N 1   
ALA N   H    sing N N 2   
ALA N   H2   sing N N 3   
ALA CA  C    sing N N 4   
ALA CA  CB   sing N N 5   
ALA CA  HA   sing N N 6   
ALA C   O    doub N N 7   
ALA C   OXT  sing N N 8   
ALA CB  HB1  sing N N 9   
ALA CB  HB2  sing N N 10  
ALA CB  HB3  sing N N 11  
ALA OXT HXT  sing N N 12  
ARG N   CA   sing N N 13  
ARG N   H    sing N N 14  
ARG N   H2   sing N N 15  
ARG CA  C    sing N N 16  
ARG CA  CB   sing N N 17  
ARG CA  HA   sing N N 18  
ARG C   O    doub N N 19  
ARG C   OXT  sing N N 20  
ARG CB  CG   sing N N 21  
ARG CB  HB2  sing N N 22  
ARG CB  HB3  sing N N 23  
ARG CG  CD   sing N N 24  
ARG CG  HG2  sing N N 25  
ARG CG  HG3  sing N N 26  
ARG CD  NE   sing N N 27  
ARG CD  HD2  sing N N 28  
ARG CD  HD3  sing N N 29  
ARG NE  CZ   sing N N 30  
ARG NE  HE   sing N N 31  
ARG CZ  NH1  sing N N 32  
ARG CZ  NH2  doub N N 33  
ARG NH1 HH11 sing N N 34  
ARG NH1 HH12 sing N N 35  
ARG NH2 HH21 sing N N 36  
ARG NH2 HH22 sing N N 37  
ARG OXT HXT  sing N N 38  
ASN N   CA   sing N N 39  
ASN N   H    sing N N 40  
ASN N   H2   sing N N 41  
ASN CA  C    sing N N 42  
ASN CA  CB   sing N N 43  
ASN CA  HA   sing N N 44  
ASN C   O    doub N N 45  
ASN C   OXT  sing N N 46  
ASN CB  CG   sing N N 47  
ASN CB  HB2  sing N N 48  
ASN CB  HB3  sing N N 49  
ASN CG  OD1  doub N N 50  
ASN CG  ND2  sing N N 51  
ASN ND2 HD21 sing N N 52  
ASN ND2 HD22 sing N N 53  
ASN OXT HXT  sing N N 54  
ASP N   CA   sing N N 55  
ASP N   H    sing N N 56  
ASP N   H2   sing N N 57  
ASP CA  C    sing N N 58  
ASP CA  CB   sing N N 59  
ASP CA  HA   sing N N 60  
ASP C   O    doub N N 61  
ASP C   OXT  sing N N 62  
ASP CB  CG   sing N N 63  
ASP CB  HB2  sing N N 64  
ASP CB  HB3  sing N N 65  
ASP CG  OD1  doub N N 66  
ASP CG  OD2  sing N N 67  
ASP OD2 HD2  sing N N 68  
ASP OXT HXT  sing N N 69  
CYS N   CA   sing N N 70  
CYS N   H    sing N N 71  
CYS N   H2   sing N N 72  
CYS CA  C    sing N N 73  
CYS CA  CB   sing N N 74  
CYS CA  HA   sing N N 75  
CYS C   O    doub N N 76  
CYS C   OXT  sing N N 77  
CYS CB  SG   sing N N 78  
CYS CB  HB2  sing N N 79  
CYS CB  HB3  sing N N 80  
CYS SG  HG   sing N N 81  
CYS OXT HXT  sing N N 82  
GLN N   CA   sing N N 83  
GLN N   H    sing N N 84  
GLN N   H2   sing N N 85  
GLN CA  C    sing N N 86  
GLN CA  CB   sing N N 87  
GLN CA  HA   sing N N 88  
GLN C   O    doub N N 89  
GLN C   OXT  sing N N 90  
GLN CB  CG   sing N N 91  
GLN CB  HB2  sing N N 92  
GLN CB  HB3  sing N N 93  
GLN CG  CD   sing N N 94  
GLN CG  HG2  sing N N 95  
GLN CG  HG3  sing N N 96  
GLN CD  OE1  doub N N 97  
GLN CD  NE2  sing N N 98  
GLN NE2 HE21 sing N N 99  
GLN NE2 HE22 sing N N 100 
GLN OXT HXT  sing N N 101 
GLU N   CA   sing N N 102 
GLU N   H    sing N N 103 
GLU N   H2   sing N N 104 
GLU CA  C    sing N N 105 
GLU CA  CB   sing N N 106 
GLU CA  HA   sing N N 107 
GLU C   O    doub N N 108 
GLU C   OXT  sing N N 109 
GLU CB  CG   sing N N 110 
GLU CB  HB2  sing N N 111 
GLU CB  HB3  sing N N 112 
GLU CG  CD   sing N N 113 
GLU CG  HG2  sing N N 114 
GLU CG  HG3  sing N N 115 
GLU CD  OE1  doub N N 116 
GLU CD  OE2  sing N N 117 
GLU OE2 HE2  sing N N 118 
GLU OXT HXT  sing N N 119 
GLY N   CA   sing N N 120 
GLY N   H    sing N N 121 
GLY N   H2   sing N N 122 
GLY CA  C    sing N N 123 
GLY CA  HA2  sing N N 124 
GLY CA  HA3  sing N N 125 
GLY C   O    doub N N 126 
GLY C   OXT  sing N N 127 
GLY OXT HXT  sing N N 128 
HIS N   CA   sing N N 129 
HIS N   H    sing N N 130 
HIS N   H2   sing N N 131 
HIS CA  C    sing N N 132 
HIS CA  CB   sing N N 133 
HIS CA  HA   sing N N 134 
HIS C   O    doub N N 135 
HIS C   OXT  sing N N 136 
HIS CB  CG   sing N N 137 
HIS CB  HB2  sing N N 138 
HIS CB  HB3  sing N N 139 
HIS CG  ND1  sing Y N 140 
HIS CG  CD2  doub Y N 141 
HIS ND1 CE1  doub Y N 142 
HIS ND1 HD1  sing N N 143 
HIS CD2 NE2  sing Y N 144 
HIS CD2 HD2  sing N N 145 
HIS CE1 NE2  sing Y N 146 
HIS CE1 HE1  sing N N 147 
HIS NE2 HE2  sing N N 148 
HIS OXT HXT  sing N N 149 
HOH O   H1   sing N N 150 
HOH O   H2   sing N N 151 
ILE N   CA   sing N N 152 
ILE N   H    sing N N 153 
ILE N   H2   sing N N 154 
ILE CA  C    sing N N 155 
ILE CA  CB   sing N N 156 
ILE CA  HA   sing N N 157 
ILE C   O    doub N N 158 
ILE C   OXT  sing N N 159 
ILE CB  CG1  sing N N 160 
ILE CB  CG2  sing N N 161 
ILE CB  HB   sing N N 162 
ILE CG1 CD1  sing N N 163 
ILE CG1 HG12 sing N N 164 
ILE CG1 HG13 sing N N 165 
ILE CG2 HG21 sing N N 166 
ILE CG2 HG22 sing N N 167 
ILE CG2 HG23 sing N N 168 
ILE CD1 HD11 sing N N 169 
ILE CD1 HD12 sing N N 170 
ILE CD1 HD13 sing N N 171 
ILE OXT HXT  sing N N 172 
LEU N   CA   sing N N 173 
LEU N   H    sing N N 174 
LEU N   H2   sing N N 175 
LEU CA  C    sing N N 176 
LEU CA  CB   sing N N 177 
LEU CA  HA   sing N N 178 
LEU C   O    doub N N 179 
LEU C   OXT  sing N N 180 
LEU CB  CG   sing N N 181 
LEU CB  HB2  sing N N 182 
LEU CB  HB3  sing N N 183 
LEU CG  CD1  sing N N 184 
LEU CG  CD2  sing N N 185 
LEU CG  HG   sing N N 186 
LEU CD1 HD11 sing N N 187 
LEU CD1 HD12 sing N N 188 
LEU CD1 HD13 sing N N 189 
LEU CD2 HD21 sing N N 190 
LEU CD2 HD22 sing N N 191 
LEU CD2 HD23 sing N N 192 
LEU OXT HXT  sing N N 193 
LYS N   CA   sing N N 194 
LYS N   H    sing N N 195 
LYS N   H2   sing N N 196 
LYS CA  C    sing N N 197 
LYS CA  CB   sing N N 198 
LYS CA  HA   sing N N 199 
LYS C   O    doub N N 200 
LYS C   OXT  sing N N 201 
LYS CB  CG   sing N N 202 
LYS CB  HB2  sing N N 203 
LYS CB  HB3  sing N N 204 
LYS CG  CD   sing N N 205 
LYS CG  HG2  sing N N 206 
LYS CG  HG3  sing N N 207 
LYS CD  CE   sing N N 208 
LYS CD  HD2  sing N N 209 
LYS CD  HD3  sing N N 210 
LYS CE  NZ   sing N N 211 
LYS CE  HE2  sing N N 212 
LYS CE  HE3  sing N N 213 
LYS NZ  HZ1  sing N N 214 
LYS NZ  HZ2  sing N N 215 
LYS NZ  HZ3  sing N N 216 
LYS OXT HXT  sing N N 217 
MET N   CA   sing N N 218 
MET N   H    sing N N 219 
MET N   H2   sing N N 220 
MET CA  C    sing N N 221 
MET CA  CB   sing N N 222 
MET CA  HA   sing N N 223 
MET C   O    doub N N 224 
MET C   OXT  sing N N 225 
MET CB  CG   sing N N 226 
MET CB  HB2  sing N N 227 
MET CB  HB3  sing N N 228 
MET CG  SD   sing N N 229 
MET CG  HG2  sing N N 230 
MET CG  HG3  sing N N 231 
MET SD  CE   sing N N 232 
MET CE  HE1  sing N N 233 
MET CE  HE2  sing N N 234 
MET CE  HE3  sing N N 235 
MET OXT HXT  sing N N 236 
PHE N   CA   sing N N 237 
PHE N   H    sing N N 238 
PHE N   H2   sing N N 239 
PHE CA  C    sing N N 240 
PHE CA  CB   sing N N 241 
PHE CA  HA   sing N N 242 
PHE C   O    doub N N 243 
PHE C   OXT  sing N N 244 
PHE CB  CG   sing N N 245 
PHE CB  HB2  sing N N 246 
PHE CB  HB3  sing N N 247 
PHE CG  CD1  doub Y N 248 
PHE CG  CD2  sing Y N 249 
PHE CD1 CE1  sing Y N 250 
PHE CD1 HD1  sing N N 251 
PHE CD2 CE2  doub Y N 252 
PHE CD2 HD2  sing N N 253 
PHE CE1 CZ   doub Y N 254 
PHE CE1 HE1  sing N N 255 
PHE CE2 CZ   sing Y N 256 
PHE CE2 HE2  sing N N 257 
PHE CZ  HZ   sing N N 258 
PHE OXT HXT  sing N N 259 
PRO N   CA   sing N N 260 
PRO N   CD   sing N N 261 
PRO N   H    sing N N 262 
PRO CA  C    sing N N 263 
PRO CA  CB   sing N N 264 
PRO CA  HA   sing N N 265 
PRO C   O    doub N N 266 
PRO C   OXT  sing N N 267 
PRO CB  CG   sing N N 268 
PRO CB  HB2  sing N N 269 
PRO CB  HB3  sing N N 270 
PRO CG  CD   sing N N 271 
PRO CG  HG2  sing N N 272 
PRO CG  HG3  sing N N 273 
PRO CD  HD2  sing N N 274 
PRO CD  HD3  sing N N 275 
PRO OXT HXT  sing N N 276 
SEC N   CA   sing N N 277 
SEC N   H    sing N N 278 
SEC N   H2   sing N N 279 
SEC CA  CB   sing N N 280 
SEC CA  C    sing N N 281 
SEC CA  HA   sing N N 282 
SEC CB  SE   sing N N 283 
SEC CB  HB2  sing N N 284 
SEC CB  HB3  sing N N 285 
SEC SE  HE   sing N N 286 
SEC C   O    doub N N 287 
SEC C   OXT  sing N N 288 
SEC OXT HXT  sing N N 289 
SER N   CA   sing N N 290 
SER N   H    sing N N 291 
SER N   H2   sing N N 292 
SER CA  C    sing N N 293 
SER CA  CB   sing N N 294 
SER CA  HA   sing N N 295 
SER C   O    doub N N 296 
SER C   OXT  sing N N 297 
SER CB  OG   sing N N 298 
SER CB  HB2  sing N N 299 
SER CB  HB3  sing N N 300 
SER OG  HG   sing N N 301 
SER OXT HXT  sing N N 302 
SO4 S   O1   doub N N 303 
SO4 S   O2   doub N N 304 
SO4 S   O3   sing N N 305 
SO4 S   O4   sing N N 306 
THR N   CA   sing N N 307 
THR N   H    sing N N 308 
THR N   H2   sing N N 309 
THR CA  C    sing N N 310 
THR CA  CB   sing N N 311 
THR CA  HA   sing N N 312 
THR C   O    doub N N 313 
THR C   OXT  sing N N 314 
THR CB  OG1  sing N N 315 
THR CB  CG2  sing N N 316 
THR CB  HB   sing N N 317 
THR OG1 HG1  sing N N 318 
THR CG2 HG21 sing N N 319 
THR CG2 HG22 sing N N 320 
THR CG2 HG23 sing N N 321 
THR OXT HXT  sing N N 322 
TYR N   CA   sing N N 323 
TYR N   H    sing N N 324 
TYR N   H2   sing N N 325 
TYR CA  C    sing N N 326 
TYR CA  CB   sing N N 327 
TYR CA  HA   sing N N 328 
TYR C   O    doub N N 329 
TYR C   OXT  sing N N 330 
TYR CB  CG   sing N N 331 
TYR CB  HB2  sing N N 332 
TYR CB  HB3  sing N N 333 
TYR CG  CD1  doub Y N 334 
TYR CG  CD2  sing Y N 335 
TYR CD1 CE1  sing Y N 336 
TYR CD1 HD1  sing N N 337 
TYR CD2 CE2  doub Y N 338 
TYR CD2 HD2  sing N N 339 
TYR CE1 CZ   doub Y N 340 
TYR CE1 HE1  sing N N 341 
TYR CE2 CZ   sing Y N 342 
TYR CE2 HE2  sing N N 343 
TYR CZ  OH   sing N N 344 
TYR OH  HH   sing N N 345 
TYR OXT HXT  sing N N 346 
VAL N   CA   sing N N 347 
VAL N   H    sing N N 348 
VAL N   H2   sing N N 349 
VAL CA  C    sing N N 350 
VAL CA  CB   sing N N 351 
VAL CA  HA   sing N N 352 
VAL C   O    doub N N 353 
VAL C   OXT  sing N N 354 
VAL CB  CG1  sing N N 355 
VAL CB  CG2  sing N N 356 
VAL CB  HB   sing N N 357 
VAL CG1 HG11 sing N N 358 
VAL CG1 HG12 sing N N 359 
VAL CG1 HG13 sing N N 360 
VAL CG2 HG21 sing N N 361 
VAL CG2 HG22 sing N N 362 
VAL CG2 HG23 sing N N 363 
VAL OXT HXT  sing N N 364 
# 
loop_
_pdbx_entity_nonpoly.entity_id 
_pdbx_entity_nonpoly.name 
_pdbx_entity_nonpoly.comp_id 
2 'UNKNOWN LIGAND' UNL 
3 'SULFATE ION'    SO4 
4 SELENOCYSTEINE   SEC 
5 water            HOH 
# 
_pdbx_initial_refinement_model.id               1 
_pdbx_initial_refinement_model.entity_id_list   ? 
_pdbx_initial_refinement_model.type             'experimental model' 
_pdbx_initial_refinement_model.source_name      PDB 
_pdbx_initial_refinement_model.accession_code   5W2X 
_pdbx_initial_refinement_model.details          ? 
# 
_pdbx_struct_assembly_auth_evidence.id                     1 
_pdbx_struct_assembly_auth_evidence.assembly_id            1 
_pdbx_struct_assembly_auth_evidence.experimental_support   none 
_pdbx_struct_assembly_auth_evidence.details                . 
# 
